data_7F3H
#
_entry.id   7F3H
#
_cell.length_a   426.301
_cell.length_b   62.799
_cell.length_c   95.188
_cell.angle_alpha   90.000
_cell.angle_beta   90.000
_cell.angle_gamma   90.000
#
_symmetry.space_group_name_H-M   'P 21 21 2'
#
loop_
_entity.id
_entity.type
_entity.pdbx_description
1 polymer 'Bifunctional cytochrome P450/NADPH--P450 reductase'
2 non-polymer 'PROTOPORPHYRIN IX CONTAINING FE'
3 non-polymer 'SULFATE ION'
4 non-polymer SERINE
5 water water
#
_entity_poly.entity_id   1
_entity_poly.type   'polypeptide(L)'
_entity_poly.pdbx_seq_one_letter_code
;MTRILAPIPSPPKHPQYGHLHYLAGDAPVLNFFQLARQIPEGLFQLDIQGRTLIQAYDPNLVAELTDERRFQKRVHPAYT
NIRNLGGDGLFTSDSFEPNWGKAHRILLPAFSQRAMKGYFGQMLEVAQALVGKWERTQGQDVRVADDMTRLTLDTISLSG
FDYRFRSFDKDELHPFLQALARAMHHTMTMNSRPPVLTPEMEEADRAYWADIASMNELVDEVIRERRGHGGGGGDLLGLM
LNATDPETGERLSDENIRYQVMTFLIAGHETTSGLLAFTLYLLLRHPHVLAQAYAEVDRLLPGDAVPTYDTVMRLDVIPR
ILDEALRFWSTIPNYAVTALQDEVIGGKYEIRKGQQVALLIPALHRHPAAWTNPDEFDIDRWTSENRRTHHPAAYKPFGN
GMRACIGRQFALTEAKLALLLILQKFALSDPYDYHLKVKQSLTIKPEDFALRVRERRPHERFSVPVPVVEEPQQDLSRVS
VAGTGVALTVAYGLEHHHHHH
;
_entity_poly.pdbx_strand_id   A,B,C,D
#
# COMPACT_ATOMS: atom_id res chain seq x y z
N ARG A 3 -37.65 -28.07 -30.20
CA ARG A 3 -38.55 -27.65 -31.26
C ARG A 3 -38.27 -26.19 -31.60
N ILE A 4 -39.16 -25.29 -31.15
CA ILE A 4 -39.13 -23.84 -31.35
C ILE A 4 -38.28 -23.15 -30.29
N LEU A 5 -36.98 -23.00 -30.56
CA LEU A 5 -36.09 -22.43 -29.55
C LEU A 5 -36.11 -20.91 -29.57
N ALA A 6 -35.73 -20.33 -28.43
CA ALA A 6 -35.55 -18.92 -28.11
C ALA A 6 -34.08 -18.58 -27.89
N PRO A 7 -33.61 -17.45 -28.42
CA PRO A 7 -32.22 -17.02 -28.12
C PRO A 7 -32.09 -16.65 -26.65
N ILE A 8 -30.99 -17.07 -26.05
CA ILE A 8 -30.73 -16.68 -24.66
C ILE A 8 -30.60 -15.16 -24.59
N PRO A 9 -31.31 -14.49 -23.69
CA PRO A 9 -31.21 -13.02 -23.65
C PRO A 9 -29.77 -12.57 -23.46
N SER A 10 -29.45 -11.41 -24.07
CA SER A 10 -28.14 -10.82 -24.01
C SER A 10 -28.23 -9.29 -23.97
N PRO A 11 -27.46 -8.62 -23.11
CA PRO A 11 -27.52 -7.15 -23.01
C PRO A 11 -26.94 -6.51 -24.27
N PRO A 12 -27.32 -5.27 -24.57
CA PRO A 12 -27.01 -4.70 -25.89
C PRO A 12 -25.51 -4.50 -26.25
N LYS A 13 -24.53 -4.54 -25.32
CA LYS A 13 -23.08 -4.43 -25.61
C LYS A 13 -22.63 -2.98 -25.88
N HIS A 14 -21.39 -2.63 -25.50
CA HIS A 14 -20.74 -1.30 -25.47
C HIS A 14 -19.80 -1.09 -26.65
N PRO A 15 -19.82 0.11 -27.26
CA PRO A 15 -19.05 0.33 -28.51
C PRO A 15 -17.56 0.16 -28.35
N GLN A 16 -16.99 0.53 -27.19
CA GLN A 16 -15.57 0.29 -26.99
C GLN A 16 -15.29 -1.05 -26.30
N TYR A 17 -16.08 -1.41 -25.29
CA TYR A 17 -15.73 -2.53 -24.43
C TYR A 17 -16.42 -3.85 -24.80
N GLY A 18 -17.43 -3.80 -25.66
CA GLY A 18 -18.24 -4.97 -25.97
C GLY A 18 -19.06 -5.40 -24.76
N HIS A 19 -18.69 -6.52 -24.13
CA HIS A 19 -19.29 -6.96 -22.87
C HIS A 19 -18.27 -7.01 -21.76
N LEU A 20 -17.01 -6.68 -22.06
CA LEU A 20 -15.91 -6.88 -21.13
C LEU A 20 -16.01 -5.98 -19.92
N HIS A 21 -16.75 -4.87 -20.03
CA HIS A 21 -16.91 -3.96 -18.91
C HIS A 21 -17.64 -4.64 -17.74
N TYR A 22 -18.44 -5.68 -18.02
CA TYR A 22 -19.08 -6.46 -16.97
C TYR A 22 -18.08 -7.25 -16.13
N LEU A 23 -16.87 -7.49 -16.65
CA LEU A 23 -15.85 -8.25 -15.95
C LEU A 23 -14.90 -7.37 -15.15
N ALA A 24 -15.12 -6.05 -15.16
CA ALA A 24 -14.24 -5.12 -14.49
C ALA A 24 -14.62 -4.95 -13.02
N GLY A 25 -13.68 -4.42 -12.24
CA GLY A 25 -13.94 -4.10 -10.86
C GLY A 25 -13.43 -5.16 -9.90
N ASP A 26 -13.67 -4.90 -8.61
CA ASP A 26 -13.22 -5.77 -7.54
C ASP A 26 -14.05 -7.05 -7.41
N ALA A 27 -15.27 -7.09 -7.98
CA ALA A 27 -16.20 -8.21 -7.83
C ALA A 27 -17.21 -8.28 -8.98
N PRO A 28 -16.83 -8.78 -10.17
CA PRO A 28 -17.76 -8.76 -11.31
C PRO A 28 -19.06 -9.56 -11.12
N VAL A 29 -19.10 -10.51 -10.18
CA VAL A 29 -20.36 -11.19 -9.94
C VAL A 29 -21.45 -10.19 -9.55
N LEU A 30 -21.09 -9.04 -8.99
CA LEU A 30 -22.14 -8.05 -8.65
C LEU A 30 -22.68 -7.34 -9.90
N ASN A 31 -21.81 -7.09 -10.88
CA ASN A 31 -22.28 -6.65 -12.19
C ASN A 31 -23.28 -7.65 -12.77
N PHE A 32 -22.97 -8.94 -12.64
CA PHE A 32 -23.89 -9.96 -13.15
C PHE A 32 -25.22 -9.91 -12.42
N PHE A 33 -25.17 -9.65 -11.11
CA PHE A 33 -26.38 -9.54 -10.31
C PHE A 33 -27.28 -8.40 -10.79
N GLN A 34 -26.70 -7.22 -11.08
CA GLN A 34 -27.50 -6.09 -11.58
C GLN A 34 -28.13 -6.42 -12.93
N LEU A 35 -27.31 -6.95 -13.88
CA LEU A 35 -27.91 -7.46 -15.11
C LEU A 35 -29.06 -8.39 -14.84
N ALA A 36 -28.86 -9.39 -13.99
CA ALA A 36 -29.93 -10.37 -13.74
C ALA A 36 -31.20 -9.66 -13.32
N ARG A 37 -31.05 -8.58 -12.55
CA ARG A 37 -32.25 -7.85 -12.12
C ARG A 37 -32.92 -7.13 -13.27
N GLN A 38 -32.20 -6.89 -14.37
CA GLN A 38 -32.85 -6.33 -15.55
C GLN A 38 -33.51 -7.41 -16.40
N ILE A 39 -33.05 -8.65 -16.32
CA ILE A 39 -33.51 -9.66 -17.26
C ILE A 39 -34.40 -10.70 -16.57
N PRO A 40 -35.72 -10.61 -16.73
CA PRO A 40 -36.62 -11.48 -15.95
C PRO A 40 -36.71 -12.90 -16.45
N GLU A 41 -36.22 -13.21 -17.66
CA GLU A 41 -36.23 -14.59 -18.17
C GLU A 41 -35.38 -15.54 -17.34
N GLY A 42 -34.49 -15.02 -16.50
CA GLY A 42 -33.79 -15.88 -15.58
C GLY A 42 -32.46 -16.43 -16.06
N LEU A 43 -32.02 -16.09 -17.29
CA LEU A 43 -30.66 -16.42 -17.70
C LEU A 43 -30.25 -15.41 -18.78
N PHE A 44 -28.95 -15.17 -18.90
CA PHE A 44 -28.48 -14.28 -19.97
C PHE A 44 -27.12 -14.74 -20.46
N GLN A 45 -26.66 -14.09 -21.54
CA GLN A 45 -25.48 -14.46 -22.32
C GLN A 45 -24.59 -13.24 -22.55
N LEU A 46 -23.27 -13.39 -22.38
CA LEU A 46 -22.25 -12.39 -22.67
C LEU A 46 -21.18 -12.92 -23.61
N ASP A 47 -20.52 -12.03 -24.41
CA ASP A 47 -19.39 -12.46 -25.28
C ASP A 47 -18.11 -12.01 -24.61
N ILE A 48 -17.37 -12.95 -24.08
CA ILE A 48 -16.09 -12.71 -23.47
C ILE A 48 -14.98 -13.14 -24.42
N GLN A 49 -14.43 -12.14 -25.11
CA GLN A 49 -13.33 -12.30 -26.06
C GLN A 49 -13.65 -13.41 -27.05
N GLY A 50 -13.32 -14.65 -26.69
CA GLY A 50 -13.56 -15.78 -27.57
C GLY A 50 -14.85 -16.46 -27.19
N ARG A 51 -14.92 -16.87 -25.93
CA ARG A 51 -16.03 -17.63 -25.36
C ARG A 51 -17.36 -16.90 -25.16
N THR A 52 -18.36 -17.76 -24.94
CA THR A 52 -19.68 -17.42 -24.45
C THR A 52 -19.79 -17.63 -22.94
N LEU A 53 -20.22 -16.60 -22.20
CA LEU A 53 -20.51 -16.74 -20.77
C LEU A 53 -22.02 -16.73 -20.58
N ILE A 54 -22.55 -17.75 -19.90
CA ILE A 54 -23.98 -17.85 -19.62
C ILE A 54 -24.19 -17.83 -18.11
N GLN A 55 -25.16 -17.02 -17.66
CA GLN A 55 -25.52 -16.87 -16.25
C GLN A 55 -26.97 -17.30 -16.00
N ALA A 56 -27.19 -18.17 -15.01
CA ALA A 56 -28.53 -18.67 -14.70
C ALA A 56 -28.91 -18.45 -13.25
N TYR A 57 -30.16 -18.01 -13.04
CA TYR A 57 -30.67 -17.64 -11.72
C TYR A 57 -32.18 -17.89 -11.53
N ASP A 58 -32.91 -18.21 -12.60
CA ASP A 58 -34.32 -18.64 -12.47
C ASP A 58 -34.37 -19.96 -11.70
N PRO A 59 -35.17 -20.05 -10.62
CA PRO A 59 -35.18 -21.29 -9.82
C PRO A 59 -35.53 -22.55 -10.61
N ASN A 60 -36.45 -22.48 -11.57
CA ASN A 60 -36.77 -23.73 -12.27
C ASN A 60 -35.67 -24.12 -13.26
N LEU A 61 -35.11 -23.12 -13.96
CA LEU A 61 -33.94 -23.35 -14.83
C LEU A 61 -32.81 -23.94 -14.01
N VAL A 62 -32.57 -23.41 -12.82
CA VAL A 62 -31.48 -23.92 -12.02
C VAL A 62 -31.76 -25.35 -11.61
N ALA A 63 -33.02 -25.68 -11.29
CA ALA A 63 -33.37 -27.08 -11.05
C ALA A 63 -32.93 -27.95 -12.23
N GLU A 64 -33.16 -27.48 -13.44
CA GLU A 64 -32.71 -28.25 -14.60
C GLU A 64 -31.20 -28.38 -14.63
N LEU A 65 -30.47 -27.27 -14.39
CA LEU A 65 -29.00 -27.25 -14.42
C LEU A 65 -28.36 -28.05 -13.30
N THR A 66 -29.14 -28.38 -12.27
CA THR A 66 -28.81 -29.18 -11.10
C THR A 66 -29.01 -30.67 -11.31
N ASP A 67 -29.65 -31.05 -12.42
CA ASP A 67 -29.86 -32.46 -12.74
C ASP A 67 -28.54 -33.05 -13.23
N GLU A 68 -27.90 -33.87 -12.40
CA GLU A 68 -26.59 -34.38 -12.74
C GLU A 68 -26.64 -35.37 -13.90
N ARG A 69 -27.83 -35.75 -14.37
CA ARG A 69 -27.92 -36.50 -15.62
C ARG A 69 -27.70 -35.61 -16.84
N ARG A 70 -27.85 -34.30 -16.70
CA ARG A 70 -27.84 -33.35 -17.81
C ARG A 70 -26.67 -32.37 -17.75
N PHE A 71 -26.27 -31.94 -16.55
CA PHE A 71 -25.15 -31.05 -16.41
C PHE A 71 -24.31 -31.54 -15.25
N GLN A 72 -22.99 -31.37 -15.36
CA GLN A 72 -22.09 -31.73 -14.27
C GLN A 72 -20.95 -30.74 -14.18
N LYS A 73 -20.38 -30.66 -12.96
CA LYS A 73 -19.14 -29.95 -12.72
C LYS A 73 -18.01 -30.60 -13.51
N ARG A 74 -17.27 -29.77 -14.22
CA ARG A 74 -16.17 -30.24 -15.04
C ARG A 74 -14.96 -29.30 -14.87
N VAL A 75 -13.78 -29.91 -14.64
CA VAL A 75 -12.53 -29.25 -14.29
C VAL A 75 -11.94 -28.44 -15.46
N HIS A 76 -12.75 -28.30 -16.59
CA HIS A 76 -12.71 -29.20 -17.75
C HIS A 76 -11.50 -28.31 -17.85
N PRO A 77 -12.01 -26.86 -18.01
CA PRO A 77 -11.14 -25.68 -18.12
C PRO A 77 -11.17 -24.69 -16.95
N ALA A 78 -12.30 -24.59 -16.24
CA ALA A 78 -12.48 -23.54 -15.25
C ALA A 78 -11.72 -23.78 -13.94
N TYR A 79 -11.47 -25.03 -13.60
CA TYR A 79 -10.73 -25.35 -12.38
C TYR A 79 -9.28 -25.74 -12.66
N THR A 80 -8.80 -25.51 -13.90
CA THR A 80 -7.49 -26.02 -14.29
C THR A 80 -6.34 -25.36 -13.53
N ASN A 81 -6.37 -24.03 -13.40
CA ASN A 81 -5.29 -23.38 -12.67
C ASN A 81 -5.33 -23.72 -11.17
N ILE A 82 -6.51 -23.73 -10.54
CA ILE A 82 -6.57 -24.07 -9.11
C ILE A 82 -6.09 -25.51 -8.90
N ARG A 83 -6.22 -26.34 -9.93
CA ARG A 83 -5.69 -27.69 -9.83
C ARG A 83 -4.18 -27.73 -9.65
N ASN A 84 -3.46 -26.67 -10.09
CA ASN A 84 -2.00 -26.62 -9.89
C ASN A 84 -1.62 -26.92 -8.45
N LEU A 85 -2.48 -26.58 -7.53
CA LEU A 85 -2.24 -26.92 -6.14
C LEU A 85 -3.29 -27.84 -5.52
N GLY A 86 -4.42 -28.06 -6.18
CA GLY A 86 -5.36 -29.05 -5.65
C GLY A 86 -5.14 -30.50 -6.07
N GLY A 87 -4.49 -30.70 -7.22
CA GLY A 87 -4.24 -31.98 -7.82
C GLY A 87 -5.53 -32.71 -8.11
N ASP A 88 -5.54 -34.01 -7.86
CA ASP A 88 -6.77 -34.76 -7.98
C ASP A 88 -7.41 -34.97 -6.61
N GLY A 89 -7.28 -33.99 -5.75
CA GLY A 89 -8.14 -33.88 -4.58
C GLY A 89 -9.58 -33.65 -5.00
N LEU A 90 -10.46 -33.68 -3.99
CA LEU A 90 -11.91 -33.68 -4.23
C LEU A 90 -12.39 -32.44 -4.98
N PHE A 91 -11.72 -31.29 -4.79
CA PHE A 91 -12.28 -30.05 -5.33
C PHE A 91 -11.90 -29.90 -6.79
N THR A 92 -10.75 -30.43 -7.18
CA THR A 92 -10.17 -30.14 -8.49
C THR A 92 -10.05 -31.37 -9.37
N SER A 93 -10.78 -32.44 -9.07
CA SER A 93 -10.74 -33.66 -9.87
C SER A 93 -12.09 -33.90 -10.54
N ASP A 94 -12.05 -34.57 -11.69
CA ASP A 94 -13.27 -34.94 -12.38
C ASP A 94 -13.87 -36.18 -11.74
N SER A 95 -15.21 -36.31 -11.85
CA SER A 95 -15.92 -37.43 -11.23
C SER A 95 -15.40 -38.78 -11.72
N PHE A 96 -14.96 -38.85 -12.99
CA PHE A 96 -14.56 -40.14 -13.51
C PHE A 96 -13.15 -40.56 -13.08
N GLU A 97 -12.30 -39.62 -12.65
CA GLU A 97 -11.00 -40.01 -12.11
C GLU A 97 -11.20 -40.89 -10.87
N PRO A 98 -10.51 -42.04 -10.79
CA PRO A 98 -10.76 -42.97 -9.68
C PRO A 98 -10.55 -42.38 -8.30
N ASN A 99 -9.54 -41.49 -8.16
CA ASN A 99 -9.25 -40.93 -6.84
C ASN A 99 -10.38 -40.02 -6.34
N TRP A 100 -11.21 -39.45 -7.22
CA TRP A 100 -12.35 -38.70 -6.72
C TRP A 100 -13.29 -39.61 -5.95
N GLY A 101 -13.80 -40.66 -6.61
CA GLY A 101 -14.67 -41.62 -5.95
C GLY A 101 -14.04 -42.17 -4.69
N LYS A 102 -12.75 -42.52 -4.75
CA LYS A 102 -12.09 -43.11 -3.59
C LYS A 102 -12.10 -42.14 -2.41
N ALA A 103 -11.54 -40.94 -2.61
CA ALA A 103 -11.51 -39.93 -1.56
C ALA A 103 -12.91 -39.62 -1.07
N HIS A 104 -13.86 -39.44 -1.98
CA HIS A 104 -15.23 -39.12 -1.59
C HIS A 104 -15.77 -40.16 -0.61
N ARG A 105 -15.72 -41.43 -1.00
CA ARG A 105 -16.29 -42.47 -0.15
C ARG A 105 -15.50 -42.62 1.15
N ILE A 106 -14.18 -42.42 1.12
CA ILE A 106 -13.40 -42.50 2.36
C ILE A 106 -13.75 -41.34 3.30
N LEU A 107 -13.82 -40.12 2.77
CA LEU A 107 -13.88 -38.92 3.61
C LEU A 107 -15.29 -38.55 4.08
N LEU A 108 -16.38 -38.86 3.32
CA LEU A 108 -17.74 -38.55 3.79
C LEU A 108 -18.02 -38.91 5.24
N PRO A 109 -17.71 -40.11 5.71
CA PRO A 109 -18.04 -40.41 7.12
C PRO A 109 -17.28 -39.53 8.07
N ALA A 110 -16.10 -39.04 7.67
CA ALA A 110 -15.27 -38.16 8.49
C ALA A 110 -15.76 -36.72 8.53
N PHE A 111 -16.72 -36.36 7.67
CA PHE A 111 -17.24 -35.00 7.55
C PHE A 111 -18.73 -34.91 7.88
N SER A 112 -19.32 -36.01 8.34
CA SER A 112 -20.72 -36.05 8.71
C SER A 112 -20.93 -35.35 10.03
N GLN A 113 -22.18 -35.01 10.31
CA GLN A 113 -22.51 -34.40 11.59
C GLN A 113 -22.04 -35.25 12.77
N ARG A 114 -22.31 -36.57 12.79
CA ARG A 114 -21.90 -37.31 13.99
C ARG A 114 -20.37 -37.30 14.17
N ALA A 115 -19.61 -36.98 13.11
CA ALA A 115 -18.15 -36.88 13.27
C ALA A 115 -17.69 -35.56 13.89
N MET A 116 -18.56 -34.56 13.98
CA MET A 116 -18.12 -33.21 14.34
C MET A 116 -17.67 -33.12 15.79
N LYS A 117 -18.32 -33.88 16.68
CA LYS A 117 -17.90 -33.92 18.08
C LYS A 117 -16.41 -34.22 18.18
N GLY A 118 -15.91 -35.14 17.34
CA GLY A 118 -14.50 -35.50 17.35
C GLY A 118 -13.56 -34.32 17.13
N TYR A 119 -14.04 -33.26 16.47
CA TYR A 119 -13.26 -32.10 16.11
C TYR A 119 -13.47 -30.92 17.06
N PHE A 120 -14.45 -31.01 17.96
CA PHE A 120 -14.87 -29.83 18.73
C PHE A 120 -13.71 -29.22 19.51
N GLY A 121 -13.04 -30.05 20.32
CA GLY A 121 -11.92 -29.60 21.11
C GLY A 121 -10.89 -28.85 20.30
N GLN A 122 -10.69 -29.28 19.04
CA GLN A 122 -9.75 -28.58 18.16
C GLN A 122 -10.31 -27.24 17.72
N MET A 123 -11.55 -27.22 17.24
CA MET A 123 -12.17 -25.94 16.91
C MET A 123 -12.14 -25.02 18.12
N LEU A 124 -12.50 -25.55 19.29
CA LEU A 124 -12.53 -24.71 20.48
C LEU A 124 -11.14 -24.17 20.79
N GLU A 125 -10.11 -24.99 20.60
CA GLU A 125 -8.78 -24.52 20.93
C GLU A 125 -8.47 -23.27 20.13
N VAL A 126 -8.81 -23.30 18.84
CA VAL A 126 -8.49 -22.16 18.01
C VAL A 126 -9.41 -20.98 18.36
N ALA A 127 -10.71 -21.24 18.53
CA ALA A 127 -11.66 -20.16 18.80
C ALA A 127 -11.24 -19.38 20.05
N GLN A 128 -10.86 -20.10 21.11
CA GLN A 128 -10.40 -19.45 22.34
C GLN A 128 -9.19 -18.56 22.09
N ALA A 129 -8.27 -19.00 21.21
CA ALA A 129 -7.12 -18.16 20.88
C ALA A 129 -7.55 -16.86 20.20
N LEU A 130 -8.52 -16.93 19.29
CA LEU A 130 -9.10 -15.73 18.71
C LEU A 130 -9.59 -14.80 19.80
N VAL A 131 -10.43 -15.33 20.69
CA VAL A 131 -11.00 -14.53 21.77
C VAL A 131 -9.87 -13.90 22.59
N GLY A 132 -8.83 -14.70 22.88
CA GLY A 132 -7.67 -14.19 23.61
C GLY A 132 -7.06 -12.98 22.95
N LYS A 133 -6.83 -13.05 21.64
CA LYS A 133 -6.29 -11.90 20.93
C LYS A 133 -7.20 -10.69 21.08
N TRP A 134 -8.51 -10.90 20.90
CA TRP A 134 -9.41 -9.75 20.96
C TRP A 134 -9.46 -9.21 22.39
N GLU A 135 -9.35 -10.10 23.39
CA GLU A 135 -9.26 -9.60 24.76
C GLU A 135 -8.04 -8.69 24.87
N ARG A 136 -6.91 -9.15 24.34
CA ARG A 136 -5.64 -8.46 24.47
C ARG A 136 -5.63 -7.10 23.80
N THR A 137 -6.52 -6.87 22.81
CA THR A 137 -6.37 -5.66 22.00
C THR A 137 -7.61 -4.77 22.01
N GLN A 138 -8.49 -4.95 23.01
CA GLN A 138 -9.70 -4.17 23.15
C GLN A 138 -9.44 -2.70 22.86
N GLY A 139 -10.36 -2.07 22.13
CA GLY A 139 -10.23 -0.69 21.74
C GLY A 139 -9.47 -0.47 20.45
N GLN A 140 -8.44 -1.29 20.18
CA GLN A 140 -7.74 -1.27 18.89
C GLN A 140 -8.62 -1.91 17.81
N ASP A 141 -8.35 -1.51 16.56
CA ASP A 141 -9.10 -2.04 15.41
C ASP A 141 -8.90 -3.54 15.26
N VAL A 142 -10.01 -4.27 15.27
CA VAL A 142 -10.03 -5.65 14.85
C VAL A 142 -10.13 -5.70 13.32
N ARG A 143 -9.19 -6.41 12.68
CA ARG A 143 -9.19 -6.65 11.24
C ARG A 143 -9.97 -7.95 10.99
N VAL A 144 -11.24 -7.80 10.64
CA VAL A 144 -12.18 -8.92 10.76
C VAL A 144 -11.82 -10.03 9.78
N ALA A 145 -11.74 -9.69 8.49
CA ALA A 145 -11.36 -10.68 7.48
C ALA A 145 -10.06 -11.37 7.86
N ASP A 146 -9.09 -10.58 8.33
CA ASP A 146 -7.76 -11.10 8.64
C ASP A 146 -7.80 -12.11 9.80
N ASP A 147 -8.46 -11.75 10.90
CA ASP A 147 -8.53 -12.64 12.04
C ASP A 147 -9.43 -13.85 11.79
N MET A 148 -10.46 -13.72 10.94
CA MET A 148 -11.26 -14.88 10.56
C MET A 148 -10.44 -15.86 9.71
N THR A 149 -9.61 -15.35 8.79
CA THR A 149 -8.68 -16.22 8.04
C THR A 149 -7.71 -16.92 8.95
N ARG A 150 -7.15 -16.21 9.93
CA ARG A 150 -6.37 -16.91 10.95
C ARG A 150 -7.19 -18.03 11.60
N LEU A 151 -8.40 -17.71 12.08
CA LEU A 151 -9.25 -18.69 12.74
C LEU A 151 -9.39 -19.94 11.89
N THR A 152 -9.84 -19.76 10.64
CA THR A 152 -10.21 -20.90 9.81
C THR A 152 -8.97 -21.68 9.33
N LEU A 153 -7.88 -20.98 8.97
CA LEU A 153 -6.65 -21.69 8.63
C LEU A 153 -6.16 -22.54 9.79
N ASP A 154 -6.05 -21.95 10.99
CA ASP A 154 -5.58 -22.75 12.11
C ASP A 154 -6.52 -23.91 12.41
N THR A 155 -7.82 -23.69 12.32
CA THR A 155 -8.77 -24.74 12.66
C THR A 155 -8.67 -25.88 11.65
N ILE A 156 -8.71 -25.54 10.36
CA ILE A 156 -8.66 -26.60 9.38
C ILE A 156 -7.29 -27.29 9.42
N SER A 157 -6.20 -26.56 9.75
CA SER A 157 -4.87 -27.17 9.83
C SER A 157 -4.74 -28.13 11.01
N LEU A 158 -5.28 -27.75 12.16
CA LEU A 158 -5.26 -28.61 13.34
C LEU A 158 -6.12 -29.85 13.15
N SER A 159 -7.35 -29.68 12.63
CA SER A 159 -8.21 -30.83 12.42
C SER A 159 -7.75 -31.64 11.24
N GLY A 160 -7.09 -31.02 10.28
CA GLY A 160 -6.73 -31.69 9.07
C GLY A 160 -5.50 -32.55 9.24
N PHE A 161 -4.40 -31.96 9.76
CA PHE A 161 -3.18 -32.74 9.87
C PHE A 161 -2.43 -32.43 11.14
N ASP A 162 -3.17 -32.13 12.20
CA ASP A 162 -2.65 -31.96 13.55
C ASP A 162 -1.46 -30.99 13.59
N TYR A 163 -1.48 -29.94 12.79
CA TYR A 163 -0.39 -28.99 12.85
C TYR A 163 -0.91 -27.61 13.28
N ARG A 164 -0.19 -27.03 14.24
CA ARG A 164 -0.54 -25.80 14.95
C ARG A 164 0.30 -24.66 14.41
N PHE A 165 -0.27 -23.84 13.53
CA PHE A 165 0.40 -22.68 12.97
C PHE A 165 0.41 -21.49 13.91
N ARG A 166 -0.39 -21.55 14.98
CA ARG A 166 -0.41 -20.53 16.03
C ARG A 166 -0.49 -19.12 15.45
N SER A 167 -1.48 -18.90 14.57
CA SER A 167 -1.58 -17.63 13.85
C SER A 167 -1.99 -16.45 14.73
N PHE A 168 -2.48 -16.66 15.96
CA PHE A 168 -2.84 -15.56 16.86
C PHE A 168 -1.73 -15.18 17.83
N ASP A 169 -0.62 -15.93 17.85
CA ASP A 169 0.52 -15.54 18.70
C ASP A 169 1.32 -14.40 18.07
N LYS A 170 1.19 -14.18 16.76
CA LYS A 170 2.07 -13.28 16.03
C LYS A 170 1.30 -12.66 14.88
N ASP A 171 1.80 -11.54 14.42
CA ASP A 171 1.17 -10.88 13.31
C ASP A 171 1.53 -11.61 12.02
N GLU A 172 2.76 -12.11 11.95
CA GLU A 172 3.28 -12.40 10.64
C GLU A 172 2.75 -13.85 10.47
N LEU A 173 2.20 -14.24 9.31
CA LEU A 173 1.77 -15.64 9.31
C LEU A 173 2.96 -16.58 9.13
N HIS A 174 2.80 -17.86 9.53
CA HIS A 174 3.79 -18.91 9.24
C HIS A 174 4.11 -18.94 7.74
N PRO A 175 5.38 -19.18 7.35
CA PRO A 175 5.73 -19.23 5.92
C PRO A 175 4.84 -20.13 5.07
N PHE A 176 4.48 -21.32 5.57
CA PHE A 176 3.56 -22.19 4.82
C PHE A 176 2.29 -21.46 4.41
N LEU A 177 1.72 -20.66 5.32
CA LEU A 177 0.49 -19.93 5.01
C LEU A 177 0.74 -18.72 4.12
N GLN A 178 1.93 -18.09 4.23
CA GLN A 178 2.25 -17.03 3.29
C GLN A 178 2.41 -17.57 1.87
N ALA A 179 3.02 -18.75 1.74
CA ALA A 179 3.11 -19.42 0.45
C ALA A 179 1.72 -19.77 -0.09
N LEU A 180 0.85 -20.32 0.77
CA LEU A 180 -0.55 -20.56 0.38
C LEU A 180 -1.20 -19.29 -0.16
N ALA A 181 -1.07 -18.19 0.60
CA ALA A 181 -1.71 -16.93 0.18
C ALA A 181 -1.19 -16.47 -1.17
N ARG A 182 0.14 -16.42 -1.32
CA ARG A 182 0.76 -16.02 -2.58
C ARG A 182 0.29 -16.90 -3.73
N ALA A 183 0.32 -18.23 -3.54
CA ALA A 183 -0.07 -19.15 -4.61
C ALA A 183 -1.53 -18.96 -5.00
N MET A 184 -2.43 -18.82 -4.01
CA MET A 184 -3.85 -18.58 -4.29
C MET A 184 -4.04 -17.30 -5.11
N HIS A 185 -3.43 -16.21 -4.67
CA HIS A 185 -3.52 -14.97 -5.42
C HIS A 185 -3.02 -15.15 -6.86
N HIS A 186 -1.86 -15.77 -7.02
CA HIS A 186 -1.30 -15.95 -8.36
C HIS A 186 -2.18 -16.85 -9.22
N THR A 187 -2.81 -17.84 -8.59
CA THR A 187 -3.71 -18.74 -9.32
C THR A 187 -4.86 -17.96 -9.93
N MET A 188 -5.43 -17.02 -9.18
CA MET A 188 -6.50 -16.21 -9.78
C MET A 188 -5.95 -15.28 -10.86
N THR A 189 -4.70 -14.83 -10.72
CA THR A 189 -4.07 -13.98 -11.74
C THR A 189 -3.93 -14.71 -13.07
N MET A 190 -3.60 -16.01 -13.01
CA MET A 190 -3.42 -16.80 -14.22
C MET A 190 -4.70 -16.95 -15.03
N ASN A 191 -5.85 -16.86 -14.36
CA ASN A 191 -7.13 -16.98 -15.07
C ASN A 191 -7.39 -15.82 -16.02
N SER A 192 -6.57 -14.76 -16.00
CA SER A 192 -6.71 -13.64 -16.92
C SER A 192 -5.39 -13.37 -17.63
N ARG A 193 -4.87 -12.13 -17.47
CA ARG A 193 -3.57 -11.58 -17.90
C ARG A 193 -3.23 -11.80 -19.39
N PRO A 194 -2.20 -11.14 -19.95
CA PRO A 194 -2.05 -11.09 -21.42
C PRO A 194 -1.19 -12.23 -21.95
N PRO A 195 -1.23 -12.50 -23.30
CA PRO A 195 -0.54 -13.68 -23.87
C PRO A 195 0.98 -13.66 -23.75
N VAL A 196 1.62 -12.55 -24.11
CA VAL A 196 3.08 -12.46 -24.04
C VAL A 196 3.49 -12.07 -22.62
N LEU A 197 4.38 -12.86 -22.01
CA LEU A 197 4.85 -12.63 -20.65
C LEU A 197 6.10 -11.75 -20.61
N THR A 198 6.07 -10.73 -19.76
CA THR A 198 7.17 -9.80 -19.54
C THR A 198 8.11 -10.36 -18.47
N PRO A 199 9.30 -9.75 -18.28
CA PRO A 199 10.29 -10.36 -17.36
C PRO A 199 9.81 -10.57 -15.93
N GLU A 200 8.94 -9.69 -15.41
CA GLU A 200 8.44 -9.82 -14.04
C GLU A 200 7.58 -11.06 -13.87
N MET A 201 6.78 -11.38 -14.90
CA MET A 201 5.79 -12.46 -14.84
C MET A 201 6.43 -13.85 -14.88
N GLU A 202 7.44 -14.04 -15.75
CA GLU A 202 8.18 -15.30 -15.78
C GLU A 202 8.71 -15.66 -14.40
N GLU A 203 9.43 -14.71 -13.80
CA GLU A 203 9.97 -14.90 -12.46
C GLU A 203 8.87 -15.17 -11.46
N ALA A 204 7.71 -14.52 -11.64
CA ALA A 204 6.57 -14.76 -10.76
C ALA A 204 6.05 -16.18 -10.91
N ASP A 205 6.02 -16.72 -12.13
CA ASP A 205 5.67 -18.13 -12.31
C ASP A 205 6.67 -19.05 -11.60
N ARG A 206 7.97 -18.74 -11.69
CA ARG A 206 8.98 -19.58 -11.04
C ARG A 206 8.77 -19.60 -9.54
N ALA A 207 8.61 -18.42 -8.96
CA ALA A 207 8.33 -18.37 -7.53
C ALA A 207 7.01 -19.06 -7.18
N TYR A 208 6.02 -19.03 -8.08
CA TYR A 208 4.75 -19.68 -7.79
C TYR A 208 4.93 -21.19 -7.67
N TRP A 209 5.53 -21.82 -8.68
CA TRP A 209 5.78 -23.25 -8.59
C TRP A 209 6.69 -23.59 -7.42
N ALA A 210 7.58 -22.65 -7.04
CA ALA A 210 8.44 -22.86 -5.87
C ALA A 210 7.64 -22.90 -4.58
N ASP A 211 6.77 -21.89 -4.40
CA ASP A 211 5.81 -21.83 -3.30
C ASP A 211 5.06 -23.15 -3.17
N ILE A 212 4.53 -23.63 -4.30
CA ILE A 212 3.77 -24.87 -4.26
C ILE A 212 4.64 -26.01 -3.79
N ALA A 213 5.88 -26.06 -4.29
CA ALA A 213 6.82 -27.10 -3.85
C ALA A 213 7.05 -27.04 -2.33
N SER A 214 7.25 -25.83 -1.80
CA SER A 214 7.48 -25.69 -0.36
C SER A 214 6.28 -26.22 0.44
N MET A 215 5.08 -25.97 -0.06
CA MET A 215 3.88 -26.49 0.62
C MET A 215 3.81 -28.01 0.55
N ASN A 216 3.95 -28.57 -0.67
CA ASN A 216 3.97 -30.01 -0.84
C ASN A 216 5.02 -30.63 0.07
N GLU A 217 6.20 -30.02 0.14
CA GLU A 217 7.28 -30.53 0.99
C GLU A 217 6.88 -30.61 2.46
N LEU A 218 6.35 -29.51 3.02
CA LEU A 218 5.94 -29.56 4.42
C LEU A 218 4.91 -30.67 4.65
N VAL A 219 3.89 -30.74 3.79
CA VAL A 219 2.82 -31.69 4.05
C VAL A 219 3.34 -33.13 3.92
N ASP A 220 4.09 -33.40 2.83
CA ASP A 220 4.78 -34.68 2.62
C ASP A 220 5.62 -35.14 3.80
N GLU A 221 6.35 -34.23 4.39
CA GLU A 221 7.18 -34.44 5.55
C GLU A 221 6.32 -34.87 6.74
N VAL A 222 5.25 -34.14 7.01
CA VAL A 222 4.30 -34.57 8.05
C VAL A 222 3.80 -35.99 7.76
N ILE A 223 3.49 -36.28 6.50
CA ILE A 223 2.92 -37.59 6.14
C ILE A 223 3.92 -38.72 6.35
N ARG A 224 5.16 -38.56 5.88
CA ARG A 224 6.09 -39.70 5.92
C ARG A 224 6.27 -40.02 7.41
N GLU A 225 5.99 -38.98 8.21
CA GLU A 225 6.81 -38.86 9.34
C GLU A 225 5.85 -39.05 10.49
N ARG A 226 4.61 -39.17 10.17
CA ARG A 226 3.46 -39.90 10.75
C ARG A 226 3.36 -41.40 10.35
N ARG A 227 3.76 -41.78 9.12
CA ARG A 227 3.77 -43.21 8.71
C ARG A 227 4.82 -43.98 9.47
N GLY A 228 5.79 -43.25 10.01
CA GLY A 228 6.69 -43.76 11.01
C GLY A 228 6.24 -43.14 12.32
N HIS A 229 6.51 -43.87 13.40
CA HIS A 229 5.59 -44.61 14.24
C HIS A 229 4.15 -44.14 14.05
N GLY A 230 3.18 -44.97 14.37
CA GLY A 230 1.83 -44.47 14.43
C GLY A 230 0.98 -44.71 13.20
N GLY A 231 0.13 -43.75 12.92
CA GLY A 231 -0.73 -43.87 11.78
C GLY A 231 -2.14 -43.41 12.08
N GLY A 232 -2.31 -42.38 12.91
CA GLY A 232 -3.66 -41.94 13.19
C GLY A 232 -3.94 -41.41 14.59
N GLY A 233 -3.92 -40.09 14.74
CA GLY A 233 -4.11 -39.50 16.05
C GLY A 233 -5.44 -38.78 16.16
N GLY A 234 -6.47 -39.32 15.49
CA GLY A 234 -7.79 -38.70 15.48
C GLY A 234 -8.06 -37.85 14.26
N ASP A 235 -7.06 -37.09 13.83
CA ASP A 235 -7.21 -36.08 12.78
C ASP A 235 -7.58 -36.72 11.44
N LEU A 236 -7.92 -35.85 10.47
CA LEU A 236 -8.31 -36.31 9.13
C LEU A 236 -7.20 -37.08 8.44
N LEU A 237 -5.96 -36.59 8.55
CA LEU A 237 -4.79 -37.31 8.01
C LEU A 237 -4.69 -38.74 8.56
N GLY A 238 -4.80 -38.90 9.89
CA GLY A 238 -4.76 -40.22 10.47
C GLY A 238 -5.80 -41.16 9.89
N LEU A 239 -6.97 -40.60 9.54
CA LEU A 239 -8.02 -41.40 8.91
C LEU A 239 -7.65 -41.76 7.48
N MET A 240 -7.05 -40.81 6.75
CA MET A 240 -6.69 -41.10 5.37
C MET A 240 -5.52 -42.07 5.27
N LEU A 241 -4.77 -42.25 6.38
CA LEU A 241 -3.63 -43.18 6.41
C LEU A 241 -4.08 -44.64 6.52
N ASN A 242 -5.18 -44.89 7.24
CA ASN A 242 -5.69 -46.23 7.50
C ASN A 242 -6.83 -46.61 6.55
N ALA A 243 -7.87 -45.79 6.50
CA ALA A 243 -9.13 -46.12 5.83
C ALA A 243 -8.94 -46.67 4.42
N THR A 244 -9.72 -47.68 4.08
CA THR A 244 -9.80 -48.17 2.72
C THR A 244 -11.18 -47.85 2.14
N ASP A 245 -11.21 -47.64 0.84
CA ASP A 245 -12.45 -47.44 0.09
C ASP A 245 -13.30 -48.70 0.11
N PRO A 246 -14.50 -48.66 0.72
CA PRO A 246 -15.31 -49.90 0.84
C PRO A 246 -15.69 -50.50 -0.51
N GLU A 247 -15.36 -49.83 -1.61
CA GLU A 247 -15.71 -50.32 -2.94
C GLU A 247 -14.55 -51.02 -3.62
N THR A 248 -13.36 -50.42 -3.66
CA THR A 248 -12.21 -50.99 -4.35
C THR A 248 -11.24 -51.64 -3.39
N GLY A 249 -11.42 -51.45 -2.08
CA GLY A 249 -10.53 -52.07 -1.14
C GLY A 249 -9.20 -51.37 -0.99
N GLU A 250 -9.03 -50.20 -1.64
CA GLU A 250 -7.77 -49.49 -1.73
C GLU A 250 -7.68 -48.34 -0.74
N ARG A 251 -6.46 -48.05 -0.30
CA ARG A 251 -6.19 -46.85 0.48
C ARG A 251 -5.84 -45.70 -0.46
N LEU A 252 -5.85 -44.48 0.08
CA LEU A 252 -5.41 -43.34 -0.71
C LEU A 252 -3.89 -43.38 -0.78
N SER A 253 -3.34 -43.06 -1.97
CA SER A 253 -1.90 -42.84 -2.12
C SER A 253 -1.42 -41.67 -1.27
N ASP A 254 -0.10 -41.62 -1.06
CA ASP A 254 0.48 -40.52 -0.29
C ASP A 254 0.35 -39.20 -1.04
N GLU A 255 0.56 -39.24 -2.36
CA GLU A 255 0.38 -38.06 -3.18
C GLU A 255 -1.03 -37.52 -3.02
N ASN A 256 -2.02 -38.41 -3.14
CA ASN A 256 -3.40 -37.94 -3.07
C ASN A 256 -3.78 -37.47 -1.67
N ILE A 257 -3.24 -38.09 -0.61
CA ILE A 257 -3.46 -37.56 0.74
C ILE A 257 -2.95 -36.12 0.86
N ARG A 258 -1.76 -35.86 0.34
CA ARG A 258 -1.26 -34.49 0.42
C ARG A 258 -2.19 -33.57 -0.36
N TYR A 259 -2.64 -34.02 -1.54
CA TYR A 259 -3.60 -33.26 -2.33
C TYR A 259 -4.87 -32.94 -1.54
N GLN A 260 -5.37 -33.92 -0.78
CA GLN A 260 -6.57 -33.67 0.03
C GLN A 260 -6.28 -32.65 1.13
N VAL A 261 -5.11 -32.76 1.78
CA VAL A 261 -4.76 -31.77 2.80
C VAL A 261 -4.73 -30.35 2.19
N MET A 262 -4.05 -30.22 1.04
CA MET A 262 -4.03 -28.94 0.34
C MET A 262 -5.45 -28.48 0.02
N THR A 263 -6.32 -29.43 -0.35
CA THR A 263 -7.70 -29.14 -0.74
C THR A 263 -8.49 -28.58 0.43
N PHE A 264 -8.42 -29.25 1.60
CA PHE A 264 -9.01 -28.71 2.82
C PHE A 264 -8.64 -27.25 3.01
N LEU A 265 -7.36 -26.90 2.78
CA LEU A 265 -6.95 -25.51 2.96
C LEU A 265 -7.48 -24.60 1.85
N ILE A 266 -7.46 -25.09 0.61
CA ILE A 266 -7.93 -24.30 -0.54
C ILE A 266 -9.39 -23.93 -0.35
N ALA A 267 -10.21 -24.95 -0.09
CA ALA A 267 -11.66 -24.89 -0.11
C ALA A 267 -12.24 -24.53 1.25
N GLY A 268 -11.43 -24.54 2.30
CA GLY A 268 -12.02 -24.32 3.60
C GLY A 268 -11.75 -22.97 4.21
N HIS A 269 -10.69 -22.25 3.84
CA HIS A 269 -10.45 -21.14 4.74
C HIS A 269 -11.18 -19.87 4.30
N GLU A 270 -11.14 -19.50 3.01
CA GLU A 270 -11.74 -18.22 2.63
C GLU A 270 -13.25 -18.32 2.45
N THR A 271 -13.78 -19.51 2.17
CA THR A 271 -15.24 -19.69 2.24
C THR A 271 -15.74 -19.44 3.66
N THR A 272 -15.17 -20.13 4.64
CA THR A 272 -15.61 -20.05 6.03
C THR A 272 -15.30 -18.69 6.64
N SER A 273 -14.08 -18.16 6.43
CA SER A 273 -13.79 -16.84 6.97
C SER A 273 -14.69 -15.80 6.30
N GLY A 274 -14.94 -15.94 5.00
CA GLY A 274 -15.90 -15.06 4.36
C GLY A 274 -17.26 -15.11 5.02
N LEU A 275 -17.79 -16.32 5.23
CA LEU A 275 -19.10 -16.46 5.88
C LEU A 275 -19.09 -15.72 7.21
N LEU A 276 -18.00 -15.86 7.97
CA LEU A 276 -17.94 -15.28 9.30
C LEU A 276 -17.84 -13.76 9.27
N ALA A 277 -17.02 -13.22 8.39
CA ALA A 277 -16.93 -11.77 8.22
C ALA A 277 -18.24 -11.18 7.75
N PHE A 278 -18.89 -11.82 6.78
CA PHE A 278 -20.17 -11.31 6.31
C PHE A 278 -21.21 -11.36 7.42
N THR A 279 -21.15 -12.38 8.27
CA THR A 279 -22.12 -12.46 9.36
C THR A 279 -21.92 -11.34 10.37
N LEU A 280 -20.68 -11.08 10.76
CA LEU A 280 -20.47 -9.96 11.67
C LEU A 280 -20.92 -8.64 11.01
N TYR A 281 -20.66 -8.47 9.71
CA TYR A 281 -21.20 -7.31 9.00
C TYR A 281 -22.73 -7.24 9.10
N LEU A 282 -23.40 -8.35 8.77
CA LEU A 282 -24.87 -8.39 8.75
C LEU A 282 -25.45 -8.13 10.14
N LEU A 283 -24.80 -8.64 11.17
CA LEU A 283 -25.24 -8.40 12.53
C LEU A 283 -25.07 -6.93 12.90
N LEU A 284 -23.95 -6.31 12.47
CA LEU A 284 -23.82 -4.87 12.68
C LEU A 284 -24.90 -4.09 11.94
N ARG A 285 -25.37 -4.59 10.79
CA ARG A 285 -26.39 -3.85 10.04
C ARG A 285 -27.83 -4.19 10.43
N HIS A 286 -28.05 -5.29 11.16
CA HIS A 286 -29.39 -5.71 11.63
C HIS A 286 -29.30 -6.01 13.12
N PRO A 287 -29.12 -4.97 13.94
CA PRO A 287 -28.76 -5.18 15.35
C PRO A 287 -29.87 -5.84 16.20
N HIS A 288 -31.13 -5.86 15.75
CA HIS A 288 -32.13 -6.60 16.51
C HIS A 288 -31.80 -8.09 16.47
N VAL A 289 -31.36 -8.57 15.31
CA VAL A 289 -30.90 -9.96 15.19
C VAL A 289 -29.75 -10.20 16.15
N LEU A 290 -28.80 -9.26 16.19
CA LEU A 290 -27.68 -9.37 17.11
C LEU A 290 -28.18 -9.45 18.54
N ALA A 291 -29.24 -8.70 18.87
CA ALA A 291 -29.79 -8.75 20.23
C ALA A 291 -30.28 -10.15 20.56
N GLN A 292 -31.03 -10.75 19.62
CA GLN A 292 -31.53 -12.11 19.82
C GLN A 292 -30.39 -13.11 20.00
N ALA A 293 -29.30 -12.92 19.23
CA ALA A 293 -28.16 -13.83 19.38
C ALA A 293 -27.45 -13.66 20.74
N TYR A 294 -27.29 -12.42 21.19
CA TYR A 294 -26.76 -12.22 22.54
C TYR A 294 -27.64 -12.91 23.60
N ALA A 295 -28.96 -12.82 23.43
CA ALA A 295 -29.88 -13.49 24.35
C ALA A 295 -29.65 -15.01 24.37
N GLU A 296 -29.53 -15.61 23.18
CA GLU A 296 -29.27 -17.05 23.09
C GLU A 296 -27.97 -17.42 23.81
N VAL A 297 -26.90 -16.66 23.53
CA VAL A 297 -25.58 -16.90 24.12
C VAL A 297 -25.65 -16.82 25.64
N ASP A 298 -26.38 -15.84 26.16
CA ASP A 298 -26.46 -15.67 27.62
C ASP A 298 -27.34 -16.74 28.24
N ARG A 299 -28.34 -17.20 27.50
CA ARG A 299 -29.15 -18.33 27.94
C ARG A 299 -28.30 -19.58 28.08
N LEU A 300 -27.43 -19.83 27.11
CA LEU A 300 -26.70 -21.10 27.09
C LEU A 300 -25.34 -21.05 27.77
N LEU A 301 -24.67 -19.89 27.80
CA LEU A 301 -23.34 -19.77 28.39
C LEU A 301 -23.26 -18.63 29.40
N PRO A 302 -23.91 -18.75 30.55
CA PRO A 302 -23.79 -17.70 31.56
C PRO A 302 -22.36 -17.64 32.09
N GLY A 303 -21.99 -16.46 32.59
CA GLY A 303 -20.65 -16.23 33.10
C GLY A 303 -19.63 -16.61 32.06
N ASP A 304 -18.54 -17.25 32.50
CA ASP A 304 -17.47 -17.59 31.59
C ASP A 304 -17.51 -19.07 31.24
N ALA A 305 -18.71 -19.65 31.28
CA ALA A 305 -18.90 -21.04 30.94
C ALA A 305 -18.32 -21.37 29.57
N VAL A 306 -17.65 -22.51 29.49
CA VAL A 306 -17.01 -22.99 28.29
C VAL A 306 -17.97 -23.96 27.61
N PRO A 307 -18.29 -23.77 26.34
CA PRO A 307 -19.26 -24.65 25.69
C PRO A 307 -18.67 -26.02 25.41
N THR A 308 -19.58 -26.99 25.24
CA THR A 308 -19.33 -28.29 24.64
C THR A 308 -19.93 -28.31 23.24
N TYR A 309 -19.67 -29.41 22.52
CA TYR A 309 -20.37 -29.65 21.25
C TYR A 309 -21.88 -29.65 21.44
N ASP A 310 -22.34 -30.17 22.58
CA ASP A 310 -23.77 -30.14 22.88
C ASP A 310 -24.28 -28.70 22.91
N THR A 311 -23.52 -27.80 23.53
CA THR A 311 -23.93 -26.41 23.52
C THR A 311 -24.19 -25.94 22.11
N VAL A 312 -23.23 -26.20 21.22
CA VAL A 312 -23.36 -25.76 19.83
C VAL A 312 -24.63 -26.33 19.21
N MET A 313 -24.93 -27.60 19.49
CA MET A 313 -26.07 -28.25 18.87
C MET A 313 -27.39 -27.80 19.48
N ARG A 314 -27.35 -27.19 20.66
CA ARG A 314 -28.56 -26.63 21.25
C ARG A 314 -28.87 -25.23 20.76
N LEU A 315 -28.02 -24.65 19.91
CA LEU A 315 -28.23 -23.32 19.35
C LEU A 315 -29.38 -23.31 18.34
N ASP A 316 -30.10 -22.18 18.28
CA ASP A 316 -31.19 -21.99 17.31
C ASP A 316 -31.05 -20.70 16.51
N VAL A 317 -30.91 -19.57 17.21
CA VAL A 317 -30.78 -18.27 16.54
C VAL A 317 -29.52 -18.24 15.68
N ILE A 318 -28.37 -18.62 16.24
CA ILE A 318 -27.09 -18.48 15.54
C ILE A 318 -27.04 -19.34 14.27
N PRO A 319 -27.42 -20.63 14.28
CA PRO A 319 -27.57 -21.36 13.02
C PRO A 319 -28.45 -20.65 11.99
N ARG A 320 -29.61 -20.11 12.39
CA ARG A 320 -30.47 -19.50 11.38
C ARG A 320 -29.88 -18.20 10.85
N ILE A 321 -29.15 -17.48 11.70
CA ILE A 321 -28.37 -16.33 11.24
C ILE A 321 -27.44 -16.75 10.13
N LEU A 322 -26.72 -17.86 10.34
CA LEU A 322 -25.73 -18.29 9.36
C LEU A 322 -26.40 -18.70 8.05
N ASP A 323 -27.53 -19.42 8.14
CA ASP A 323 -28.28 -19.82 6.96
C ASP A 323 -28.67 -18.58 6.13
N GLU A 324 -29.22 -17.54 6.78
CA GLU A 324 -29.61 -16.33 6.07
C GLU A 324 -28.40 -15.51 5.60
N ALA A 325 -27.29 -15.51 6.36
CA ALA A 325 -26.11 -14.80 5.88
C ALA A 325 -25.62 -15.44 4.59
N LEU A 326 -25.64 -16.78 4.53
CA LEU A 326 -25.28 -17.47 3.30
C LEU A 326 -26.31 -17.21 2.19
N ARG A 327 -27.55 -16.88 2.54
CA ARG A 327 -28.45 -16.46 1.46
C ARG A 327 -28.07 -15.09 0.91
N PHE A 328 -27.77 -14.11 1.77
CA PHE A 328 -27.32 -12.80 1.28
C PHE A 328 -25.94 -12.86 0.62
N TRP A 329 -24.97 -13.59 1.18
CA TRP A 329 -23.56 -13.42 0.82
C TRP A 329 -22.82 -14.77 0.80
N SER A 330 -23.37 -15.71 0.03
CA SER A 330 -22.71 -16.99 -0.23
C SER A 330 -21.33 -16.78 -0.86
N THR A 331 -20.31 -17.37 -0.24
CA THR A 331 -18.95 -16.95 -0.53
C THR A 331 -18.33 -17.61 -1.76
N ILE A 332 -18.89 -18.72 -2.25
CA ILE A 332 -18.55 -19.11 -3.63
C ILE A 332 -19.77 -18.81 -4.48
N PRO A 333 -19.83 -17.66 -5.11
CA PRO A 333 -21.10 -17.18 -5.70
C PRO A 333 -21.34 -17.46 -7.19
N ASN A 334 -20.47 -18.15 -7.92
CA ASN A 334 -20.71 -18.25 -9.37
C ASN A 334 -20.13 -19.53 -9.94
N TYR A 335 -20.21 -20.62 -9.18
CA TYR A 335 -19.75 -21.91 -9.67
C TYR A 335 -20.68 -22.43 -10.76
N ALA A 336 -20.11 -23.24 -11.66
CA ALA A 336 -20.74 -23.54 -12.94
C ALA A 336 -20.81 -25.04 -13.20
N VAL A 337 -21.82 -25.40 -14.01
CA VAL A 337 -22.00 -26.76 -14.51
C VAL A 337 -21.75 -26.78 -16.01
N THR A 338 -21.45 -27.97 -16.52
CA THR A 338 -21.19 -28.18 -17.93
C THR A 338 -22.21 -29.16 -18.52
N ALA A 339 -22.71 -28.81 -19.70
CA ALA A 339 -23.69 -29.62 -20.40
C ALA A 339 -23.03 -30.90 -20.91
N LEU A 340 -23.59 -32.06 -20.49
CA LEU A 340 -23.07 -33.37 -20.94
C LEU A 340 -23.41 -33.62 -22.40
N GLN A 341 -24.62 -33.27 -22.81
CA GLN A 341 -25.10 -33.39 -24.16
C GLN A 341 -25.72 -32.05 -24.55
N ASP A 342 -26.08 -31.90 -25.81
CA ASP A 342 -26.96 -30.81 -26.17
C ASP A 342 -28.23 -30.89 -25.32
N GLU A 343 -28.59 -29.77 -24.68
CA GLU A 343 -29.70 -29.71 -23.75
C GLU A 343 -30.59 -28.52 -24.11
N VAL A 344 -31.84 -28.60 -23.67
CA VAL A 344 -32.80 -27.53 -23.81
C VAL A 344 -33.43 -27.34 -22.45
N ILE A 345 -33.24 -26.16 -21.88
CA ILE A 345 -33.78 -25.83 -20.57
C ILE A 345 -34.88 -24.80 -20.77
N GLY A 346 -35.87 -24.84 -19.87
CA GLY A 346 -37.04 -23.99 -19.92
C GLY A 346 -37.93 -24.22 -21.11
N GLY A 347 -37.72 -25.33 -21.81
CA GLY A 347 -38.42 -25.63 -23.04
C GLY A 347 -38.11 -24.66 -24.16
N LYS A 348 -37.07 -23.83 -24.02
CA LYS A 348 -36.82 -22.72 -24.94
C LYS A 348 -35.35 -22.60 -25.33
N TYR A 349 -34.44 -22.79 -24.36
CA TYR A 349 -33.07 -22.32 -24.43
C TYR A 349 -32.11 -23.48 -24.66
N GLU A 350 -31.30 -23.42 -25.73
CA GLU A 350 -30.36 -24.48 -26.03
C GLU A 350 -29.05 -24.25 -25.30
N ILE A 351 -28.52 -25.29 -24.69
CA ILE A 351 -27.18 -25.33 -24.11
C ILE A 351 -26.43 -26.45 -24.80
N ARG A 352 -25.43 -26.10 -25.61
CA ARG A 352 -24.69 -27.09 -26.38
C ARG A 352 -23.79 -27.95 -25.50
N LYS A 353 -23.57 -29.19 -25.94
CA LYS A 353 -22.59 -30.03 -25.28
C LYS A 353 -21.30 -29.27 -25.03
N GLY A 354 -20.84 -29.31 -23.77
CA GLY A 354 -19.63 -28.65 -23.35
C GLY A 354 -19.78 -27.20 -22.94
N GLN A 355 -20.90 -26.56 -23.25
CA GLN A 355 -21.12 -25.18 -22.80
C GLN A 355 -21.26 -25.15 -21.27
N GLN A 356 -20.52 -24.23 -20.64
CA GLN A 356 -20.67 -23.95 -19.21
C GLN A 356 -21.87 -23.05 -18.95
N VAL A 357 -22.60 -23.31 -17.87
CA VAL A 357 -23.62 -22.41 -17.36
C VAL A 357 -23.30 -22.11 -15.91
N ALA A 358 -23.03 -20.84 -15.62
CA ALA A 358 -22.78 -20.42 -14.24
C ALA A 358 -24.10 -20.24 -13.48
N LEU A 359 -24.16 -20.78 -12.26
CA LEU A 359 -25.26 -20.47 -11.35
C LEU A 359 -25.00 -19.12 -10.69
N LEU A 360 -25.85 -18.14 -10.97
CA LEU A 360 -25.66 -16.79 -10.41
C LEU A 360 -26.29 -16.74 -9.01
N ILE A 361 -25.52 -17.26 -8.04
CA ILE A 361 -26.05 -17.52 -6.70
C ILE A 361 -26.70 -16.30 -6.06
N PRO A 362 -26.09 -15.11 -6.06
CA PRO A 362 -26.79 -13.97 -5.46
C PRO A 362 -28.15 -13.71 -6.08
N ALA A 363 -28.25 -13.80 -7.41
CA ALA A 363 -29.54 -13.56 -8.05
C ALA A 363 -30.52 -14.68 -7.72
N LEU A 364 -30.04 -15.93 -7.67
CA LEU A 364 -30.88 -17.07 -7.31
C LEU A 364 -31.36 -16.99 -5.86
N HIS A 365 -30.44 -16.67 -4.95
CA HIS A 365 -30.74 -16.60 -3.53
C HIS A 365 -31.70 -15.47 -3.20
N ARG A 366 -31.92 -14.57 -4.16
CA ARG A 366 -32.80 -13.42 -4.02
C ARG A 366 -33.91 -13.38 -5.08
N HIS A 367 -34.23 -14.50 -5.69
CA HIS A 367 -35.22 -14.47 -6.78
C HIS A 367 -36.61 -14.25 -6.21
N PRO A 368 -37.35 -13.23 -6.67
CA PRO A 368 -38.67 -12.96 -6.06
C PRO A 368 -39.66 -14.12 -6.18
N ALA A 369 -39.56 -14.94 -7.23
CA ALA A 369 -40.46 -16.08 -7.35
C ALA A 369 -40.24 -17.14 -6.25
N ALA A 370 -39.08 -17.12 -5.60
CA ALA A 370 -38.76 -18.13 -4.61
C ALA A 370 -38.62 -17.58 -3.21
N TRP A 371 -38.46 -16.27 -3.05
CA TRP A 371 -38.21 -15.65 -1.76
C TRP A 371 -39.13 -14.45 -1.62
N THR A 372 -40.02 -14.50 -0.64
CA THR A 372 -40.82 -13.31 -0.30
C THR A 372 -39.91 -12.23 0.27
N ASN A 373 -40.08 -11.00 -0.18
CA ASN A 373 -39.23 -9.88 0.22
C ASN A 373 -37.76 -10.28 0.15
N PRO A 374 -37.24 -10.57 -1.03
CA PRO A 374 -35.90 -11.17 -1.11
C PRO A 374 -34.80 -10.29 -0.57
N ASP A 375 -34.95 -8.97 -0.57
CA ASP A 375 -33.84 -8.12 -0.12
C ASP A 375 -33.88 -7.88 1.39
N GLU A 376 -34.73 -8.58 2.12
CA GLU A 376 -34.89 -8.41 3.55
C GLU A 376 -34.17 -9.53 4.32
N PHE A 377 -33.33 -9.15 5.30
CA PHE A 377 -32.66 -10.11 6.16
C PHE A 377 -33.65 -10.61 7.20
N ASP A 378 -33.95 -11.91 7.16
CA ASP A 378 -34.99 -12.47 8.01
C ASP A 378 -34.60 -13.89 8.39
N ILE A 379 -34.23 -14.11 9.67
CA ILE A 379 -33.77 -15.42 10.09
C ILE A 379 -34.92 -16.39 10.32
N ASP A 380 -36.16 -15.89 10.38
CA ASP A 380 -37.29 -16.81 10.56
C ASP A 380 -37.58 -17.63 9.31
N ARG A 381 -37.00 -17.27 8.15
CA ARG A 381 -37.08 -18.13 6.98
C ARG A 381 -36.57 -19.52 7.28
N TRP A 382 -35.77 -19.69 8.35
CA TRP A 382 -34.96 -20.88 8.54
C TRP A 382 -35.38 -21.73 9.73
N THR A 383 -36.55 -21.44 10.34
CA THR A 383 -37.14 -22.38 11.30
C THR A 383 -37.46 -23.68 10.55
N SER A 384 -37.47 -24.82 11.28
CA SER A 384 -37.85 -26.09 10.64
C SER A 384 -39.09 -25.97 9.77
N GLU A 385 -40.10 -25.25 10.28
CA GLU A 385 -41.36 -25.17 9.56
C GLU A 385 -41.23 -24.37 8.26
N ASN A 386 -40.66 -23.17 8.31
CA ASN A 386 -40.56 -22.34 7.11
C ASN A 386 -39.49 -22.86 6.13
N ARG A 387 -38.44 -23.50 6.64
CA ARG A 387 -37.41 -24.08 5.77
C ARG A 387 -38.04 -25.08 4.81
N ARG A 388 -39.04 -25.83 5.27
CA ARG A 388 -39.68 -26.84 4.45
C ARG A 388 -40.35 -26.25 3.20
N THR A 389 -40.67 -24.96 3.19
CA THR A 389 -41.47 -24.40 2.10
C THR A 389 -40.64 -23.67 1.05
N HIS A 390 -39.32 -23.75 1.11
CA HIS A 390 -38.48 -23.07 0.13
C HIS A 390 -38.53 -23.81 -1.19
N HIS A 391 -38.29 -23.07 -2.28
CA HIS A 391 -38.05 -23.70 -3.57
C HIS A 391 -36.83 -24.60 -3.46
N PRO A 392 -36.95 -25.89 -3.85
CA PRO A 392 -35.85 -26.84 -3.62
C PRO A 392 -34.60 -26.58 -4.43
N ALA A 393 -34.62 -25.66 -5.38
CA ALA A 393 -33.44 -25.40 -6.18
C ALA A 393 -32.95 -23.96 -6.02
N ALA A 394 -33.47 -23.20 -5.05
CA ALA A 394 -33.16 -21.79 -4.93
C ALA A 394 -32.16 -21.47 -3.81
N TYR A 395 -31.58 -22.48 -3.16
CA TYR A 395 -30.64 -22.27 -2.07
C TYR A 395 -29.49 -23.26 -2.22
N LYS A 396 -28.37 -22.79 -2.75
CA LYS A 396 -27.26 -23.67 -3.11
C LYS A 396 -25.90 -23.14 -2.65
N PRO A 397 -25.78 -22.71 -1.37
CA PRO A 397 -24.49 -22.14 -0.94
C PRO A 397 -23.40 -23.19 -0.79
N PHE A 398 -23.77 -24.46 -0.63
CA PHE A 398 -22.82 -25.55 -0.50
C PHE A 398 -22.84 -26.44 -1.76
N GLY A 399 -23.04 -25.83 -2.93
CA GLY A 399 -22.96 -26.57 -4.18
C GLY A 399 -24.13 -27.52 -4.39
N ASN A 400 -23.90 -28.51 -5.24
CA ASN A 400 -24.98 -29.35 -5.75
C ASN A 400 -24.53 -30.79 -5.94
N GLY A 401 -25.43 -31.73 -5.60
CA GLY A 401 -25.33 -33.12 -5.97
C GLY A 401 -24.13 -33.76 -5.34
N MET A 402 -23.56 -34.74 -6.06
N MET A 402 -23.54 -34.75 -6.03
CA MET A 402 -22.35 -35.44 -5.61
CA MET A 402 -22.36 -35.41 -5.46
C MET A 402 -21.18 -34.47 -5.41
C MET A 402 -21.15 -34.48 -5.42
N ARG A 403 -21.16 -33.37 -6.17
CA ARG A 403 -20.12 -32.36 -6.09
C ARG A 403 -20.47 -31.25 -5.08
N ALA A 404 -21.31 -31.56 -4.10
CA ALA A 404 -21.62 -30.60 -3.06
C ALA A 404 -20.45 -30.48 -2.09
N CYS A 405 -20.48 -29.42 -1.28
CA CYS A 405 -19.47 -29.20 -0.25
C CYS A 405 -19.39 -30.37 0.71
N ILE A 406 -18.23 -31.03 0.79
CA ILE A 406 -18.09 -32.06 1.82
C ILE A 406 -17.77 -31.46 3.17
N GLY A 407 -17.30 -30.20 3.20
CA GLY A 407 -16.90 -29.50 4.40
C GLY A 407 -18.02 -28.76 5.11
N ARG A 408 -19.26 -28.83 4.59
CA ARG A 408 -20.37 -28.02 5.08
C ARG A 408 -20.53 -28.11 6.60
N GLN A 409 -20.59 -29.33 7.15
CA GLN A 409 -20.86 -29.48 8.58
C GLN A 409 -19.69 -28.95 9.42
N PHE A 410 -18.46 -29.18 8.95
CA PHE A 410 -17.29 -28.59 9.59
C PHE A 410 -17.38 -27.07 9.60
N ALA A 411 -17.66 -26.49 8.43
CA ALA A 411 -17.74 -25.03 8.33
C ALA A 411 -18.76 -24.48 9.30
N LEU A 412 -20.00 -25.00 9.22
CA LEU A 412 -21.10 -24.47 10.02
C LEU A 412 -20.84 -24.66 11.51
N THR A 413 -20.25 -25.80 11.89
CA THR A 413 -19.90 -25.98 13.29
C THR A 413 -18.88 -24.92 13.72
N GLU A 414 -17.87 -24.71 12.86
CA GLU A 414 -16.76 -23.86 13.25
C GLU A 414 -17.34 -22.45 13.51
N ALA A 415 -18.18 -21.99 12.58
CA ALA A 415 -18.77 -20.64 12.60
C ALA A 415 -19.76 -20.46 13.74
N LYS A 416 -20.66 -21.44 13.96
CA LYS A 416 -21.52 -21.40 15.13
C LYS A 416 -20.69 -21.16 16.39
N LEU A 417 -19.61 -21.95 16.57
CA LEU A 417 -18.81 -21.88 17.80
C LEU A 417 -18.09 -20.56 17.94
N ALA A 418 -17.46 -20.10 16.85
CA ALA A 418 -16.77 -18.81 16.87
C ALA A 418 -17.73 -17.71 17.30
N LEU A 419 -18.92 -17.70 16.68
CA LEU A 419 -19.88 -16.64 16.98
C LEU A 419 -20.34 -16.72 18.42
N LEU A 420 -20.64 -17.94 18.89
CA LEU A 420 -21.03 -18.16 20.28
C LEU A 420 -20.00 -17.58 21.25
N LEU A 421 -18.73 -17.89 21.04
CA LEU A 421 -17.72 -17.41 21.98
C LEU A 421 -17.53 -15.89 21.86
N ILE A 422 -17.52 -15.38 20.63
CA ILE A 422 -17.32 -13.94 20.41
C ILE A 422 -18.42 -13.15 21.10
N LEU A 423 -19.67 -13.56 20.90
CA LEU A 423 -20.78 -12.81 21.46
C LEU A 423 -20.88 -13.04 22.95
N GLN A 424 -20.36 -14.18 23.45
CA GLN A 424 -20.25 -14.34 24.89
C GLN A 424 -19.37 -13.25 25.49
N LYS A 425 -18.20 -13.01 24.89
CA LYS A 425 -17.25 -12.08 25.52
C LYS A 425 -17.47 -10.61 25.15
N PHE A 426 -17.85 -10.33 23.90
CA PHE A 426 -17.58 -9.00 23.34
C PHE A 426 -18.85 -8.25 22.98
N ALA A 427 -18.88 -6.98 23.37
CA ALA A 427 -19.73 -5.96 22.77
C ALA A 427 -19.10 -5.47 21.47
N LEU A 428 -19.85 -5.62 20.37
CA LEU A 428 -19.42 -5.22 19.03
C LEU A 428 -19.70 -3.74 18.80
N SER A 429 -18.81 -3.11 18.03
CA SER A 429 -18.85 -1.67 17.84
C SER A 429 -18.29 -1.35 16.46
N ASP A 430 -18.89 -0.35 15.79
CA ASP A 430 -18.58 0.04 14.41
C ASP A 430 -18.10 1.48 14.38
N PRO A 431 -16.79 1.74 14.51
CA PRO A 431 -16.34 3.14 14.68
C PRO A 431 -16.21 3.92 13.38
N TYR A 432 -16.21 3.29 12.21
CA TYR A 432 -15.91 3.98 10.96
C TYR A 432 -17.08 4.01 9.99
N ASP A 433 -18.27 3.57 10.39
CA ASP A 433 -19.40 3.46 9.47
C ASP A 433 -19.00 2.60 8.27
N TYR A 434 -18.60 1.36 8.55
CA TYR A 434 -18.04 0.50 7.52
C TYR A 434 -18.94 0.51 6.28
N HIS A 435 -18.38 0.90 5.13
CA HIS A 435 -19.06 0.77 3.85
C HIS A 435 -18.64 -0.55 3.22
N LEU A 436 -19.62 -1.44 2.99
CA LEU A 436 -19.31 -2.77 2.47
C LEU A 436 -18.59 -2.67 1.14
N LYS A 437 -17.40 -3.26 1.08
CA LYS A 437 -16.56 -3.38 -0.12
C LYS A 437 -16.24 -4.86 -0.27
N VAL A 438 -16.77 -5.47 -1.33
CA VAL A 438 -16.64 -6.90 -1.59
C VAL A 438 -15.52 -7.16 -2.59
N LYS A 439 -14.63 -8.10 -2.27
CA LYS A 439 -13.59 -8.51 -3.21
C LYS A 439 -13.83 -9.95 -3.62
N GLN A 440 -13.70 -10.21 -4.92
CA GLN A 440 -13.91 -11.50 -5.54
C GLN A 440 -12.57 -12.07 -6.02
N SER A 441 -12.26 -13.29 -5.57
CA SER A 441 -11.18 -14.14 -6.05
C SER A 441 -11.77 -15.51 -6.33
N LEU A 442 -11.27 -16.56 -5.68
CA LEU A 442 -12.03 -17.81 -5.67
C LEU A 442 -13.35 -17.60 -4.94
N THR A 443 -13.33 -16.78 -3.88
CA THR A 443 -14.44 -16.49 -2.98
C THR A 443 -14.71 -14.98 -3.00
N ILE A 444 -15.77 -14.57 -2.31
CA ILE A 444 -16.08 -13.17 -2.06
C ILE A 444 -15.95 -12.90 -0.58
N LYS A 445 -15.68 -11.64 -0.29
CA LYS A 445 -15.24 -11.42 1.08
C LYS A 445 -15.31 -9.94 1.39
N PRO A 446 -15.72 -9.53 2.61
CA PRO A 446 -15.65 -8.10 2.96
C PRO A 446 -14.21 -7.67 3.19
N GLU A 447 -13.84 -6.53 2.59
CA GLU A 447 -12.47 -6.06 2.64
C GLU A 447 -12.41 -4.78 3.45
N ASP A 448 -11.30 -4.56 4.16
CA ASP A 448 -11.07 -3.32 4.92
C ASP A 448 -12.17 -3.08 5.95
N PHE A 449 -12.71 -4.17 6.49
CA PHE A 449 -13.76 -4.18 7.49
C PHE A 449 -13.11 -4.20 8.87
N ALA A 450 -13.18 -3.08 9.58
CA ALA A 450 -12.70 -2.99 10.95
C ALA A 450 -13.89 -2.83 11.91
N LEU A 451 -13.82 -3.50 13.06
CA LEU A 451 -14.72 -3.19 14.16
C LEU A 451 -13.90 -3.08 15.44
N ARG A 452 -14.58 -2.68 16.53
CA ARG A 452 -13.99 -2.63 17.86
C ARG A 452 -14.81 -3.46 18.85
N VAL A 453 -14.14 -4.08 19.82
CA VAL A 453 -14.83 -4.93 20.79
C VAL A 453 -14.49 -4.50 22.21
N ARG A 454 -15.46 -4.70 23.12
CA ARG A 454 -15.21 -4.43 24.54
C ARG A 454 -15.81 -5.56 25.37
N GLU A 455 -15.06 -6.01 26.39
CA GLU A 455 -15.57 -7.04 27.30
C GLU A 455 -16.97 -6.70 27.80
N ARG A 456 -17.89 -7.64 27.66
CA ARG A 456 -19.21 -7.46 28.25
C ARG A 456 -19.11 -7.52 29.77
N ARG A 457 -19.73 -6.59 30.42
CA ARG A 457 -19.62 -6.64 31.87
C ARG A 457 -20.73 -7.51 32.45
N PRO A 458 -20.53 -8.06 33.66
CA PRO A 458 -21.53 -9.04 34.20
C PRO A 458 -22.97 -8.57 34.19
N HIS A 459 -23.22 -7.34 34.64
CA HIS A 459 -24.56 -6.77 34.65
C HIS A 459 -25.10 -6.52 33.25
N GLU A 460 -24.29 -6.70 32.22
CA GLU A 460 -24.68 -6.50 30.84
C GLU A 460 -25.14 -7.77 30.15
N ARG A 461 -25.03 -8.91 30.83
CA ARG A 461 -25.54 -10.17 30.31
C ARG A 461 -27.01 -10.29 30.64
N PHE A 462 -27.73 -11.05 29.81
CA PHE A 462 -29.15 -11.35 30.07
C PHE A 462 -29.25 -12.63 30.92
N SER A 463 -30.47 -13.04 31.25
CA SER A 463 -30.76 -14.11 32.22
C SER A 463 -30.41 -13.85 33.68
N VAL A 464 -31.14 -14.54 34.55
CA VAL A 464 -30.92 -14.61 35.97
C VAL A 464 -31.09 -16.06 36.37
N ARG B 3 1.62 35.26 38.60
CA ARG B 3 0.59 35.89 37.79
C ARG B 3 1.21 36.60 36.58
N ILE B 4 1.56 35.80 35.58
CA ILE B 4 2.09 36.31 34.31
C ILE B 4 1.10 35.95 33.20
N LEU B 5 0.52 36.97 32.59
CA LEU B 5 -0.48 36.75 31.55
C LEU B 5 0.15 36.23 30.26
N ALA B 6 -0.41 35.16 29.73
CA ALA B 6 0.06 34.67 28.44
C ALA B 6 -0.92 35.06 27.34
N PRO B 7 -0.45 35.28 26.11
CA PRO B 7 -1.40 35.43 24.99
C PRO B 7 -2.22 34.15 24.79
N ILE B 8 -3.49 34.36 24.46
CA ILE B 8 -4.39 33.26 24.15
C ILE B 8 -3.96 32.60 22.85
N PRO B 9 -3.78 31.29 22.82
CA PRO B 9 -3.33 30.61 21.60
C PRO B 9 -4.18 30.99 20.41
N SER B 10 -3.52 31.15 19.26
CA SER B 10 -4.21 31.48 18.02
C SER B 10 -3.94 30.43 16.95
N PRO B 11 -4.98 29.86 16.34
CA PRO B 11 -4.78 28.75 15.37
C PRO B 11 -4.13 29.24 14.09
N PRO B 12 -3.69 28.34 13.22
CA PRO B 12 -3.02 28.77 11.99
C PRO B 12 -3.88 29.66 11.10
N LYS B 13 -3.24 30.69 10.55
CA LYS B 13 -3.83 31.63 9.61
C LYS B 13 -3.73 31.07 8.19
N HIS B 14 -4.84 31.23 7.42
CA HIS B 14 -4.87 31.01 5.97
C HIS B 14 -4.33 32.27 5.28
N PRO B 15 -3.61 32.11 4.16
CA PRO B 15 -2.99 33.31 3.54
C PRO B 15 -3.99 34.31 2.99
N GLN B 16 -5.12 33.86 2.44
CA GLN B 16 -6.13 34.84 2.06
C GLN B 16 -7.15 35.11 3.17
N TYR B 17 -7.65 34.08 3.85
CA TYR B 17 -8.82 34.18 4.71
C TYR B 17 -8.51 34.43 6.18
N GLY B 18 -7.25 34.49 6.60
CA GLY B 18 -7.01 34.60 8.03
C GLY B 18 -7.63 33.42 8.76
N HIS B 19 -8.65 33.68 9.59
CA HIS B 19 -9.34 32.62 10.33
C HIS B 19 -10.74 32.32 9.78
N LEU B 20 -11.21 33.06 8.77
CA LEU B 20 -12.55 32.87 8.22
C LEU B 20 -12.78 31.49 7.64
N HIS B 21 -11.71 30.79 7.24
CA HIS B 21 -11.95 29.46 6.70
C HIS B 21 -12.40 28.47 7.77
N TYR B 22 -12.12 28.72 9.05
CA TYR B 22 -12.68 27.86 10.09
C TYR B 22 -14.17 28.05 10.25
N LEU B 23 -14.76 29.08 9.62
CA LEU B 23 -16.20 29.27 9.66
C LEU B 23 -16.89 28.67 8.44
N ALA B 24 -16.12 28.17 7.49
CA ALA B 24 -16.69 27.49 6.32
C ALA B 24 -17.08 26.06 6.69
N GLY B 25 -17.74 25.41 5.74
CA GLY B 25 -18.04 24.00 5.88
C GLY B 25 -19.41 23.81 6.47
N ASP B 26 -19.78 22.54 6.62
CA ASP B 26 -21.12 22.19 7.10
C ASP B 26 -21.25 22.28 8.61
N ALA B 27 -20.13 22.21 9.32
CA ALA B 27 -20.14 22.11 10.78
C ALA B 27 -18.88 22.77 11.27
N PRO B 28 -18.84 24.10 11.26
CA PRO B 28 -17.61 24.78 11.70
C PRO B 28 -17.23 24.42 13.12
N VAL B 29 -18.20 23.96 13.92
CA VAL B 29 -17.90 23.53 15.28
C VAL B 29 -16.96 22.32 15.27
N LEU B 30 -17.02 21.48 14.22
CA LEU B 30 -16.03 20.40 14.09
C LEU B 30 -14.65 20.94 13.69
N ASN B 31 -14.58 22.02 12.90
CA ASN B 31 -13.28 22.64 12.64
C ASN B 31 -12.66 23.04 13.96
N PHE B 32 -13.48 23.67 14.82
CA PHE B 32 -13.05 24.04 16.16
C PHE B 32 -12.63 22.81 16.96
N PHE B 33 -13.42 21.74 16.90
CA PHE B 33 -13.10 20.52 17.65
C PHE B 33 -11.70 20.00 17.29
N GLN B 34 -11.40 19.89 16.00
CA GLN B 34 -10.07 19.39 15.62
C GLN B 34 -8.98 20.34 16.05
N LEU B 35 -9.23 21.65 15.96
CA LEU B 35 -8.23 22.59 16.44
C LEU B 35 -7.99 22.43 17.94
N ALA B 36 -9.08 22.34 18.71
CA ALA B 36 -9.02 22.21 20.16
C ALA B 36 -8.19 21.02 20.57
N ARG B 37 -8.42 19.88 19.93
CA ARG B 37 -7.69 18.68 20.31
C ARG B 37 -6.18 18.88 20.25
N GLN B 38 -5.70 19.84 19.43
CA GLN B 38 -4.27 20.08 19.25
C GLN B 38 -3.72 21.24 20.06
N ILE B 39 -4.57 21.99 20.78
CA ILE B 39 -4.16 23.18 21.53
C ILE B 39 -4.47 22.90 23.01
N PRO B 40 -3.57 22.26 23.74
CA PRO B 40 -3.92 21.76 25.07
C PRO B 40 -4.06 22.86 26.12
N GLU B 41 -3.76 24.12 25.80
CA GLU B 41 -3.99 25.21 26.75
C GLU B 41 -5.45 25.31 27.17
N GLY B 42 -6.36 24.73 26.40
CA GLY B 42 -7.76 24.72 26.74
C GLY B 42 -8.60 25.85 26.17
N LEU B 43 -8.04 26.70 25.34
CA LEU B 43 -8.80 27.78 24.72
C LEU B 43 -8.00 28.30 23.54
N PHE B 44 -8.71 28.91 22.58
CA PHE B 44 -8.02 29.62 21.52
C PHE B 44 -8.84 30.81 21.03
N GLN B 45 -8.22 31.58 20.15
CA GLN B 45 -8.68 32.90 19.78
C GLN B 45 -8.81 32.96 18.26
N LEU B 46 -9.95 33.42 17.77
CA LEU B 46 -10.21 33.58 16.35
C LEU B 46 -10.39 35.06 16.09
N ASP B 47 -9.62 35.58 15.13
CA ASP B 47 -9.77 36.95 14.68
C ASP B 47 -10.72 36.95 13.47
N ILE B 48 -11.96 37.42 13.66
CA ILE B 48 -13.01 37.32 12.63
C ILE B 48 -13.43 38.72 12.21
N GLN B 49 -13.25 39.02 10.92
CA GLN B 49 -13.66 40.25 10.24
C GLN B 49 -14.04 41.35 11.20
N GLY B 50 -13.06 41.81 11.98
CA GLY B 50 -13.39 42.79 12.99
C GLY B 50 -13.03 42.37 14.40
N ARG B 51 -13.87 41.54 15.02
CA ARG B 51 -13.77 41.28 16.44
C ARG B 51 -13.14 39.92 16.73
N THR B 52 -12.75 39.76 17.98
CA THR B 52 -12.16 38.55 18.52
C THR B 52 -13.25 37.61 19.06
N LEU B 53 -13.02 36.31 18.86
CA LEU B 53 -13.91 35.26 19.34
C LEU B 53 -13.07 34.21 20.05
N ILE B 54 -13.44 33.86 21.27
CA ILE B 54 -12.64 32.91 22.03
C ILE B 54 -13.44 31.62 22.19
N GLN B 55 -12.79 30.47 21.92
CA GLN B 55 -13.34 29.13 22.15
C GLN B 55 -12.65 28.52 23.38
N ALA B 56 -13.42 28.12 24.38
CA ALA B 56 -12.86 27.54 25.61
C ALA B 56 -13.45 26.15 25.86
N TYR B 57 -12.58 25.20 26.25
CA TYR B 57 -12.99 23.80 26.41
C TYR B 57 -12.30 23.11 27.59
N ASP B 58 -11.34 23.75 28.23
CA ASP B 58 -10.75 23.17 29.44
C ASP B 58 -11.78 23.14 30.56
N PRO B 59 -12.03 21.98 31.21
CA PRO B 59 -13.08 21.93 32.25
C PRO B 59 -12.90 23.00 33.30
N ASN B 60 -11.67 23.29 33.75
CA ASN B 60 -11.51 24.25 34.84
C ASN B 60 -11.70 25.69 34.38
N LEU B 61 -11.23 26.00 33.16
CA LEU B 61 -11.59 27.28 32.53
C LEU B 61 -13.11 27.44 32.44
N VAL B 62 -13.80 26.37 32.04
CA VAL B 62 -15.26 26.43 31.91
C VAL B 62 -15.91 26.63 33.27
N ALA B 63 -15.33 26.05 34.33
CA ALA B 63 -15.86 26.34 35.66
C ALA B 63 -15.80 27.85 35.90
N GLU B 64 -14.68 28.47 35.54
CA GLU B 64 -14.63 29.93 35.70
C GLU B 64 -15.66 30.63 34.81
N LEU B 65 -15.76 30.22 33.55
CA LEU B 65 -16.64 30.90 32.58
C LEU B 65 -18.12 30.69 32.87
N THR B 66 -18.44 29.63 33.60
CA THR B 66 -19.72 29.26 34.19
C THR B 66 -20.11 30.04 35.44
N ASP B 67 -19.22 30.86 36.02
CA ASP B 67 -19.53 31.61 37.23
C ASP B 67 -20.26 32.90 36.85
N GLU B 68 -21.57 32.95 37.14
CA GLU B 68 -22.36 34.09 36.70
C GLU B 68 -22.08 35.39 37.46
N ARG B 69 -21.18 35.42 38.45
CA ARG B 69 -20.66 36.69 38.95
C ARG B 69 -19.65 37.30 37.99
N ARG B 70 -19.08 36.46 37.12
CA ARG B 70 -17.98 36.82 36.24
C ARG B 70 -18.39 36.86 34.77
N PHE B 71 -19.15 35.88 34.29
CA PHE B 71 -19.60 35.89 32.89
C PHE B 71 -21.07 35.50 32.81
N GLN B 72 -21.76 36.13 31.85
CA GLN B 72 -23.19 35.93 31.71
C GLN B 72 -23.58 35.90 30.24
N LYS B 73 -24.58 35.08 29.92
CA LYS B 73 -25.22 35.17 28.62
C LYS B 73 -25.65 36.61 28.33
N ARG B 74 -25.26 37.12 27.16
CA ARG B 74 -25.77 38.39 26.66
C ARG B 74 -26.32 38.18 25.25
N VAL B 75 -27.31 39.00 24.89
CA VAL B 75 -27.88 38.96 23.55
C VAL B 75 -26.97 39.63 22.51
N HIS B 76 -26.17 40.67 22.93
CA HIS B 76 -24.97 41.24 22.28
C HIS B 76 -24.59 40.52 20.99
N PRO B 77 -24.54 41.24 19.85
CA PRO B 77 -24.29 40.63 18.54
C PRO B 77 -24.01 39.14 18.51
N ALA B 78 -25.04 38.30 18.73
CA ALA B 78 -24.90 36.84 18.70
C ALA B 78 -26.24 36.14 18.59
N TYR B 79 -27.23 36.64 19.34
CA TYR B 79 -28.61 36.23 19.22
C TYR B 79 -29.45 37.32 18.56
N THR B 80 -28.79 38.37 18.04
CA THR B 80 -29.47 39.49 17.39
C THR B 80 -30.43 39.00 16.30
N ASN B 81 -29.91 38.20 15.37
CA ASN B 81 -30.68 37.76 14.21
C ASN B 81 -31.80 36.80 14.62
N ILE B 82 -31.47 35.79 15.43
CA ILE B 82 -32.54 34.92 15.91
C ILE B 82 -33.59 35.70 16.72
N ARG B 83 -33.25 36.85 17.32
CA ARG B 83 -34.27 37.63 18.01
C ARG B 83 -35.37 38.08 17.06
N ASN B 84 -35.05 38.18 15.76
CA ASN B 84 -35.99 38.59 14.71
C ASN B 84 -37.29 37.79 14.73
N LEU B 85 -37.23 36.54 15.19
CA LEU B 85 -38.44 35.79 15.48
C LEU B 85 -38.60 35.36 16.93
N GLY B 86 -37.51 35.23 17.70
CA GLY B 86 -37.67 34.94 19.12
C GLY B 86 -38.18 36.12 19.94
N GLY B 87 -37.81 37.33 19.56
CA GLY B 87 -38.33 38.49 20.28
C GLY B 87 -37.69 38.65 21.64
N ASP B 88 -38.51 38.97 22.63
CA ASP B 88 -38.05 39.09 24.01
C ASP B 88 -38.60 37.94 24.85
N GLY B 89 -38.74 36.77 24.21
CA GLY B 89 -38.97 35.52 24.92
C GLY B 89 -37.69 35.00 25.59
N LEU B 90 -37.81 33.85 26.28
CA LEU B 90 -36.78 33.39 27.20
C LEU B 90 -35.41 33.27 26.53
N PHE B 91 -35.37 32.80 25.30
CA PHE B 91 -34.11 32.42 24.67
C PHE B 91 -33.37 33.62 24.09
N THR B 92 -34.06 34.65 23.62
CA THR B 92 -33.40 35.75 22.93
C THR B 92 -33.44 37.07 23.70
N SER B 93 -33.81 37.04 24.98
CA SER B 93 -33.82 38.24 25.79
C SER B 93 -32.68 38.22 26.80
N ASP B 94 -32.18 39.42 27.12
CA ASP B 94 -31.26 39.61 28.23
C ASP B 94 -32.01 39.49 29.57
N SER B 95 -31.33 38.87 30.56
CA SER B 95 -31.97 38.60 31.84
C SER B 95 -32.42 39.87 32.58
N PHE B 96 -31.87 41.03 32.25
CA PHE B 96 -32.32 42.26 32.86
C PHE B 96 -33.49 42.91 32.11
N GLU B 97 -34.01 42.30 31.05
CA GLU B 97 -35.31 42.75 30.57
C GLU B 97 -36.39 42.26 31.55
N PRO B 98 -37.37 43.10 31.90
CA PRO B 98 -38.40 42.67 32.85
C PRO B 98 -39.12 41.41 32.40
N ASN B 99 -39.35 41.30 31.08
CA ASN B 99 -40.04 40.15 30.53
C ASN B 99 -39.26 38.85 30.75
N TRP B 100 -37.92 38.90 30.71
CA TRP B 100 -37.15 37.69 31.03
C TRP B 100 -37.56 37.15 32.39
N GLY B 101 -37.49 38.00 33.43
CA GLY B 101 -37.76 37.52 34.77
C GLY B 101 -39.20 37.08 34.96
N LYS B 102 -40.15 37.82 34.41
CA LYS B 102 -41.52 37.42 34.63
C LYS B 102 -41.85 36.12 33.90
N ALA B 103 -41.52 36.04 32.60
CA ALA B 103 -41.69 34.78 31.87
C ALA B 103 -41.02 33.64 32.61
N HIS B 104 -39.81 33.89 33.15
CA HIS B 104 -39.06 32.85 33.82
C HIS B 104 -39.76 32.40 35.10
N ARG B 105 -40.15 33.36 35.95
CA ARG B 105 -40.76 33.00 37.22
C ARG B 105 -42.10 32.32 37.00
N ILE B 106 -42.77 32.68 35.90
CA ILE B 106 -44.06 32.09 35.54
C ILE B 106 -43.88 30.65 35.04
N LEU B 107 -42.94 30.42 34.12
CA LEU B 107 -42.84 29.17 33.38
C LEU B 107 -41.99 28.10 34.05
N LEU B 108 -41.06 28.45 34.94
CA LEU B 108 -40.33 27.39 35.64
C LEU B 108 -41.20 26.26 36.19
N PRO B 109 -42.27 26.52 36.96
CA PRO B 109 -43.03 25.39 37.51
C PRO B 109 -43.71 24.59 36.43
N ALA B 110 -44.06 25.24 35.33
CA ALA B 110 -44.66 24.54 34.19
C ALA B 110 -43.69 23.57 33.53
N PHE B 111 -42.39 23.76 33.71
CA PHE B 111 -41.38 23.08 32.93
C PHE B 111 -40.57 22.12 33.78
N SER B 112 -41.01 21.86 35.02
CA SER B 112 -40.24 21.05 35.95
C SER B 112 -40.65 19.60 35.80
N GLN B 113 -39.97 18.71 36.54
CA GLN B 113 -40.22 17.28 36.39
C GLN B 113 -41.63 16.89 36.86
N ARG B 114 -42.06 17.42 38.02
CA ARG B 114 -43.45 17.31 38.47
C ARG B 114 -44.46 17.50 37.34
N ALA B 115 -44.27 18.58 36.56
CA ALA B 115 -45.27 18.96 35.57
C ALA B 115 -45.33 18.00 34.39
N MET B 116 -44.32 17.14 34.22
CA MET B 116 -44.23 16.32 33.03
C MET B 116 -45.41 15.34 32.94
N LYS B 117 -45.93 14.89 34.08
CA LYS B 117 -47.16 14.10 34.06
C LYS B 117 -48.24 14.77 33.22
N GLY B 118 -48.42 16.08 33.41
CA GLY B 118 -49.45 16.82 32.69
C GLY B 118 -49.24 16.89 31.19
N TYR B 119 -48.03 16.61 30.72
CA TYR B 119 -47.79 16.61 29.29
C TYR B 119 -47.77 15.21 28.69
N PHE B 120 -47.79 14.16 29.53
CA PHE B 120 -47.50 12.82 29.04
C PHE B 120 -48.42 12.42 27.89
N GLY B 121 -49.73 12.47 28.14
CA GLY B 121 -50.68 12.07 27.13
C GLY B 121 -50.55 12.81 25.83
N GLN B 122 -50.07 14.07 25.88
CA GLN B 122 -49.82 14.79 24.64
C GLN B 122 -48.67 14.15 23.89
N MET B 123 -47.53 13.98 24.57
CA MET B 123 -46.36 13.38 23.94
C MET B 123 -46.71 12.02 23.38
N LEU B 124 -47.45 11.22 24.17
CA LEU B 124 -47.85 9.89 23.74
C LEU B 124 -48.68 9.94 22.46
N GLU B 125 -49.55 10.94 22.33
CA GLU B 125 -50.31 11.02 21.08
C GLU B 125 -49.35 11.13 19.90
N VAL B 126 -48.43 12.10 19.95
CA VAL B 126 -47.59 12.35 18.78
C VAL B 126 -46.68 11.17 18.53
N ALA B 127 -46.05 10.65 19.59
CA ALA B 127 -45.25 9.45 19.48
C ALA B 127 -46.03 8.37 18.73
N GLN B 128 -47.27 8.10 19.17
CA GLN B 128 -48.01 7.01 18.54
C GLN B 128 -48.23 7.29 17.05
N ALA B 129 -48.53 8.55 16.71
CA ALA B 129 -48.61 8.95 15.31
C ALA B 129 -47.37 8.50 14.57
N LEU B 130 -46.19 8.91 15.06
CA LEU B 130 -44.90 8.47 14.52
C LEU B 130 -44.85 6.95 14.36
N VAL B 131 -45.15 6.20 15.43
CA VAL B 131 -45.10 4.75 15.32
C VAL B 131 -46.03 4.29 14.21
N GLY B 132 -47.25 4.84 14.19
CA GLY B 132 -48.17 4.59 13.09
C GLY B 132 -47.52 4.72 11.73
N LYS B 133 -46.91 5.89 11.46
CA LYS B 133 -46.30 6.14 10.17
C LYS B 133 -45.24 5.07 9.85
N TRP B 134 -44.44 4.69 10.84
CA TRP B 134 -43.40 3.70 10.55
C TRP B 134 -44.00 2.30 10.37
N GLU B 135 -45.07 1.99 11.10
CA GLU B 135 -45.87 0.79 10.81
C GLU B 135 -46.30 0.79 9.34
N ARG B 136 -46.85 1.92 8.88
CA ARG B 136 -47.52 1.94 7.58
C ARG B 136 -46.54 1.80 6.43
N THR B 137 -45.26 2.09 6.64
CA THR B 137 -44.29 2.17 5.56
C THR B 137 -43.13 1.20 5.75
N GLN B 138 -43.33 0.09 6.46
CA GLN B 138 -42.24 -0.84 6.71
C GLN B 138 -41.57 -1.22 5.39
N GLY B 139 -40.24 -1.34 5.43
CA GLY B 139 -39.46 -1.64 4.24
C GLY B 139 -38.99 -0.43 3.46
N GLN B 140 -39.78 0.64 3.44
CA GLN B 140 -39.32 1.86 2.79
C GLN B 140 -38.26 2.55 3.65
N ASP B 141 -37.63 3.56 3.06
CA ASP B 141 -36.62 4.35 3.74
C ASP B 141 -37.31 5.30 4.71
N VAL B 142 -37.01 5.14 5.98
CA VAL B 142 -37.36 6.11 7.01
C VAL B 142 -36.29 7.20 7.02
N ARG B 143 -36.71 8.43 6.78
CA ARG B 143 -35.81 9.58 6.83
C ARG B 143 -35.76 10.06 8.28
N VAL B 144 -34.66 9.76 8.99
CA VAL B 144 -34.67 9.82 10.46
C VAL B 144 -34.80 11.26 10.95
N ALA B 145 -33.93 12.16 10.50
CA ALA B 145 -33.98 13.54 11.00
C ALA B 145 -35.33 14.16 10.71
N ASP B 146 -35.83 13.92 9.50
CA ASP B 146 -37.06 14.57 9.07
C ASP B 146 -38.26 14.11 9.90
N ASP B 147 -38.31 12.83 10.30
CA ASP B 147 -39.43 12.36 11.10
C ASP B 147 -39.28 12.67 12.58
N MET B 148 -38.03 12.72 13.08
CA MET B 148 -37.77 13.24 14.42
C MET B 148 -38.20 14.71 14.54
N THR B 149 -37.95 15.50 13.50
CA THR B 149 -38.49 16.85 13.39
C THR B 149 -40.01 16.89 13.44
N ARG B 150 -40.68 16.06 12.62
CA ARG B 150 -42.14 15.96 12.72
C ARG B 150 -42.58 15.67 14.14
N LEU B 151 -41.93 14.70 14.78
CA LEU B 151 -42.33 14.31 16.14
C LEU B 151 -42.21 15.48 17.08
N THR B 152 -41.04 16.12 17.11
CA THR B 152 -40.83 17.13 18.15
C THR B 152 -41.59 18.43 17.84
N LEU B 153 -41.71 18.81 16.57
CA LEU B 153 -42.55 19.95 16.23
C LEU B 153 -44.00 19.73 16.67
N ASP B 154 -44.56 18.54 16.36
CA ASP B 154 -45.94 18.29 16.73
C ASP B 154 -46.08 18.20 18.23
N THR B 155 -45.11 17.58 18.92
CA THR B 155 -45.22 17.47 20.37
C THR B 155 -45.16 18.85 21.02
N ILE B 156 -44.23 19.70 20.58
CA ILE B 156 -44.07 20.97 21.29
C ILE B 156 -45.23 21.88 20.96
N SER B 157 -45.79 21.77 19.74
CA SER B 157 -46.96 22.57 19.36
C SER B 157 -48.21 22.14 20.15
N LEU B 158 -48.43 20.84 20.28
CA LEU B 158 -49.59 20.37 21.06
C LEU B 158 -49.47 20.79 22.52
N SER B 159 -48.28 20.65 23.12
CA SER B 159 -48.13 20.99 24.53
C SER B 159 -48.02 22.49 24.76
N GLY B 160 -47.57 23.25 23.77
CA GLY B 160 -47.27 24.65 23.96
C GLY B 160 -48.44 25.55 23.63
N PHE B 161 -49.25 25.16 22.64
CA PHE B 161 -50.45 25.94 22.35
C PHE B 161 -51.50 25.08 21.65
N ASP B 162 -51.60 23.83 22.07
CA ASP B 162 -52.70 22.93 21.72
C ASP B 162 -53.07 22.98 20.24
N TYR B 163 -52.07 23.02 19.37
CA TYR B 163 -52.30 23.08 17.93
C TYR B 163 -51.73 21.82 17.29
N ARG B 164 -52.62 21.00 16.74
CA ARG B 164 -52.27 19.74 16.08
C ARG B 164 -51.94 19.98 14.61
N PHE B 165 -50.65 20.08 14.27
CA PHE B 165 -50.27 20.20 12.86
C PHE B 165 -50.34 18.89 12.09
N ARG B 166 -50.52 17.76 12.77
CA ARG B 166 -50.69 16.44 12.14
C ARG B 166 -49.62 16.16 11.06
N SER B 167 -48.34 16.32 11.43
CA SER B 167 -47.21 16.26 10.51
C SER B 167 -46.95 14.87 9.93
N PHE B 168 -47.53 13.82 10.50
CA PHE B 168 -47.33 12.44 10.07
C PHE B 168 -48.37 11.94 9.06
N ASP B 169 -49.48 12.66 8.87
CA ASP B 169 -50.47 12.31 7.86
C ASP B 169 -50.00 12.60 6.43
N LYS B 170 -49.14 13.59 6.23
CA LYS B 170 -48.78 14.08 4.92
C LYS B 170 -47.28 14.19 4.82
N ASP B 171 -46.77 14.09 3.59
CA ASP B 171 -45.35 14.36 3.36
C ASP B 171 -45.06 15.86 3.47
N GLU B 172 -45.87 16.69 2.83
CA GLU B 172 -45.62 18.11 2.91
C GLU B 172 -46.05 18.66 4.27
N LEU B 173 -45.23 19.57 4.83
CA LEU B 173 -45.51 20.15 6.13
C LEU B 173 -46.50 21.32 6.02
N HIS B 174 -47.13 21.63 7.15
CA HIS B 174 -47.97 22.81 7.25
C HIS B 174 -47.18 24.06 6.87
N PRO B 175 -47.79 25.00 6.12
CA PRO B 175 -47.03 26.19 5.68
C PRO B 175 -46.49 27.04 6.82
N PHE B 176 -47.10 26.97 8.02
CA PHE B 176 -46.52 27.60 9.19
C PHE B 176 -45.13 27.01 9.48
N LEU B 177 -45.08 25.69 9.67
CA LEU B 177 -43.81 25.02 9.88
C LEU B 177 -42.86 25.26 8.72
N GLN B 178 -43.38 25.37 7.49
CA GLN B 178 -42.51 25.62 6.35
C GLN B 178 -41.89 27.00 6.44
N ALA B 179 -42.68 27.98 6.88
CA ALA B 179 -42.15 29.32 7.14
C ALA B 179 -41.09 29.29 8.21
N LEU B 180 -41.33 28.53 9.29
CA LEU B 180 -40.33 28.42 10.35
C LEU B 180 -39.02 27.88 9.82
N ALA B 181 -39.07 26.82 9.01
CA ALA B 181 -37.84 26.27 8.45
C ALA B 181 -37.12 27.30 7.61
N ARG B 182 -37.84 27.92 6.66
CA ARG B 182 -37.26 28.96 5.82
C ARG B 182 -36.66 30.07 6.68
N ALA B 183 -37.41 30.51 7.69
CA ALA B 183 -36.98 31.65 8.49
C ALA B 183 -35.75 31.30 9.31
N MET B 184 -35.74 30.12 9.92
CA MET B 184 -34.59 29.66 10.69
C MET B 184 -33.35 29.59 9.82
N HIS B 185 -33.47 28.97 8.65
CA HIS B 185 -32.33 28.83 7.74
C HIS B 185 -31.80 30.20 7.32
N HIS B 186 -32.71 31.12 6.97
CA HIS B 186 -32.27 32.46 6.59
C HIS B 186 -31.56 33.14 7.74
N THR B 187 -32.12 33.06 8.95
CA THR B 187 -31.47 33.58 10.15
C THR B 187 -30.03 33.08 10.27
N MET B 188 -29.82 31.77 10.14
CA MET B 188 -28.46 31.25 10.23
C MET B 188 -27.65 31.52 8.96
N THR B 189 -28.25 32.16 7.96
CA THR B 189 -27.52 32.74 6.84
C THR B 189 -27.07 34.19 7.06
N MET B 190 -27.77 34.94 7.92
CA MET B 190 -27.53 36.37 8.07
C MET B 190 -26.15 36.73 8.63
N ASN B 191 -25.32 35.75 8.95
CA ASN B 191 -23.90 36.06 9.09
C ASN B 191 -23.28 36.38 7.74
N SER B 192 -23.52 35.53 6.75
CA SER B 192 -22.86 35.65 5.46
C SER B 192 -23.59 36.64 4.57
N THR B 198 -27.85 42.88 -3.08
CA THR B 198 -28.06 42.49 -4.46
C THR B 198 -29.56 42.33 -4.76
N PRO B 199 -29.92 42.19 -6.05
CA PRO B 199 -31.32 41.91 -6.41
C PRO B 199 -31.97 40.82 -5.57
N GLU B 200 -31.50 39.58 -5.74
CA GLU B 200 -32.21 38.44 -5.16
C GLU B 200 -32.12 38.39 -3.65
N MET B 201 -31.10 39.02 -3.05
CA MET B 201 -31.03 39.06 -1.60
C MET B 201 -32.10 39.94 -0.99
N GLU B 202 -32.45 41.04 -1.68
CA GLU B 202 -33.54 41.87 -1.20
C GLU B 202 -34.86 41.12 -1.23
N GLU B 203 -35.09 40.30 -2.26
CA GLU B 203 -36.25 39.42 -2.31
C GLU B 203 -36.14 38.24 -1.35
N ALA B 204 -34.94 37.97 -0.83
CA ALA B 204 -34.85 37.05 0.29
C ALA B 204 -35.27 37.72 1.60
N ASP B 205 -34.85 38.97 1.80
CA ASP B 205 -35.20 39.68 3.02
C ASP B 205 -36.70 39.86 3.12
N ARG B 206 -37.31 40.14 1.96
CA ARG B 206 -38.72 40.48 1.94
C ARG B 206 -39.56 39.27 2.33
N ALA B 207 -39.23 38.10 1.77
CA ALA B 207 -39.90 36.85 2.12
C ALA B 207 -39.51 36.36 3.51
N TYR B 208 -38.32 36.68 3.99
CA TYR B 208 -37.97 36.39 5.38
C TYR B 208 -38.94 37.09 6.33
N TRP B 209 -39.06 38.41 6.21
CA TRP B 209 -39.96 39.14 7.11
C TRP B 209 -41.42 38.78 6.83
N ALA B 210 -41.73 38.40 5.60
CA ALA B 210 -43.06 37.90 5.28
C ALA B 210 -43.36 36.60 6.04
N ASP B 211 -42.40 35.66 6.00
CA ASP B 211 -42.50 34.43 6.76
C ASP B 211 -42.71 34.72 8.24
N ILE B 212 -41.89 35.65 8.78
CA ILE B 212 -41.98 36.00 10.20
C ILE B 212 -43.35 36.56 10.53
N ALA B 213 -43.86 37.47 9.69
CA ALA B 213 -45.14 38.13 9.91
C ALA B 213 -46.31 37.16 9.80
N SER B 214 -46.29 36.29 8.79
CA SER B 214 -47.31 35.26 8.70
C SER B 214 -47.28 34.33 9.91
N MET B 215 -46.06 33.96 10.34
CA MET B 215 -45.88 33.11 11.52
C MET B 215 -46.47 33.77 12.76
N ASN B 216 -46.07 35.03 12.97
CA ASN B 216 -46.57 35.82 14.08
C ASN B 216 -48.09 35.94 14.03
N GLU B 217 -48.66 36.02 12.82
CA GLU B 217 -50.08 36.30 12.80
C GLU B 217 -50.85 35.02 13.12
N LEU B 218 -50.33 33.84 12.74
CA LEU B 218 -50.99 32.60 13.16
C LEU B 218 -51.00 32.49 14.68
N VAL B 219 -49.84 32.72 15.31
CA VAL B 219 -49.76 32.57 16.76
C VAL B 219 -50.64 33.60 17.46
N ASP B 220 -50.64 34.85 16.94
CA ASP B 220 -51.49 35.92 17.47
C ASP B 220 -52.96 35.53 17.39
N GLU B 221 -53.38 34.99 16.24
CA GLU B 221 -54.76 34.57 16.08
C GLU B 221 -55.12 33.52 17.10
N VAL B 222 -54.23 32.55 17.30
CA VAL B 222 -54.48 31.51 18.28
C VAL B 222 -54.69 32.12 19.66
N ILE B 223 -53.82 33.07 20.04
CA ILE B 223 -53.94 33.80 21.31
C ILE B 223 -55.32 34.46 21.44
N ARG B 224 -55.68 35.28 20.43
CA ARG B 224 -56.94 36.02 20.47
C ARG B 224 -58.14 35.06 20.48
N GLU B 225 -58.05 33.99 19.68
CA GLU B 225 -59.03 32.91 19.64
C GLU B 225 -59.19 32.24 20.99
N ARG B 226 -58.13 32.21 21.79
CA ARG B 226 -58.22 31.57 23.09
C ARG B 226 -58.80 32.50 24.13
N ARG B 227 -58.54 33.80 24.03
CA ARG B 227 -59.21 34.78 24.89
C ARG B 227 -60.71 34.53 24.93
N GLY B 228 -61.33 34.40 23.75
CA GLY B 228 -62.77 34.22 23.60
C GLY B 228 -63.27 32.83 23.94
N HIS B 229 -62.88 32.34 25.11
CA HIS B 229 -63.31 31.05 25.62
C HIS B 229 -63.18 31.04 27.14
N GLY B 230 -62.57 32.08 27.69
CA GLY B 230 -62.48 32.22 29.13
C GLY B 230 -61.05 32.22 29.67
N GLY B 231 -60.35 31.10 29.50
CA GLY B 231 -59.02 30.89 30.03
C GLY B 231 -58.62 29.43 29.88
N GLY B 232 -57.35 29.19 29.50
CA GLY B 232 -56.94 27.91 28.94
C GLY B 232 -56.85 26.75 29.92
N GLY B 233 -56.52 25.58 29.36
CA GLY B 233 -56.54 24.32 30.08
C GLY B 233 -55.17 23.75 30.41
N GLY B 234 -54.92 22.49 30.05
CA GLY B 234 -53.70 21.79 30.42
C GLY B 234 -52.57 22.02 29.44
N ASP B 235 -52.20 23.28 29.31
CA ASP B 235 -51.59 23.82 28.11
C ASP B 235 -50.63 24.92 28.55
N LEU B 236 -49.49 25.05 27.87
CA LEU B 236 -48.56 26.14 28.21
C LEU B 236 -49.15 27.52 27.92
N LEU B 237 -49.95 27.63 26.85
CA LEU B 237 -50.71 28.85 26.61
C LEU B 237 -51.79 29.04 27.68
N GLY B 238 -52.45 27.96 28.08
CA GLY B 238 -53.40 28.06 29.17
C GLY B 238 -52.81 28.68 30.42
N LEU B 239 -51.59 28.26 30.79
CA LEU B 239 -50.91 28.80 31.95
C LEU B 239 -50.52 30.25 31.73
N MET B 240 -49.86 30.55 30.60
CA MET B 240 -49.47 31.92 30.27
C MET B 240 -50.67 32.86 30.07
N LEU B 241 -51.89 32.38 30.09
CA LEU B 241 -53.02 33.30 29.99
C LEU B 241 -53.59 33.70 31.33
N ASN B 242 -53.63 32.76 32.28
CA ASN B 242 -54.14 33.03 33.63
C ASN B 242 -53.03 33.46 34.58
N ALA B 243 -51.91 32.74 34.63
CA ALA B 243 -50.92 32.88 35.70
C ALA B 243 -50.37 34.31 35.81
N THR B 244 -50.07 34.70 37.05
CA THR B 244 -49.42 35.97 37.37
C THR B 244 -48.02 35.71 37.92
N ASP B 245 -47.16 36.69 37.75
CA ASP B 245 -45.80 36.62 38.27
C ASP B 245 -45.83 36.76 39.78
N PRO B 246 -45.41 35.73 40.53
CA PRO B 246 -45.54 35.80 42.00
C PRO B 246 -44.88 37.01 42.62
N GLU B 247 -43.95 37.64 41.90
CA GLU B 247 -43.20 38.79 42.41
C GLU B 247 -43.94 40.10 42.15
N THR B 248 -44.17 40.42 40.87
CA THR B 248 -44.79 41.68 40.45
C THR B 248 -46.29 41.57 40.19
N GLY B 249 -46.89 40.40 40.43
CA GLY B 249 -48.33 40.21 40.28
C GLY B 249 -48.91 40.54 38.92
N GLU B 250 -48.09 40.57 37.89
CA GLU B 250 -48.55 40.88 36.55
C GLU B 250 -48.58 39.60 35.71
N ARG B 251 -49.41 39.62 34.66
CA ARG B 251 -49.43 38.56 33.67
C ARG B 251 -48.65 38.99 32.43
N LEU B 252 -48.26 38.02 31.62
CA LEU B 252 -47.48 38.35 30.44
C LEU B 252 -48.34 39.03 29.38
N SER B 253 -47.77 40.04 28.72
CA SER B 253 -48.42 40.67 27.59
C SER B 253 -48.70 39.64 26.49
N ASP B 254 -49.75 39.92 25.71
CA ASP B 254 -50.09 39.07 24.57
C ASP B 254 -48.89 38.89 23.63
N GLU B 255 -48.26 40.01 23.26
CA GLU B 255 -47.12 39.93 22.35
C GLU B 255 -46.02 39.03 22.91
N ASN B 256 -45.77 39.10 24.22
CA ASN B 256 -44.70 38.28 24.79
C ASN B 256 -45.11 36.81 24.84
N ILE B 257 -46.38 36.51 25.09
CA ILE B 257 -46.81 35.13 25.03
C ILE B 257 -46.60 34.56 23.63
N ARG B 258 -46.90 35.36 22.59
CA ARG B 258 -46.58 34.91 21.23
C ARG B 258 -45.08 34.60 21.10
N TYR B 259 -44.24 35.54 21.56
CA TYR B 259 -42.80 35.33 21.46
C TYR B 259 -42.36 34.07 22.21
N GLN B 260 -43.03 33.73 23.32
CA GLN B 260 -42.67 32.52 24.06
C GLN B 260 -43.06 31.27 23.28
N VAL B 261 -44.24 31.25 22.67
CA VAL B 261 -44.62 30.11 21.83
C VAL B 261 -43.59 29.93 20.70
N MET B 262 -43.31 31.01 19.99
CA MET B 262 -42.19 31.06 19.05
C MET B 262 -40.91 30.45 19.63
N THR B 263 -40.45 30.97 20.78
CA THR B 263 -39.28 30.45 21.47
C THR B 263 -39.37 28.95 21.67
N PHE B 264 -40.53 28.46 22.12
CA PHE B 264 -40.70 27.03 22.35
C PHE B 264 -40.33 26.24 21.10
N LEU B 265 -40.88 26.67 19.96
CA LEU B 265 -40.56 26.03 18.67
C LEU B 265 -39.08 26.13 18.33
N ILE B 266 -38.55 27.36 18.38
CA ILE B 266 -37.18 27.64 17.95
C ILE B 266 -36.20 26.81 18.72
N ALA B 267 -36.36 26.74 20.03
CA ALA B 267 -35.37 26.09 20.88
C ALA B 267 -35.72 24.65 21.19
N GLY B 268 -36.89 24.19 20.79
CA GLY B 268 -37.29 22.88 21.21
C GLY B 268 -37.31 21.87 20.10
N HIS B 269 -37.41 22.29 18.83
CA HIS B 269 -37.61 21.19 17.91
C HIS B 269 -36.28 20.57 17.44
N GLU B 270 -35.36 21.36 16.87
CA GLU B 270 -34.16 20.72 16.33
C GLU B 270 -33.18 20.25 17.40
N THR B 271 -33.21 20.85 18.61
CA THR B 271 -32.38 20.34 19.70
C THR B 271 -32.76 18.91 20.03
N THR B 272 -34.06 18.70 20.28
CA THR B 272 -34.58 17.39 20.66
C THR B 272 -34.50 16.40 19.50
N SER B 273 -34.79 16.85 18.28
CA SER B 273 -34.80 15.93 17.15
C SER B 273 -33.39 15.49 16.82
N GLY B 274 -32.43 16.42 16.82
CA GLY B 274 -31.02 16.02 16.78
C GLY B 274 -30.66 14.99 17.84
N LEU B 275 -31.06 15.22 19.10
CA LEU B 275 -30.76 14.22 20.12
C LEU B 275 -31.29 12.85 19.71
N LEU B 276 -32.53 12.78 19.20
CA LEU B 276 -33.06 11.45 18.86
C LEU B 276 -32.38 10.88 17.62
N ALA B 277 -32.06 11.72 16.64
CA ALA B 277 -31.39 11.26 15.44
C ALA B 277 -30.01 10.68 15.77
N PHE B 278 -29.16 11.47 16.44
CA PHE B 278 -27.88 11.00 16.98
C PHE B 278 -28.03 9.76 17.85
N THR B 279 -29.09 9.69 18.66
CA THR B 279 -29.19 8.53 19.53
C THR B 279 -29.45 7.26 18.73
N LEU B 280 -30.39 7.32 17.77
CA LEU B 280 -30.58 6.14 16.91
C LEU B 280 -29.29 5.80 16.19
N TYR B 281 -28.54 6.82 15.74
CA TYR B 281 -27.27 6.56 15.08
C TYR B 281 -26.31 5.83 16.02
N LEU B 282 -26.17 6.33 17.25
CA LEU B 282 -25.20 5.75 18.20
C LEU B 282 -25.60 4.35 18.60
N LEU B 283 -26.92 4.11 18.75
CA LEU B 283 -27.43 2.78 19.02
C LEU B 283 -27.15 1.81 17.87
N LEU B 284 -27.30 2.25 16.61
CA LEU B 284 -26.90 1.40 15.48
C LEU B 284 -25.43 1.05 15.55
N ARG B 285 -24.56 2.05 15.80
CA ARG B 285 -23.10 1.85 15.81
C ARG B 285 -22.59 1.16 17.06
N HIS B 286 -23.36 1.11 18.13
CA HIS B 286 -22.99 0.38 19.34
C HIS B 286 -24.10 -0.60 19.65
N PRO B 287 -24.26 -1.63 18.81
CA PRO B 287 -25.48 -2.45 18.88
C PRO B 287 -25.71 -3.13 20.23
N HIS B 288 -24.65 -3.46 20.99
CA HIS B 288 -24.86 -4.16 22.25
C HIS B 288 -25.66 -3.31 23.24
N VAL B 289 -25.44 -1.99 23.19
CA VAL B 289 -26.23 -1.02 23.95
C VAL B 289 -27.66 -1.04 23.47
N LEU B 290 -27.86 -1.20 22.15
CA LEU B 290 -29.20 -1.34 21.61
C LEU B 290 -29.87 -2.61 22.14
N ALA B 291 -29.09 -3.67 22.34
CA ALA B 291 -29.65 -4.88 22.92
C ALA B 291 -30.14 -4.60 24.33
N GLN B 292 -29.29 -3.94 25.13
CA GLN B 292 -29.69 -3.61 26.50
C GLN B 292 -30.97 -2.82 26.55
N ALA B 293 -31.14 -1.87 25.59
CA ALA B 293 -32.33 -1.06 25.59
C ALA B 293 -33.56 -1.85 25.15
N TYR B 294 -33.41 -2.70 24.12
CA TYR B 294 -34.49 -3.62 23.74
C TYR B 294 -34.94 -4.42 24.95
N ALA B 295 -33.99 -5.01 25.68
CA ALA B 295 -34.32 -5.82 26.85
C ALA B 295 -35.10 -5.02 27.88
N GLU B 296 -34.68 -3.78 28.13
CA GLU B 296 -35.39 -2.96 29.12
C GLU B 296 -36.82 -2.71 28.66
N VAL B 297 -36.97 -2.26 27.42
CA VAL B 297 -38.28 -2.04 26.82
C VAL B 297 -39.16 -3.28 26.95
N ASP B 298 -38.57 -4.48 26.83
CA ASP B 298 -39.35 -5.70 26.90
C ASP B 298 -39.67 -6.12 28.33
N ARG B 299 -38.85 -5.69 29.31
CA ARG B 299 -39.24 -5.84 30.70
C ARG B 299 -40.44 -4.96 31.01
N LEU B 300 -40.37 -3.67 30.67
CA LEU B 300 -41.36 -2.69 31.12
C LEU B 300 -42.62 -2.63 30.24
N LEU B 301 -42.53 -2.95 28.95
CA LEU B 301 -43.70 -2.91 28.07
C LEU B 301 -43.89 -4.23 27.35
N PRO B 302 -44.11 -5.33 28.07
CA PRO B 302 -44.27 -6.63 27.38
C PRO B 302 -45.55 -6.65 26.57
N GLY B 303 -45.59 -7.55 25.59
CA GLY B 303 -46.77 -7.60 24.73
C GLY B 303 -47.01 -6.26 24.06
N ASP B 304 -48.29 -5.87 23.96
CA ASP B 304 -48.63 -4.59 23.34
C ASP B 304 -49.06 -3.55 24.37
N ALA B 305 -48.59 -3.67 25.60
CA ALA B 305 -48.85 -2.66 26.64
C ALA B 305 -48.49 -1.26 26.16
N VAL B 306 -49.29 -0.28 26.59
CA VAL B 306 -49.08 1.14 26.31
C VAL B 306 -48.37 1.76 27.52
N PRO B 307 -47.45 2.70 27.34
CA PRO B 307 -46.73 3.25 28.49
C PRO B 307 -47.51 4.33 29.21
N THR B 308 -47.17 4.51 30.48
CA THR B 308 -47.58 5.66 31.27
C THR B 308 -46.33 6.42 31.71
N TYR B 309 -46.54 7.64 32.19
CA TYR B 309 -45.43 8.45 32.69
C TYR B 309 -44.56 7.66 33.66
N ASP B 310 -45.17 6.82 34.49
CA ASP B 310 -44.39 5.98 35.40
C ASP B 310 -43.51 4.98 34.65
N THR B 311 -43.93 4.52 33.47
CA THR B 311 -43.05 3.68 32.66
C THR B 311 -41.75 4.43 32.36
N VAL B 312 -41.88 5.63 31.79
CA VAL B 312 -40.73 6.49 31.52
C VAL B 312 -39.87 6.62 32.76
N MET B 313 -40.50 6.87 33.91
CA MET B 313 -39.78 7.11 35.16
C MET B 313 -39.07 5.87 35.72
N ARG B 314 -39.49 4.67 35.34
CA ARG B 314 -38.84 3.43 35.75
C ARG B 314 -37.69 3.02 34.82
N LEU B 315 -37.40 3.83 33.82
CA LEU B 315 -36.34 3.50 32.88
C LEU B 315 -34.96 3.68 33.50
N ASP B 316 -33.97 2.99 32.93
CA ASP B 316 -32.60 3.17 33.39
C ASP B 316 -31.63 3.27 32.20
N VAL B 317 -31.64 2.25 31.34
CA VAL B 317 -30.73 2.22 30.21
C VAL B 317 -31.01 3.37 29.25
N ILE B 318 -32.27 3.57 28.87
CA ILE B 318 -32.61 4.63 27.93
C ILE B 318 -32.17 6.02 28.44
N PRO B 319 -32.47 6.41 29.70
CA PRO B 319 -31.92 7.70 30.20
C PRO B 319 -30.41 7.81 30.10
N ARG B 320 -29.69 6.75 30.45
CA ARG B 320 -28.23 6.80 30.39
C ARG B 320 -27.73 6.84 28.95
N ILE B 321 -28.41 6.16 28.04
CA ILE B 321 -28.14 6.30 26.61
C ILE B 321 -28.24 7.76 26.22
N LEU B 322 -29.35 8.41 26.60
CA LEU B 322 -29.52 9.82 26.22
C LEU B 322 -28.41 10.68 26.82
N ASP B 323 -28.01 10.39 28.06
CA ASP B 323 -26.99 11.21 28.70
C ASP B 323 -25.67 11.13 27.93
N GLU B 324 -25.26 9.89 27.62
CA GLU B 324 -24.01 9.68 26.92
C GLU B 324 -24.10 10.23 25.50
N ALA B 325 -25.28 10.17 24.89
CA ALA B 325 -25.43 10.69 23.54
C ALA B 325 -25.23 12.18 23.55
N LEU B 326 -25.79 12.88 24.55
CA LEU B 326 -25.51 14.32 24.69
C LEU B 326 -24.03 14.60 24.96
N ARG B 327 -23.33 13.71 25.66
CA ARG B 327 -21.89 13.90 25.79
C ARG B 327 -21.17 13.75 24.44
N PHE B 328 -21.56 12.76 23.62
CA PHE B 328 -20.94 12.63 22.29
C PHE B 328 -21.31 13.74 21.32
N TRP B 329 -22.54 14.22 21.34
CA TRP B 329 -23.11 14.99 20.25
C TRP B 329 -24.14 15.95 20.82
N SER B 330 -23.71 16.76 21.76
CA SER B 330 -24.61 17.75 22.34
C SER B 330 -25.12 18.67 21.23
N THR B 331 -26.44 18.88 21.17
CA THR B 331 -27.00 19.42 19.94
C THR B 331 -26.96 20.94 19.88
N ILE B 332 -26.81 21.64 21.01
CA ILE B 332 -26.36 23.02 20.89
C ILE B 332 -24.90 23.05 21.29
N PRO B 333 -23.99 23.05 20.32
CA PRO B 333 -22.57 22.79 20.62
C PRO B 333 -21.70 24.00 20.98
N ASN B 334 -22.13 25.26 20.81
CA ASN B 334 -21.18 26.36 20.90
C ASN B 334 -21.81 27.62 21.46
N TYR B 335 -22.66 27.50 22.49
CA TYR B 335 -23.22 28.72 23.10
C TYR B 335 -22.16 29.45 23.92
N ALA B 336 -22.43 30.75 24.19
CA ALA B 336 -21.43 31.71 24.65
C ALA B 336 -21.86 32.55 25.86
N VAL B 337 -20.86 32.97 26.64
CA VAL B 337 -21.03 33.85 27.78
C VAL B 337 -20.21 35.10 27.51
N THR B 338 -20.50 36.16 28.24
CA THR B 338 -19.84 37.45 28.05
C THR B 338 -19.22 37.88 29.37
N ALA B 339 -18.02 38.47 29.32
CA ALA B 339 -17.38 38.98 30.53
C ALA B 339 -18.07 40.25 31.04
N LEU B 340 -18.44 40.26 32.32
CA LEU B 340 -19.05 41.43 32.92
C LEU B 340 -18.02 42.53 33.20
N GLN B 341 -16.79 42.13 33.57
CA GLN B 341 -15.69 43.03 33.85
C GLN B 341 -14.42 42.38 33.31
N ASP B 342 -13.33 43.16 33.25
CA ASP B 342 -12.04 42.56 32.87
C ASP B 342 -11.79 41.38 33.79
N GLU B 343 -11.33 40.27 33.20
CA GLU B 343 -11.27 38.99 33.87
C GLU B 343 -9.97 38.31 33.49
N VAL B 344 -9.54 37.37 34.32
CA VAL B 344 -8.39 36.54 34.03
C VAL B 344 -8.78 35.11 34.38
N ILE B 345 -8.69 34.24 33.39
CA ILE B 345 -9.10 32.86 33.62
C ILE B 345 -7.87 31.99 33.51
N GLY B 346 -7.90 30.86 34.22
CA GLY B 346 -6.74 29.99 34.31
C GLY B 346 -5.49 30.66 34.86
N GLY B 347 -5.64 31.76 35.59
CA GLY B 347 -4.48 32.50 36.10
C GLY B 347 -3.59 33.15 35.05
N LYS B 348 -3.89 33.03 33.76
CA LYS B 348 -3.05 33.57 32.70
C LYS B 348 -3.75 34.35 31.60
N TYR B 349 -5.01 34.07 31.32
CA TYR B 349 -5.62 34.54 30.08
C TYR B 349 -6.59 35.69 30.36
N GLU B 350 -6.22 36.87 29.87
CA GLU B 350 -7.03 38.08 30.06
C GLU B 350 -8.24 38.05 29.13
N ILE B 351 -9.41 38.37 29.70
CA ILE B 351 -10.70 38.43 29.00
C ILE B 351 -11.30 39.81 29.29
N ARG B 352 -11.25 40.72 28.32
CA ARG B 352 -11.76 42.08 28.53
C ARG B 352 -13.26 42.09 28.78
N LYS B 353 -13.71 43.10 29.53
CA LYS B 353 -15.11 43.46 29.61
C LYS B 353 -15.77 43.41 28.23
N GLY B 354 -16.88 42.68 28.15
CA GLY B 354 -17.66 42.60 26.95
C GLY B 354 -17.24 41.50 26.01
N GLN B 355 -16.04 40.94 26.19
CA GLN B 355 -15.59 39.84 25.35
C GLN B 355 -16.54 38.65 25.46
N GLN B 356 -16.85 38.04 24.32
CA GLN B 356 -17.56 36.77 24.32
C GLN B 356 -16.59 35.61 24.45
N VAL B 357 -17.05 34.57 25.12
CA VAL B 357 -16.31 33.33 25.19
C VAL B 357 -17.32 32.23 24.89
N ALA B 358 -17.16 31.54 23.76
CA ALA B 358 -17.98 30.39 23.44
C ALA B 358 -17.42 29.15 24.14
N LEU B 359 -18.32 28.37 24.73
CA LEU B 359 -18.01 27.04 25.24
C LEU B 359 -18.01 26.03 24.10
N LEU B 360 -16.85 25.46 23.81
CA LEU B 360 -16.75 24.44 22.75
C LEU B 360 -17.22 23.12 23.34
N ILE B 361 -18.53 22.93 23.36
CA ILE B 361 -19.11 21.75 24.00
C ILE B 361 -18.47 20.44 23.55
N PRO B 362 -18.42 20.09 22.25
CA PRO B 362 -17.88 18.76 21.87
C PRO B 362 -16.51 18.50 22.42
N ALA B 363 -15.72 19.56 22.60
CA ALA B 363 -14.37 19.40 23.10
C ALA B 363 -14.38 19.31 24.62
N LEU B 364 -15.26 20.08 25.28
CA LEU B 364 -15.41 19.98 26.73
C LEU B 364 -15.92 18.60 27.12
N HIS B 365 -16.99 18.15 26.47
CA HIS B 365 -17.61 16.86 26.74
C HIS B 365 -16.70 15.69 26.44
N ARG B 366 -15.56 15.94 25.78
CA ARG B 366 -14.61 14.89 25.45
C ARG B 366 -13.21 15.21 25.96
N HIS B 367 -13.10 16.05 26.98
CA HIS B 367 -11.80 16.43 27.45
C HIS B 367 -11.17 15.31 28.27
N PRO B 368 -9.96 14.84 27.92
CA PRO B 368 -9.37 13.72 28.67
C PRO B 368 -9.06 14.06 30.13
N ALA B 369 -8.92 15.34 30.47
CA ALA B 369 -8.73 15.71 31.87
C ALA B 369 -9.98 15.47 32.69
N ALA B 370 -11.12 15.24 32.04
CA ALA B 370 -12.35 15.02 32.78
C ALA B 370 -13.02 13.70 32.47
N TRP B 371 -12.69 13.05 31.35
CA TRP B 371 -13.35 11.82 30.91
C TRP B 371 -12.29 10.80 30.50
N THR B 372 -12.30 9.64 31.15
CA THR B 372 -11.41 8.56 30.77
C THR B 372 -11.92 7.94 29.47
N ASN B 373 -11.01 7.59 28.55
CA ASN B 373 -11.36 7.25 27.16
C ASN B 373 -12.46 8.15 26.59
N PRO B 374 -12.18 9.43 26.35
CA PRO B 374 -13.29 10.37 26.07
C PRO B 374 -14.04 10.09 24.75
N ASP B 375 -13.39 9.56 23.72
CA ASP B 375 -14.07 9.26 22.46
C ASP B 375 -14.77 7.90 22.48
N GLU B 376 -14.99 7.35 23.65
CA GLU B 376 -15.57 6.02 23.79
C GLU B 376 -16.98 6.15 24.33
N PHE B 377 -17.94 5.53 23.64
CA PHE B 377 -19.34 5.59 24.05
C PHE B 377 -19.61 4.61 25.19
N ASP B 378 -20.02 5.12 26.37
CA ASP B 378 -20.22 4.24 27.53
C ASP B 378 -21.36 4.76 28.41
N ILE B 379 -22.49 4.05 28.46
CA ILE B 379 -23.63 4.53 29.23
C ILE B 379 -23.39 4.41 30.73
N ASP B 380 -22.48 3.51 31.15
CA ASP B 380 -22.23 3.30 32.58
C ASP B 380 -21.55 4.49 33.26
N ARG B 381 -21.05 5.48 32.50
CA ARG B 381 -20.64 6.73 33.13
C ARG B 381 -21.76 7.34 33.95
N TRP B 382 -23.01 6.90 33.72
CA TRP B 382 -24.15 7.67 34.16
C TRP B 382 -24.99 7.00 35.23
N THR B 383 -24.60 5.81 35.70
CA THR B 383 -25.06 5.31 37.00
C THR B 383 -24.83 6.37 38.08
N SER B 384 -25.76 6.42 39.06
CA SER B 384 -25.58 7.29 40.23
C SER B 384 -24.17 7.21 40.81
N GLU B 385 -23.64 5.99 40.91
CA GLU B 385 -22.31 5.83 41.52
C GLU B 385 -21.24 6.56 40.72
N ASN B 386 -21.23 6.41 39.39
CA ASN B 386 -20.19 7.00 38.57
C ASN B 386 -20.47 8.46 38.24
N ARG B 387 -21.73 8.87 38.22
CA ARG B 387 -22.05 10.27 37.96
C ARG B 387 -21.34 11.18 38.97
N ARG B 388 -21.07 10.67 40.17
CA ARG B 388 -20.56 11.51 41.24
C ARG B 388 -19.10 11.83 41.08
N THR B 389 -18.37 11.08 40.24
CA THR B 389 -16.96 11.33 39.98
C THR B 389 -16.70 12.19 38.73
N HIS B 390 -17.73 12.71 38.06
CA HIS B 390 -17.47 13.57 36.91
C HIS B 390 -16.93 14.93 37.34
N HIS B 391 -16.15 15.54 36.47
CA HIS B 391 -15.80 16.92 36.67
C HIS B 391 -17.10 17.72 36.75
N PRO B 392 -17.22 18.67 37.69
CA PRO B 392 -18.50 19.36 37.83
C PRO B 392 -18.75 20.45 36.78
N ALA B 393 -17.77 20.78 35.94
CA ALA B 393 -18.02 21.73 34.86
C ALA B 393 -17.82 21.13 33.48
N ALA B 394 -17.75 19.80 33.39
CA ALA B 394 -17.35 19.16 32.14
C ALA B 394 -18.52 18.56 31.38
N TYR B 395 -19.74 18.78 31.85
CA TYR B 395 -20.95 18.32 31.17
C TYR B 395 -21.98 19.45 31.25
N LYS B 396 -22.26 20.08 30.11
CA LYS B 396 -23.13 21.24 30.08
C LYS B 396 -24.08 21.24 28.87
N PRO B 397 -24.75 20.11 28.54
CA PRO B 397 -25.58 20.09 27.31
C PRO B 397 -26.81 20.98 27.38
N PHE B 398 -27.29 21.28 28.58
CA PHE B 398 -28.47 22.10 28.76
C PHE B 398 -28.08 23.47 29.30
N GLY B 399 -26.90 23.97 28.91
CA GLY B 399 -26.53 25.33 29.28
C GLY B 399 -26.15 25.47 30.75
N ASN B 400 -26.18 26.70 31.23
CA ASN B 400 -25.60 27.02 32.52
C ASN B 400 -26.41 28.03 33.32
N GLY B 401 -26.68 27.70 34.58
CA GLY B 401 -27.08 28.71 35.56
C GLY B 401 -28.50 29.18 35.47
N MET B 402 -28.73 30.49 35.61
CA MET B 402 -30.06 31.06 35.40
C MET B 402 -30.49 30.92 33.94
N ARG B 403 -29.53 30.86 33.03
CA ARG B 403 -29.82 30.74 31.61
C ARG B 403 -29.77 29.31 31.13
N ALA B 404 -29.87 28.36 32.05
CA ALA B 404 -29.96 26.96 31.65
C ALA B 404 -31.27 26.72 30.88
N CYS B 405 -31.29 25.61 30.13
CA CYS B 405 -32.44 25.23 29.33
C CYS B 405 -33.69 25.04 30.18
N ILE B 406 -34.75 25.80 29.93
CA ILE B 406 -35.95 25.55 30.73
C ILE B 406 -36.66 24.28 30.30
N GLY B 407 -36.48 23.84 29.05
CA GLY B 407 -37.14 22.70 28.43
C GLY B 407 -36.47 21.36 28.61
N ARG B 408 -35.48 21.29 29.49
CA ARG B 408 -34.68 20.08 29.67
C ARG B 408 -35.56 18.86 30.01
N GLN B 409 -36.40 18.99 31.04
CA GLN B 409 -37.17 17.82 31.48
C GLN B 409 -38.21 17.43 30.44
N PHE B 410 -38.76 18.42 29.71
CA PHE B 410 -39.65 18.12 28.58
C PHE B 410 -38.91 17.36 27.49
N ALA B 411 -37.76 17.88 27.05
CA ALA B 411 -37.03 17.25 25.95
C ALA B 411 -36.58 15.85 26.32
N LEU B 412 -36.08 15.67 27.54
CA LEU B 412 -35.66 14.31 27.93
C LEU B 412 -36.86 13.37 28.01
N THR B 413 -37.97 13.83 28.60
CA THR B 413 -39.13 12.94 28.72
C THR B 413 -39.70 12.58 27.34
N GLU B 414 -39.84 13.56 26.47
CA GLU B 414 -40.20 13.28 25.08
C GLU B 414 -39.26 12.26 24.45
N ALA B 415 -37.94 12.41 24.62
CA ALA B 415 -36.98 11.51 23.97
C ALA B 415 -37.05 10.10 24.56
N LYS B 416 -37.21 10.00 25.88
CA LYS B 416 -37.31 8.69 26.50
C LYS B 416 -38.52 7.96 25.96
N LEU B 417 -39.66 8.67 25.85
CA LEU B 417 -40.89 8.04 25.38
C LEU B 417 -40.76 7.60 23.93
N ALA B 418 -40.25 8.50 23.08
CA ALA B 418 -40.12 8.14 21.68
C ALA B 418 -39.27 6.88 21.54
N LEU B 419 -38.13 6.85 22.23
CA LEU B 419 -37.29 5.67 22.12
C LEU B 419 -37.98 4.44 22.69
N LEU B 420 -38.69 4.60 23.81
CA LEU B 420 -39.40 3.48 24.42
C LEU B 420 -40.38 2.86 23.43
N LEU B 421 -41.10 3.71 22.69
CA LEU B 421 -42.11 3.19 21.75
C LEU B 421 -41.45 2.60 20.52
N ILE B 422 -40.45 3.31 19.97
CA ILE B 422 -39.79 2.87 18.75
C ILE B 422 -39.16 1.51 18.96
N LEU B 423 -38.50 1.31 20.11
CA LEU B 423 -37.86 0.04 20.38
C LEU B 423 -38.85 -1.02 20.83
N GLN B 424 -40.01 -0.64 21.37
CA GLN B 424 -41.03 -1.66 21.61
C GLN B 424 -41.54 -2.25 20.29
N LYS B 425 -41.82 -1.39 19.29
CA LYS B 425 -42.47 -1.90 18.09
C LYS B 425 -41.52 -2.38 16.98
N PHE B 426 -40.26 -1.91 16.91
CA PHE B 426 -39.48 -2.00 15.66
C PHE B 426 -38.06 -2.56 15.81
N ALA B 427 -37.71 -3.46 14.90
CA ALA B 427 -36.34 -3.85 14.59
C ALA B 427 -35.71 -2.84 13.64
N LEU B 428 -34.58 -2.28 14.05
CA LEU B 428 -33.86 -1.23 13.32
C LEU B 428 -32.87 -1.85 12.35
N SER B 429 -32.65 -1.17 11.23
CA SER B 429 -31.89 -1.79 10.16
C SER B 429 -31.18 -0.70 9.36
N ASP B 430 -29.92 -0.93 8.97
CA ASP B 430 -29.07 0.12 8.36
C ASP B 430 -28.71 -0.26 6.93
N PRO B 431 -29.56 0.03 5.94
CA PRO B 431 -29.33 -0.54 4.60
C PRO B 431 -28.23 0.13 3.79
N TYR B 432 -27.83 1.36 4.09
CA TYR B 432 -26.91 2.09 3.24
C TYR B 432 -25.53 2.33 3.87
N ASP B 433 -25.23 1.69 5.02
CA ASP B 433 -23.97 1.90 5.74
C ASP B 433 -23.81 3.37 6.10
N TYR B 434 -24.84 3.96 6.69
CA TYR B 434 -24.86 5.41 6.86
C TYR B 434 -23.53 5.94 7.42
N HIS B 435 -22.89 6.80 6.63
CA HIS B 435 -21.69 7.50 7.04
C HIS B 435 -22.09 8.84 7.66
N LEU B 436 -21.80 9.01 8.96
CA LEU B 436 -22.34 10.16 9.71
C LEU B 436 -22.00 11.48 9.01
N LYS B 437 -23.00 12.32 8.83
CA LYS B 437 -22.81 13.61 8.15
C LYS B 437 -23.53 14.65 8.99
N VAL B 438 -22.75 15.47 9.69
CA VAL B 438 -23.30 16.44 10.63
C VAL B 438 -23.54 17.75 9.89
N LYS B 439 -24.71 18.36 10.11
CA LYS B 439 -24.97 19.69 9.61
C LYS B 439 -25.22 20.60 10.81
N GLN B 440 -24.62 21.79 10.78
CA GLN B 440 -24.73 22.75 11.86
C GLN B 440 -25.56 23.95 11.42
N SER B 441 -26.56 24.29 12.23
CA SER B 441 -27.33 25.52 12.06
C SER B 441 -27.33 26.19 13.42
N LEU B 442 -28.50 26.46 14.00
CA LEU B 442 -28.50 26.73 15.42
C LEU B 442 -28.08 25.50 16.20
N THR B 443 -28.17 24.34 15.57
CA THR B 443 -27.99 23.06 16.25
C THR B 443 -27.19 22.17 15.33
N ILE B 444 -26.74 21.06 15.86
CA ILE B 444 -26.08 20.08 15.01
C ILE B 444 -26.97 18.86 14.96
N LYS B 445 -26.95 18.20 13.81
CA LYS B 445 -27.83 17.07 13.61
C LYS B 445 -27.26 16.19 12.51
N PRO B 446 -27.49 14.89 12.57
CA PRO B 446 -27.07 14.04 11.44
C PRO B 446 -28.02 14.20 10.27
N GLU B 447 -27.44 14.35 9.08
CA GLU B 447 -28.18 14.61 7.85
C GLU B 447 -28.17 13.38 6.95
N ASP B 448 -29.22 13.24 6.13
CA ASP B 448 -29.35 12.15 5.16
C ASP B 448 -29.14 10.77 5.81
N PHE B 449 -29.70 10.61 7.00
CA PHE B 449 -29.66 9.37 7.75
C PHE B 449 -30.94 8.61 7.45
N ALA B 450 -30.81 7.43 6.84
CA ALA B 450 -31.96 6.60 6.53
C ALA B 450 -31.84 5.29 7.28
N LEU B 451 -32.97 4.77 7.74
CA LEU B 451 -32.99 3.42 8.25
C LEU B 451 -34.26 2.72 7.77
N ARG B 452 -34.31 1.41 8.02
CA ARG B 452 -35.51 0.62 7.77
C ARG B 452 -35.91 -0.10 9.04
N VAL B 453 -37.21 -0.33 9.18
CA VAL B 453 -37.77 -0.94 10.38
C VAL B 453 -38.65 -2.10 9.99
N ARG B 454 -38.75 -3.05 10.91
CA ARG B 454 -39.72 -4.11 10.75
C ARG B 454 -40.35 -4.39 12.11
N GLU B 455 -41.67 -4.61 12.13
CA GLU B 455 -42.36 -5.00 13.36
C GLU B 455 -41.63 -6.14 14.07
N ARG B 456 -41.36 -5.95 15.35
CA ARG B 456 -40.82 -7.04 16.13
C ARG B 456 -41.92 -8.07 16.32
N ARG B 457 -41.60 -9.32 16.06
CA ARG B 457 -42.56 -10.39 16.27
C ARG B 457 -42.54 -10.82 17.73
N PRO B 458 -43.63 -11.41 18.22
CA PRO B 458 -43.70 -11.68 19.67
C PRO B 458 -42.65 -12.63 20.21
N HIS B 459 -42.28 -13.69 19.47
CA HIS B 459 -41.25 -14.63 19.96
C HIS B 459 -39.83 -14.07 19.83
N GLU B 460 -39.67 -12.88 19.25
CA GLU B 460 -38.38 -12.22 19.10
C GLU B 460 -38.01 -11.35 20.30
N ARG B 461 -38.95 -11.15 21.22
CA ARG B 461 -38.77 -10.21 22.32
C ARG B 461 -38.23 -10.95 23.54
N PHE B 462 -37.43 -10.23 24.34
CA PHE B 462 -36.79 -10.85 25.52
C PHE B 462 -37.83 -11.34 26.52
N ARG C 3 20.19 -49.50 2.66
CA ARG C 3 19.23 -50.60 2.58
C ARG C 3 17.81 -50.12 2.49
N ILE C 4 17.48 -49.07 3.24
CA ILE C 4 16.11 -48.60 3.40
C ILE C 4 15.94 -47.49 2.34
N LEU C 5 15.28 -47.73 1.22
CA LEU C 5 15.27 -46.68 0.20
C LEU C 5 14.27 -45.57 0.53
N ALA C 6 14.33 -44.49 -0.26
CA ALA C 6 13.43 -43.34 -0.21
C ALA C 6 13.10 -42.86 -1.62
N PRO C 7 11.85 -42.49 -1.91
CA PRO C 7 11.54 -42.00 -3.25
C PRO C 7 12.15 -40.61 -3.48
N ILE C 8 12.75 -40.45 -4.65
CA ILE C 8 13.32 -39.13 -4.98
C ILE C 8 12.21 -38.09 -5.06
N PRO C 9 12.34 -36.95 -4.39
CA PRO C 9 11.28 -35.93 -4.40
C PRO C 9 10.88 -35.53 -5.82
N SER C 10 9.65 -35.07 -5.96
CA SER C 10 9.13 -34.71 -7.26
C SER C 10 8.40 -33.38 -7.15
N PRO C 11 8.71 -32.43 -8.03
CA PRO C 11 8.17 -31.09 -7.93
C PRO C 11 6.70 -31.07 -8.34
N PRO C 12 5.97 -30.00 -8.03
CA PRO C 12 4.52 -30.00 -8.30
C PRO C 12 4.29 -30.20 -9.78
N LYS C 13 3.21 -30.92 -10.09
CA LYS C 13 2.82 -31.26 -11.45
C LYS C 13 1.76 -30.29 -11.98
N HIS C 14 1.76 -30.11 -13.25
CA HIS C 14 0.85 -29.23 -13.94
C HIS C 14 -0.21 -30.11 -14.59
N PRO C 15 -1.50 -29.77 -14.49
CA PRO C 15 -2.53 -30.73 -14.94
C PRO C 15 -2.50 -31.05 -16.42
N GLN C 16 -2.16 -30.10 -17.32
CA GLN C 16 -1.98 -30.53 -18.71
C GLN C 16 -0.56 -30.96 -19.01
N TYR C 17 0.44 -30.27 -18.45
CA TYR C 17 1.80 -30.41 -18.94
C TYR C 17 2.66 -31.40 -18.16
N GLY C 18 2.20 -31.88 -17.00
CA GLY C 18 2.99 -32.74 -16.15
C GLY C 18 4.18 -32.00 -15.54
N HIS C 19 5.39 -32.25 -16.06
CA HIS C 19 6.59 -31.55 -15.65
C HIS C 19 7.18 -30.74 -16.79
N LEU C 20 6.57 -30.78 -17.97
CA LEU C 20 7.13 -30.13 -19.15
C LEU C 20 7.18 -28.60 -19.03
N HIS C 21 6.35 -28.00 -18.18
CA HIS C 21 6.39 -26.55 -18.06
C HIS C 21 7.70 -26.09 -17.46
N TYR C 22 8.36 -26.92 -16.64
CA TYR C 22 9.66 -26.55 -16.10
C TYR C 22 10.71 -26.47 -17.19
N LEU C 23 10.46 -27.03 -18.37
CA LEU C 23 11.39 -26.90 -19.48
C LEU C 23 11.05 -25.72 -20.37
N ALA C 24 9.95 -25.04 -20.10
CA ALA C 24 9.63 -23.91 -20.94
C ALA C 24 10.37 -22.67 -20.42
N GLY C 25 10.39 -21.62 -21.24
CA GLY C 25 10.92 -20.32 -20.85
C GLY C 25 12.31 -20.05 -21.39
N ASP C 26 12.80 -18.82 -21.14
CA ASP C 26 14.09 -18.41 -21.69
C ASP C 26 15.28 -19.04 -20.97
N ALA C 27 15.08 -19.57 -19.75
CA ALA C 27 16.17 -20.14 -18.96
C ALA C 27 15.59 -21.17 -17.99
N PRO C 28 15.27 -22.36 -18.48
CA PRO C 28 14.67 -23.37 -17.60
C PRO C 28 15.56 -23.78 -16.42
N VAL C 29 16.89 -23.62 -16.52
CA VAL C 29 17.75 -23.91 -15.36
C VAL C 29 17.36 -23.01 -14.18
N LEU C 30 16.81 -21.82 -14.46
CA LEU C 30 16.38 -20.96 -13.36
C LEU C 30 15.08 -21.48 -12.72
N ASN C 31 14.18 -22.05 -13.54
CA ASN C 31 13.06 -22.79 -12.98
C ASN C 31 13.54 -23.83 -11.99
N PHE C 32 14.61 -24.55 -12.38
CA PHE C 32 15.14 -25.63 -11.55
C PHE C 32 15.74 -25.09 -10.26
N PHE C 33 16.48 -23.98 -10.36
CA PHE C 33 17.10 -23.38 -9.19
C PHE C 33 16.05 -22.96 -8.17
N GLN C 34 14.96 -22.36 -8.66
CA GLN C 34 13.89 -21.95 -7.76
C GLN C 34 13.26 -23.16 -7.07
N LEU C 35 12.92 -24.18 -7.85
CA LEU C 35 12.44 -25.44 -7.24
C LEU C 35 13.40 -25.95 -6.17
N ALA C 36 14.70 -26.01 -6.53
CA ALA C 36 15.72 -26.59 -5.66
C ALA C 36 15.78 -25.89 -4.31
N ARG C 37 15.54 -24.58 -4.31
CA ARG C 37 15.64 -23.84 -3.05
C ARG C 37 14.53 -24.19 -2.07
N GLN C 38 13.47 -24.85 -2.54
CA GLN C 38 12.39 -25.31 -1.66
C GLN C 38 12.41 -26.83 -1.43
N ILE C 39 13.37 -27.54 -2.02
CA ILE C 39 13.39 -29.00 -1.81
C ILE C 39 14.70 -29.31 -1.07
N PRO C 40 14.67 -29.41 0.26
CA PRO C 40 15.93 -29.49 1.01
C PRO C 40 16.64 -30.82 0.92
N GLU C 41 15.99 -31.86 0.38
CA GLU C 41 16.62 -33.16 0.22
C GLU C 41 17.82 -33.11 -0.71
N GLY C 42 17.93 -32.05 -1.53
CA GLY C 42 19.12 -31.85 -2.33
C GLY C 42 19.08 -32.42 -3.73
N LEU C 43 17.96 -33.01 -4.13
CA LEU C 43 17.75 -33.47 -5.51
C LEU C 43 16.26 -33.65 -5.73
N PHE C 44 15.86 -33.63 -6.99
CA PHE C 44 14.48 -33.91 -7.35
C PHE C 44 14.45 -34.55 -8.73
N GLN C 45 13.27 -35.05 -9.11
CA GLN C 45 13.08 -35.89 -10.28
C GLN C 45 11.96 -35.33 -11.15
N LEU C 46 12.17 -35.31 -12.46
CA LEU C 46 11.16 -34.90 -13.44
C LEU C 46 10.88 -36.03 -14.41
N ASP C 47 9.66 -36.08 -14.90
CA ASP C 47 9.24 -37.06 -15.89
C ASP C 47 9.08 -36.27 -17.17
N ILE C 48 10.14 -36.25 -17.98
CA ILE C 48 10.11 -35.55 -19.25
C ILE C 48 9.63 -36.61 -20.23
N GLN C 49 8.31 -36.62 -20.49
CA GLN C 49 7.63 -37.61 -21.31
C GLN C 49 8.62 -38.43 -22.14
N GLY C 50 8.82 -39.67 -21.74
CA GLY C 50 9.89 -40.43 -22.35
C GLY C 50 10.91 -40.91 -21.33
N ARG C 51 11.52 -39.98 -20.59
CA ARG C 51 12.65 -40.28 -19.72
C ARG C 51 12.41 -39.68 -18.35
N THR C 52 13.23 -40.12 -17.40
CA THR C 52 13.40 -39.48 -16.11
C THR C 52 14.63 -38.56 -16.12
N LEU C 53 14.45 -37.29 -15.73
CA LEU C 53 15.54 -36.34 -15.54
C LEU C 53 15.71 -36.03 -14.06
N ILE C 54 16.92 -36.15 -13.54
CA ILE C 54 17.19 -35.90 -12.14
C ILE C 54 18.09 -34.68 -12.02
N GLN C 55 17.79 -33.82 -11.06
CA GLN C 55 18.58 -32.63 -10.76
C GLN C 55 19.14 -32.81 -9.36
N ALA C 56 20.45 -32.64 -9.20
CA ALA C 56 21.13 -32.81 -7.92
C ALA C 56 21.93 -31.57 -7.59
N TYR C 57 21.91 -31.16 -6.32
CA TYR C 57 22.58 -29.90 -5.96
C TYR C 57 23.12 -29.90 -4.53
N ASP C 58 22.76 -30.87 -3.70
CA ASP C 58 23.39 -30.97 -2.38
C ASP C 58 24.88 -31.26 -2.52
N PRO C 59 25.74 -30.52 -1.83
CA PRO C 59 27.20 -30.70 -2.02
C PRO C 59 27.70 -32.11 -1.77
N ASN C 60 27.12 -32.82 -0.80
CA ASN C 60 27.58 -34.19 -0.55
C ASN C 60 27.01 -35.16 -1.56
N LEU C 61 25.75 -34.98 -1.94
CA LEU C 61 25.21 -35.76 -3.05
C LEU C 61 26.08 -35.59 -4.28
N VAL C 62 26.52 -34.35 -4.52
CA VAL C 62 27.26 -34.04 -5.73
C VAL C 62 28.67 -34.62 -5.63
N ALA C 63 29.26 -34.64 -4.43
CA ALA C 63 30.50 -35.39 -4.23
C ALA C 63 30.34 -36.85 -4.66
N GLU C 64 29.25 -37.50 -4.26
CA GLU C 64 29.04 -38.87 -4.71
C GLU C 64 28.90 -38.95 -6.22
N LEU C 65 28.13 -38.03 -6.82
CA LEU C 65 27.90 -38.05 -8.27
C LEU C 65 29.16 -37.68 -9.05
N THR C 66 30.16 -37.14 -8.36
CA THR C 66 31.45 -36.73 -8.88
C THR C 66 32.47 -37.86 -8.85
N ASP C 67 32.11 -38.99 -8.23
CA ASP C 67 32.94 -40.19 -8.20
C ASP C 67 32.85 -40.89 -9.53
N GLU C 68 33.94 -40.87 -10.28
CA GLU C 68 33.97 -41.40 -11.63
C GLU C 68 34.01 -42.93 -11.66
N ARG C 69 34.15 -43.56 -10.49
CA ARG C 69 33.91 -44.98 -10.40
C ARG C 69 32.42 -45.27 -10.46
N ARG C 70 31.57 -44.28 -10.18
CA ARG C 70 30.12 -44.49 -10.06
C ARG C 70 29.32 -43.77 -11.13
N PHE C 71 29.71 -42.54 -11.49
CA PHE C 71 29.03 -41.81 -12.55
C PHE C 71 30.06 -41.16 -13.47
N GLN C 72 29.75 -41.09 -14.76
CA GLN C 72 30.67 -40.43 -15.68
C GLN C 72 29.88 -39.76 -16.79
N LYS C 73 30.49 -38.76 -17.41
CA LYS C 73 29.91 -38.20 -18.62
C LYS C 73 29.82 -39.27 -19.69
N ARG C 74 28.66 -39.32 -20.34
CA ARG C 74 28.41 -40.22 -21.46
C ARG C 74 27.74 -39.45 -22.59
N VAL C 75 28.24 -39.64 -23.83
CA VAL C 75 27.61 -38.98 -24.96
C VAL C 75 26.20 -39.53 -25.16
N HIS C 76 25.96 -40.79 -24.70
CA HIS C 76 24.74 -41.57 -24.77
C HIS C 76 23.53 -40.65 -24.85
N PRO C 77 22.75 -40.71 -25.95
CA PRO C 77 21.66 -39.74 -26.21
C PRO C 77 21.52 -38.58 -25.24
N ALA C 78 22.28 -37.50 -25.48
CA ALA C 78 22.32 -36.28 -24.63
C ALA C 78 23.17 -35.24 -25.32
N TYR C 79 24.34 -35.67 -25.79
CA TYR C 79 25.22 -34.87 -26.61
C TYR C 79 25.10 -35.29 -28.07
N THR C 80 24.03 -36.03 -28.39
CA THR C 80 23.86 -36.63 -29.70
C THR C 80 23.76 -35.57 -30.78
N ASN C 81 22.94 -34.54 -30.53
CA ASN C 81 22.78 -33.47 -31.51
C ASN C 81 24.06 -32.65 -31.66
N ILE C 82 24.70 -32.27 -30.55
CA ILE C 82 25.90 -31.45 -30.68
C ILE C 82 27.03 -32.21 -31.40
N ARG C 83 27.04 -33.55 -31.32
CA ARG C 83 28.04 -34.34 -32.04
C ARG C 83 27.95 -34.12 -33.56
N ASN C 84 26.78 -33.73 -34.06
CA ASN C 84 26.60 -33.42 -35.48
C ASN C 84 27.65 -32.45 -36.01
N LEU C 85 28.26 -31.64 -35.14
CA LEU C 85 29.44 -30.88 -35.53
C LEU C 85 30.63 -31.07 -34.60
N GLY C 86 30.46 -31.76 -33.47
CA GLY C 86 31.59 -32.09 -32.62
C GLY C 86 32.33 -33.35 -33.01
N GLY C 87 31.63 -34.29 -33.67
CA GLY C 87 32.28 -35.51 -34.11
C GLY C 87 32.88 -36.27 -32.95
N ASP C 88 34.12 -36.75 -33.11
CA ASP C 88 34.83 -37.33 -31.97
C ASP C 88 35.91 -36.40 -31.46
N GLY C 89 35.66 -35.09 -31.54
CA GLY C 89 36.40 -34.13 -30.74
C GLY C 89 36.17 -34.35 -29.26
N LEU C 90 36.96 -33.66 -28.45
CA LEU C 90 37.03 -33.99 -27.02
C LEU C 90 35.68 -33.83 -26.30
N PHE C 91 34.83 -32.94 -26.77
CA PHE C 91 33.64 -32.57 -26.00
C PHE C 91 32.50 -33.57 -26.21
N THR C 92 32.46 -34.19 -27.39
CA THR C 92 31.33 -35.00 -27.80
C THR C 92 31.72 -36.46 -28.01
N SER C 93 32.84 -36.89 -27.45
CA SER C 93 33.25 -38.28 -27.56
C SER C 93 33.31 -38.90 -26.17
N ASP C 94 33.13 -40.23 -26.13
CA ASP C 94 33.18 -40.99 -24.90
C ASP C 94 34.61 -41.29 -24.49
N SER C 95 34.83 -41.42 -23.17
CA SER C 95 36.18 -41.64 -22.64
C SER C 95 36.87 -42.77 -23.38
N PHE C 96 36.11 -43.80 -23.76
CA PHE C 96 36.68 -45.00 -24.33
C PHE C 96 36.91 -44.91 -25.84
N GLU C 97 36.27 -43.99 -26.56
CA GLU C 97 36.62 -43.83 -27.97
C GLU C 97 38.10 -43.48 -28.06
N PRO C 98 38.88 -44.18 -28.91
CA PRO C 98 40.33 -43.98 -28.88
C PRO C 98 40.72 -42.54 -29.22
N ASN C 99 39.93 -41.88 -30.07
CA ASN C 99 40.26 -40.52 -30.46
C ASN C 99 40.16 -39.56 -29.27
N TRP C 100 39.28 -39.85 -28.31
CA TRP C 100 39.25 -39.03 -27.11
C TRP C 100 40.57 -39.11 -26.37
N GLY C 101 41.00 -40.31 -26.00
CA GLY C 101 42.28 -40.47 -25.32
C GLY C 101 43.46 -39.88 -26.07
N LYS C 102 43.54 -40.13 -27.38
CA LYS C 102 44.68 -39.62 -28.15
C LYS C 102 44.70 -38.10 -28.15
N ALA C 103 43.60 -37.49 -28.65
CA ALA C 103 43.47 -36.05 -28.66
C ALA C 103 43.71 -35.45 -27.28
N HIS C 104 43.17 -36.10 -26.25
CA HIS C 104 43.34 -35.65 -24.87
C HIS C 104 44.81 -35.54 -24.53
N ARG C 105 45.56 -36.62 -24.74
CA ARG C 105 46.97 -36.65 -24.34
C ARG C 105 47.81 -35.69 -25.17
N ILE C 106 47.47 -35.52 -26.45
CA ILE C 106 48.15 -34.53 -27.29
C ILE C 106 47.89 -33.11 -26.77
N LEU C 107 46.63 -32.80 -26.45
CA LEU C 107 46.23 -31.42 -26.21
C LEU C 107 46.47 -30.97 -24.78
N LEU C 108 46.50 -31.88 -23.78
CA LEU C 108 46.74 -31.43 -22.41
C LEU C 108 47.91 -30.47 -22.25
N PRO C 109 49.13 -30.80 -22.68
CA PRO C 109 50.23 -29.83 -22.50
C PRO C 109 50.06 -28.58 -23.35
N ALA C 110 49.28 -28.62 -24.44
CA ALA C 110 49.03 -27.42 -25.23
C ALA C 110 48.04 -26.48 -24.57
N PHE C 111 47.28 -26.96 -23.58
CA PHE C 111 46.28 -26.16 -22.88
C PHE C 111 46.68 -25.94 -21.45
N SER C 112 47.88 -26.36 -21.07
CA SER C 112 48.33 -26.21 -19.70
C SER C 112 48.64 -24.75 -19.40
N GLN C 113 48.76 -24.43 -18.11
CA GLN C 113 49.16 -23.07 -17.77
C GLN C 113 50.46 -22.70 -18.50
N ARG C 114 51.45 -23.60 -18.47
CA ARG C 114 52.74 -23.35 -19.11
C ARG C 114 52.59 -22.91 -20.56
N ALA C 115 51.56 -23.42 -21.25
CA ALA C 115 51.39 -23.13 -22.66
C ALA C 115 50.81 -21.75 -22.89
N MET C 116 50.36 -21.10 -21.82
CA MET C 116 49.55 -19.92 -22.01
C MET C 116 50.38 -18.76 -22.55
N LYS C 117 51.65 -18.64 -22.14
CA LYS C 117 52.50 -17.58 -22.71
C LYS C 117 52.50 -17.64 -24.24
N GLY C 118 52.53 -18.85 -24.82
CA GLY C 118 52.57 -18.95 -26.26
C GLY C 118 51.38 -18.31 -26.95
N TYR C 119 50.24 -18.26 -26.27
CA TYR C 119 49.01 -17.76 -26.89
C TYR C 119 48.81 -16.27 -26.62
N PHE C 120 49.63 -15.67 -25.74
CA PHE C 120 49.35 -14.31 -25.31
C PHE C 120 49.27 -13.35 -26.48
N GLY C 121 50.28 -13.41 -27.37
CA GLY C 121 50.28 -12.53 -28.52
C GLY C 121 48.96 -12.56 -29.26
N GLN C 122 48.35 -13.74 -29.36
CA GLN C 122 47.09 -13.74 -30.09
C GLN C 122 45.98 -13.13 -29.23
N MET C 123 45.88 -13.54 -27.95
CA MET C 123 44.89 -12.91 -27.07
C MET C 123 45.07 -11.38 -27.06
N LEU C 124 46.32 -10.91 -26.87
CA LEU C 124 46.56 -9.46 -26.81
C LEU C 124 46.13 -8.79 -28.10
N GLU C 125 46.34 -9.45 -29.23
CA GLU C 125 45.94 -8.86 -30.49
C GLU C 125 44.43 -8.64 -30.49
N VAL C 126 43.67 -9.68 -30.17
CA VAL C 126 42.22 -9.58 -30.31
C VAL C 126 41.67 -8.60 -29.30
N ALA C 127 42.19 -8.67 -28.08
CA ALA C 127 41.74 -7.77 -27.03
C ALA C 127 41.88 -6.34 -27.50
N GLN C 128 43.04 -6.01 -28.09
CA GLN C 128 43.27 -4.64 -28.53
C GLN C 128 42.27 -4.23 -29.60
N ALA C 129 41.92 -5.12 -30.51
CA ALA C 129 40.92 -4.75 -31.50
C ALA C 129 39.60 -4.39 -30.83
N LEU C 130 39.23 -5.16 -29.80
CA LEU C 130 38.05 -4.81 -29.00
C LEU C 130 38.13 -3.37 -28.49
N VAL C 131 39.24 -3.05 -27.82
CA VAL C 131 39.40 -1.73 -27.26
C VAL C 131 39.27 -0.68 -28.35
N GLY C 132 39.88 -0.95 -29.51
CA GLY C 132 39.76 -0.04 -30.63
C GLY C 132 38.32 0.28 -30.96
N LYS C 133 37.50 -0.75 -31.08
CA LYS C 133 36.09 -0.52 -31.40
C LYS C 133 35.46 0.41 -30.37
N TRP C 134 35.69 0.13 -29.08
CA TRP C 134 35.06 0.93 -28.05
C TRP C 134 35.62 2.35 -28.01
N GLU C 135 36.90 2.53 -28.34
CA GLU C 135 37.41 3.88 -28.48
C GLU C 135 36.68 4.60 -29.60
N ARG C 136 36.55 3.95 -30.75
CA ARG C 136 35.99 4.60 -31.93
C ARG C 136 34.54 4.98 -31.74
N THR C 137 33.84 4.35 -30.81
CA THR C 137 32.40 4.49 -30.73
C THR C 137 31.95 5.04 -29.39
N GLN C 138 32.87 5.65 -28.62
CA GLN C 138 32.56 6.20 -27.30
C GLN C 138 31.25 6.96 -27.31
N GLY C 139 30.44 6.77 -26.26
CA GLY C 139 29.14 7.39 -26.16
C GLY C 139 28.00 6.59 -26.76
N GLN C 140 28.27 5.80 -27.81
CA GLN C 140 27.29 4.85 -28.36
C GLN C 140 27.14 3.62 -27.47
N ASP C 141 25.97 2.97 -27.57
CA ASP C 141 25.74 1.76 -26.81
C ASP C 141 26.68 0.66 -27.23
N VAL C 142 27.45 0.14 -26.27
CA VAL C 142 28.21 -1.10 -26.45
C VAL C 142 27.28 -2.28 -26.25
N ARG C 143 27.18 -3.14 -27.28
CA ARG C 143 26.42 -4.37 -27.13
C ARG C 143 27.33 -5.44 -26.54
N VAL C 144 27.16 -5.68 -25.24
CA VAL C 144 28.14 -6.42 -24.44
C VAL C 144 28.25 -7.86 -24.91
N ALA C 145 27.14 -8.59 -24.94
CA ALA C 145 27.15 -9.97 -25.40
C ALA C 145 27.74 -10.06 -26.80
N ASP C 146 27.34 -9.14 -27.69
CA ASP C 146 27.77 -9.19 -29.08
C ASP C 146 29.29 -9.00 -29.19
N ASP C 147 29.83 -8.00 -28.50
CA ASP C 147 31.26 -7.74 -28.60
C ASP C 147 32.10 -8.78 -27.88
N MET C 148 31.58 -9.38 -26.81
CA MET C 148 32.32 -10.44 -26.13
C MET C 148 32.39 -11.69 -27.00
N THR C 149 31.30 -11.99 -27.74
CA THR C 149 31.35 -13.07 -28.74
C THR C 149 32.36 -12.79 -29.84
N ARG C 150 32.39 -11.56 -30.36
CA ARG C 150 33.46 -11.22 -31.30
C ARG C 150 34.83 -11.49 -30.68
N LEU C 151 35.06 -10.99 -29.47
CA LEU C 151 36.34 -11.20 -28.79
C LEU C 151 36.71 -12.67 -28.74
N THR C 152 35.82 -13.51 -28.19
CA THR C 152 36.19 -14.90 -27.93
C THR C 152 36.25 -15.72 -29.21
N LEU C 153 35.34 -15.49 -30.16
CA LEU C 153 35.42 -16.17 -31.46
C LEU C 153 36.72 -15.86 -32.19
N ASP C 154 37.01 -14.57 -32.40
CA ASP C 154 38.25 -14.21 -33.06
C ASP C 154 39.46 -14.76 -32.28
N THR C 155 39.44 -14.67 -30.94
CA THR C 155 40.61 -15.13 -30.20
C THR C 155 40.83 -16.62 -30.36
N ILE C 156 39.79 -17.41 -30.15
CA ILE C 156 39.94 -18.87 -30.21
C ILE C 156 40.25 -19.29 -31.64
N SER C 157 39.70 -18.61 -32.65
CA SER C 157 40.05 -18.91 -34.03
C SER C 157 41.51 -18.61 -34.32
N LEU C 158 42.01 -17.46 -33.85
CA LEU C 158 43.38 -17.08 -34.13
C LEU C 158 44.37 -18.00 -33.42
N SER C 159 44.10 -18.32 -32.15
CA SER C 159 45.01 -19.23 -31.45
C SER C 159 44.83 -20.67 -31.90
N GLY C 160 43.65 -21.04 -32.37
CA GLY C 160 43.35 -22.41 -32.71
C GLY C 160 43.91 -22.82 -34.05
N PHE C 161 43.57 -22.06 -35.10
CA PHE C 161 44.03 -22.37 -36.45
C PHE C 161 44.42 -21.11 -37.22
N ASP C 162 45.02 -20.15 -36.50
CA ASP C 162 45.73 -19.01 -37.08
C ASP C 162 44.95 -18.32 -38.18
N TYR C 163 43.63 -18.24 -37.98
CA TYR C 163 42.69 -17.58 -38.89
C TYR C 163 42.14 -16.30 -38.26
N ARG C 164 42.14 -15.20 -39.04
CA ARG C 164 41.71 -13.87 -38.60
C ARG C 164 40.35 -13.55 -39.23
N PHE C 165 39.29 -13.63 -38.44
CA PHE C 165 38.00 -13.21 -38.94
C PHE C 165 37.80 -11.69 -38.84
N ARG C 166 38.66 -10.99 -38.11
CA ARG C 166 38.58 -9.54 -38.01
C ARG C 166 37.15 -9.06 -37.74
N SER C 167 36.54 -9.62 -36.69
CA SER C 167 35.13 -9.34 -36.39
C SER C 167 34.89 -7.93 -35.87
N PHE C 168 35.93 -7.20 -35.45
CA PHE C 168 35.72 -5.84 -34.92
C PHE C 168 35.79 -4.77 -36.02
N ASP C 169 36.16 -5.15 -37.25
CA ASP C 169 36.24 -4.20 -38.36
C ASP C 169 34.89 -3.87 -38.97
N LYS C 170 33.90 -4.74 -38.80
CA LYS C 170 32.68 -4.60 -39.57
C LYS C 170 31.55 -5.20 -38.73
N ASP C 171 30.35 -4.73 -39.00
CA ASP C 171 29.22 -5.09 -38.15
C ASP C 171 28.75 -6.52 -38.38
N GLU C 172 28.63 -6.94 -39.64
CA GLU C 172 28.17 -8.29 -39.96
C GLU C 172 29.36 -9.28 -39.89
N LEU C 173 29.13 -10.48 -39.32
CA LEU C 173 30.18 -11.48 -39.12
C LEU C 173 30.62 -12.23 -40.38
N HIS C 174 31.85 -12.75 -40.35
CA HIS C 174 32.35 -13.64 -41.40
C HIS C 174 31.37 -14.79 -41.62
N PRO C 175 31.17 -15.22 -42.88
CA PRO C 175 30.19 -16.30 -43.15
C PRO C 175 30.37 -17.57 -42.34
N PHE C 176 31.62 -18.03 -42.18
CA PHE C 176 31.91 -19.20 -41.36
C PHE C 176 31.29 -19.07 -39.96
N LEU C 177 31.43 -17.89 -39.35
CA LEU C 177 30.89 -17.68 -38.02
C LEU C 177 29.38 -17.50 -38.02
N GLN C 178 28.82 -16.91 -39.08
CA GLN C 178 27.36 -16.77 -39.14
C GLN C 178 26.70 -18.13 -39.24
N ALA C 179 27.31 -19.01 -40.03
CA ALA C 179 26.84 -20.38 -40.14
C ALA C 179 26.96 -21.10 -38.79
N LEU C 180 28.08 -20.88 -38.08
CA LEU C 180 28.24 -21.43 -36.74
C LEU C 180 27.05 -21.07 -35.84
N ALA C 181 26.68 -19.78 -35.80
CA ALA C 181 25.57 -19.35 -34.94
C ALA C 181 24.29 -20.05 -35.33
N ARG C 182 23.97 -20.06 -36.63
CA ARG C 182 22.78 -20.77 -37.10
C ARG C 182 22.79 -22.23 -36.63
N ALA C 183 23.92 -22.91 -36.87
CA ALA C 183 24.03 -24.33 -36.53
C ALA C 183 23.82 -24.56 -35.03
N MET C 184 24.50 -23.79 -34.19
CA MET C 184 24.36 -23.92 -32.74
C MET C 184 22.91 -23.80 -32.29
N HIS C 185 22.23 -22.73 -32.72
CA HIS C 185 20.83 -22.56 -32.35
C HIS C 185 19.98 -23.75 -32.79
N HIS C 186 20.21 -24.21 -34.03
CA HIS C 186 19.48 -25.36 -34.56
C HIS C 186 19.78 -26.63 -33.78
N THR C 187 21.00 -26.77 -33.28
CA THR C 187 21.39 -27.91 -32.46
C THR C 187 20.66 -27.92 -31.13
N MET C 188 20.39 -26.75 -30.53
CA MET C 188 19.57 -26.76 -29.32
C MET C 188 18.10 -27.04 -29.63
N THR C 189 17.61 -26.61 -30.79
CA THR C 189 16.22 -26.93 -31.13
C THR C 189 16.04 -28.42 -31.46
N MET C 190 17.05 -29.09 -31.98
CA MET C 190 16.84 -30.51 -32.28
C MET C 190 16.62 -31.34 -31.02
N ALA C 207 19.99 -27.12 -44.88
CA ALA C 207 20.84 -25.95 -44.71
C ALA C 207 21.79 -26.19 -43.56
N TYR C 208 21.30 -26.96 -42.59
CA TYR C 208 22.09 -27.24 -41.40
C TYR C 208 23.35 -28.01 -41.78
N TRP C 209 23.18 -29.14 -42.47
CA TRP C 209 24.32 -29.92 -42.93
C TRP C 209 25.17 -29.18 -43.96
N ALA C 210 24.56 -28.26 -44.73
CA ALA C 210 25.33 -27.42 -45.64
C ALA C 210 26.24 -26.48 -44.86
N ASP C 211 25.70 -25.83 -43.84
CA ASP C 211 26.52 -25.05 -42.90
C ASP C 211 27.70 -25.87 -42.40
N ILE C 212 27.41 -27.08 -41.90
CA ILE C 212 28.48 -27.92 -41.34
C ILE C 212 29.50 -28.30 -42.41
N ALA C 213 29.03 -28.59 -43.63
CA ALA C 213 29.93 -28.88 -44.74
C ALA C 213 30.84 -27.70 -45.04
N SER C 214 30.26 -26.50 -45.16
CA SER C 214 31.07 -25.33 -45.49
C SER C 214 32.12 -25.06 -44.42
N MET C 215 31.76 -25.26 -43.15
CA MET C 215 32.75 -25.09 -42.10
C MET C 215 33.84 -26.13 -42.22
N ASN C 216 33.46 -27.41 -42.27
CA ASN C 216 34.41 -28.50 -42.46
C ASN C 216 35.28 -28.23 -43.67
N GLU C 217 34.66 -27.73 -44.73
CA GLU C 217 35.33 -27.34 -45.96
C GLU C 217 36.50 -26.41 -45.65
N LEU C 218 36.18 -25.28 -45.01
CA LEU C 218 37.18 -24.27 -44.67
C LEU C 218 38.30 -24.84 -43.81
N VAL C 219 37.93 -25.62 -42.80
CA VAL C 219 38.93 -26.09 -41.84
C VAL C 219 39.85 -27.11 -42.51
N ASP C 220 39.26 -28.08 -43.21
CA ASP C 220 40.04 -29.01 -44.01
C ASP C 220 41.03 -28.26 -44.90
N GLU C 221 40.55 -27.17 -45.52
CA GLU C 221 41.37 -26.46 -46.49
C GLU C 221 42.61 -25.93 -45.80
N VAL C 222 42.39 -25.26 -44.66
CA VAL C 222 43.51 -24.70 -43.91
C VAL C 222 44.49 -25.79 -43.49
N ILE C 223 43.98 -26.95 -43.07
CA ILE C 223 44.85 -28.02 -42.57
C ILE C 223 45.79 -28.52 -43.66
N ARG C 224 45.23 -28.74 -44.87
CA ARG C 224 46.01 -29.31 -45.97
C ARG C 224 47.24 -28.48 -46.24
N GLU C 225 47.08 -27.15 -46.18
CA GLU C 225 48.14 -26.20 -46.55
C GLU C 225 49.28 -26.14 -45.52
N ARG C 226 49.03 -26.41 -44.26
CA ARG C 226 50.17 -26.41 -43.33
C ARG C 226 50.81 -27.78 -43.30
N ARG C 227 50.08 -28.81 -43.83
CA ARG C 227 50.73 -30.09 -44.11
C ARG C 227 51.81 -30.14 -45.17
N GLY C 228 52.42 -29.02 -45.50
CA GLY C 228 53.55 -29.13 -46.40
C GLY C 228 54.66 -28.12 -46.24
N HIS C 229 54.90 -27.80 -44.97
CA HIS C 229 55.27 -26.48 -44.52
C HIS C 229 55.64 -26.62 -43.05
N GLY C 230 54.73 -27.23 -42.30
CA GLY C 230 54.80 -27.47 -40.88
C GLY C 230 54.01 -26.42 -40.13
N GLY C 231 53.39 -26.81 -39.00
CA GLY C 231 52.71 -25.79 -38.22
C GLY C 231 53.64 -24.82 -37.55
N GLY C 232 54.95 -25.05 -37.66
CA GLY C 232 55.99 -24.23 -37.06
C GLY C 232 56.27 -24.56 -35.61
N GLY C 233 55.26 -25.07 -34.90
CA GLY C 233 55.31 -25.28 -33.46
C GLY C 233 54.26 -24.38 -32.83
N GLY C 234 54.34 -23.09 -33.13
CA GLY C 234 53.42 -22.09 -32.61
C GLY C 234 52.12 -22.02 -33.39
N ASP C 235 51.03 -22.43 -32.70
CA ASP C 235 49.66 -22.63 -33.19
C ASP C 235 49.12 -23.92 -32.57
N LEU C 236 47.82 -23.99 -32.27
CA LEU C 236 47.25 -25.26 -31.81
C LEU C 236 47.26 -26.30 -32.92
N LEU C 237 46.82 -25.91 -34.11
CA LEU C 237 46.96 -26.79 -35.27
C LEU C 237 48.43 -27.18 -35.50
N GLY C 238 49.34 -26.21 -35.43
CA GLY C 238 50.76 -26.51 -35.59
C GLY C 238 51.26 -27.63 -34.71
N LEU C 239 50.67 -27.79 -33.54
CA LEU C 239 50.93 -28.94 -32.69
C LEU C 239 50.16 -30.18 -33.15
N MET C 240 48.90 -30.05 -33.55
CA MET C 240 48.11 -31.21 -33.95
C MET C 240 48.52 -31.77 -35.31
N LEU C 241 49.82 -31.84 -35.57
CA LEU C 241 50.33 -32.32 -36.85
C LEU C 241 51.68 -32.95 -36.62
N ASN C 242 52.51 -32.24 -35.86
CA ASN C 242 53.88 -32.62 -35.53
C ASN C 242 54.00 -33.17 -34.11
N ALA C 243 52.90 -33.76 -33.59
CA ALA C 243 52.87 -34.28 -32.23
C ALA C 243 52.19 -35.64 -32.28
N THR C 244 52.79 -36.58 -31.56
CA THR C 244 52.30 -37.95 -31.42
C THR C 244 51.82 -38.18 -30.00
N ASP C 245 50.91 -39.12 -29.86
CA ASP C 245 50.42 -39.62 -28.59
C ASP C 245 51.56 -40.31 -27.84
N PRO C 246 52.05 -39.75 -26.70
CA PRO C 246 53.22 -40.35 -26.05
C PRO C 246 53.03 -41.78 -25.58
N GLU C 247 51.84 -42.33 -25.79
CA GLU C 247 51.47 -43.67 -25.41
C GLU C 247 51.48 -44.64 -26.59
N THR C 248 50.85 -44.24 -27.68
CA THR C 248 50.71 -45.11 -28.84
C THR C 248 51.69 -44.79 -29.95
N GLY C 249 52.32 -43.61 -29.91
CA GLY C 249 53.28 -43.18 -30.88
C GLY C 249 52.72 -42.63 -32.19
N GLU C 250 51.40 -42.52 -32.31
CA GLU C 250 50.76 -42.01 -33.51
C GLU C 250 50.25 -40.58 -33.30
N ARG C 251 50.19 -39.84 -34.41
CA ARG C 251 49.60 -38.52 -34.47
C ARG C 251 48.09 -38.64 -34.72
N LEU C 252 47.41 -37.50 -34.63
CA LEU C 252 45.97 -37.41 -34.87
C LEU C 252 45.60 -37.55 -36.34
N SER C 253 44.41 -38.11 -36.56
CA SER C 253 43.73 -38.09 -37.85
C SER C 253 43.63 -36.67 -38.38
N ASP C 254 43.39 -36.52 -39.70
CA ASP C 254 43.06 -35.18 -40.21
C ASP C 254 41.62 -34.83 -39.91
N GLU C 255 40.70 -35.79 -40.14
CA GLU C 255 39.28 -35.52 -39.87
C GLU C 255 39.09 -35.15 -38.42
N ASN C 256 39.83 -35.81 -37.54
CA ASN C 256 39.75 -35.48 -36.13
C ASN C 256 40.33 -34.10 -35.83
N ILE C 257 41.41 -33.71 -36.52
CA ILE C 257 41.94 -32.35 -36.35
C ILE C 257 40.87 -31.33 -36.64
N ARG C 258 40.11 -31.53 -37.72
CA ARG C 258 39.03 -30.62 -38.04
C ARG C 258 37.97 -30.62 -36.94
N TYR C 259 37.60 -31.81 -36.46
CA TYR C 259 36.62 -31.91 -35.37
C TYR C 259 37.08 -31.16 -34.12
N GLN C 260 38.37 -31.22 -33.79
CA GLN C 260 38.87 -30.49 -32.61
C GLN C 260 38.82 -28.98 -32.79
N VAL C 261 39.18 -28.49 -33.98
CA VAL C 261 39.02 -27.06 -34.25
C VAL C 261 37.58 -26.64 -34.03
N MET C 262 36.66 -27.38 -34.64
CA MET C 262 35.25 -27.11 -34.43
C MET C 262 34.87 -27.17 -32.95
N THR C 263 35.47 -28.11 -32.20
CA THR C 263 35.13 -28.25 -30.79
C THR C 263 35.53 -27.00 -30.02
N PHE C 264 36.78 -26.59 -30.18
CA PHE C 264 37.25 -25.31 -29.63
C PHE C 264 36.24 -24.19 -29.86
N LEU C 265 35.66 -24.08 -31.06
CA LEU C 265 34.72 -22.97 -31.18
C LEU C 265 33.40 -23.27 -30.47
N ILE C 266 32.94 -24.54 -30.51
CA ILE C 266 31.67 -24.91 -29.89
C ILE C 266 31.72 -24.64 -28.39
N ALA C 267 32.77 -25.12 -27.74
CA ALA C 267 32.88 -25.16 -26.31
C ALA C 267 33.54 -23.91 -25.75
N GLY C 268 34.18 -23.13 -26.61
CA GLY C 268 34.98 -22.02 -26.16
C GLY C 268 34.40 -20.65 -26.38
N HIS C 269 33.42 -20.45 -27.28
CA HIS C 269 33.26 -19.02 -27.47
C HIS C 269 32.21 -18.48 -26.50
N GLU C 270 31.05 -19.13 -26.42
CA GLU C 270 29.92 -18.55 -25.69
C GLU C 270 29.98 -18.82 -24.20
N THR C 271 30.72 -19.84 -23.75
CA THR C 271 31.08 -19.92 -22.34
C THR C 271 31.94 -18.72 -21.94
N THR C 272 33.03 -18.47 -22.67
CA THR C 272 33.97 -17.41 -22.29
C THR C 272 33.31 -16.03 -22.42
N SER C 273 32.54 -15.81 -23.50
CA SER C 273 31.86 -14.53 -23.65
C SER C 273 30.76 -14.35 -22.61
N GLY C 274 29.99 -15.41 -22.31
CA GLY C 274 29.06 -15.35 -21.20
C GLY C 274 29.77 -14.94 -19.91
N LEU C 275 30.91 -15.58 -19.62
CA LEU C 275 31.64 -15.20 -18.42
C LEU C 275 31.97 -13.71 -18.43
N LEU C 276 32.47 -13.20 -19.56
CA LEU C 276 32.88 -11.80 -19.53
C LEU C 276 31.67 -10.90 -19.38
N ALA C 277 30.59 -11.19 -20.10
CA ALA C 277 29.40 -10.35 -19.97
C ALA C 277 28.86 -10.38 -18.54
N PHE C 278 28.77 -11.58 -17.94
CA PHE C 278 28.29 -11.72 -16.57
C PHE C 278 29.23 -11.01 -15.59
N THR C 279 30.55 -11.05 -15.86
CA THR C 279 31.47 -10.33 -15.00
C THR C 279 31.27 -8.83 -15.07
N LEU C 280 31.14 -8.28 -16.28
CA LEU C 280 30.91 -6.85 -16.41
C LEU C 280 29.62 -6.42 -15.72
N TYR C 281 28.55 -7.21 -15.88
CA TYR C 281 27.31 -6.92 -15.17
C TYR C 281 27.54 -6.86 -13.68
N LEU C 282 28.14 -7.93 -13.13
CA LEU C 282 28.37 -8.02 -11.69
C LEU C 282 29.21 -6.86 -11.19
N LEU C 283 30.20 -6.43 -11.98
CA LEU C 283 31.00 -5.27 -11.60
C LEU C 283 30.15 -3.99 -11.60
N LEU C 284 29.21 -3.86 -12.54
CA LEU C 284 28.29 -2.72 -12.46
C LEU C 284 27.46 -2.73 -11.19
N ARG C 285 27.00 -3.90 -10.74
CA ARG C 285 26.10 -3.97 -9.59
C ARG C 285 26.84 -4.04 -8.26
N HIS C 286 28.16 -4.29 -8.27
CA HIS C 286 29.01 -4.27 -7.07
C HIS C 286 30.17 -3.29 -7.32
N PRO C 287 29.87 -1.99 -7.39
CA PRO C 287 30.89 -1.02 -7.83
C PRO C 287 32.11 -0.94 -6.95
N HIS C 288 32.02 -1.37 -5.68
CA HIS C 288 33.21 -1.35 -4.82
C HIS C 288 34.26 -2.33 -5.34
N VAL C 289 33.80 -3.48 -5.79
CA VAL C 289 34.69 -4.45 -6.41
C VAL C 289 35.31 -3.85 -7.65
N LEU C 290 34.49 -3.18 -8.47
CA LEU C 290 35.01 -2.50 -9.66
C LEU C 290 36.07 -1.49 -9.30
N ALA C 291 35.87 -0.74 -8.20
CA ALA C 291 36.89 0.19 -7.75
C ALA C 291 38.19 -0.54 -7.47
N GLN C 292 38.11 -1.65 -6.76
CA GLN C 292 39.31 -2.44 -6.49
C GLN C 292 40.00 -2.93 -7.76
N ALA C 293 39.22 -3.32 -8.78
CA ALA C 293 39.79 -3.77 -10.03
C ALA C 293 40.50 -2.62 -10.76
N TYR C 294 39.88 -1.44 -10.79
CA TYR C 294 40.54 -0.24 -11.31
C TYR C 294 41.85 0.05 -10.57
N ALA C 295 41.84 -0.10 -9.23
CA ALA C 295 43.07 0.12 -8.46
C ALA C 295 44.17 -0.83 -8.92
N GLU C 296 43.83 -2.12 -9.05
CA GLU C 296 44.81 -3.11 -9.49
C GLU C 296 45.34 -2.77 -10.87
N VAL C 297 44.45 -2.51 -11.82
CA VAL C 297 44.86 -2.21 -13.19
C VAL C 297 45.79 -0.99 -13.22
N ASP C 298 45.51 0.02 -12.38
CA ASP C 298 46.34 1.23 -12.36
C ASP C 298 47.70 0.98 -11.69
N ARG C 299 47.74 0.04 -10.74
CA ARG C 299 48.99 -0.40 -10.11
C ARG C 299 49.89 -1.11 -11.13
N LEU C 300 49.31 -1.99 -11.96
CA LEU C 300 50.08 -2.85 -12.85
C LEU C 300 50.27 -2.28 -14.26
N LEU C 301 49.36 -1.46 -14.80
CA LEU C 301 49.51 -0.93 -16.16
C LEU C 301 49.40 0.58 -16.15
N PRO C 302 50.34 1.28 -15.53
CA PRO C 302 50.25 2.74 -15.49
C PRO C 302 50.41 3.36 -16.87
N GLY C 303 49.82 4.53 -17.03
CA GLY C 303 49.87 5.20 -18.31
C GLY C 303 49.46 4.26 -19.41
N ASP C 304 50.19 4.31 -20.53
CA ASP C 304 49.80 3.50 -21.69
C ASP C 304 50.67 2.27 -21.83
N ALA C 305 51.11 1.73 -20.69
CA ALA C 305 51.82 0.47 -20.66
C ALA C 305 50.98 -0.63 -21.30
N VAL C 306 51.64 -1.49 -22.06
CA VAL C 306 51.02 -2.63 -22.73
C VAL C 306 51.33 -3.88 -21.91
N PRO C 307 50.34 -4.71 -21.59
CA PRO C 307 50.61 -5.86 -20.72
C PRO C 307 51.38 -6.98 -21.41
N THR C 308 52.13 -7.72 -20.61
CA THR C 308 52.68 -9.01 -20.99
C THR C 308 51.97 -10.10 -20.20
N TYR C 309 52.27 -11.36 -20.56
CA TYR C 309 51.76 -12.51 -19.81
C TYR C 309 52.10 -12.39 -18.34
N ASP C 310 53.30 -11.88 -18.05
CA ASP C 310 53.70 -11.68 -16.65
C ASP C 310 52.74 -10.77 -15.92
N THR C 311 52.31 -9.69 -16.57
CA THR C 311 51.30 -8.81 -15.99
C THR C 311 50.07 -9.61 -15.59
N VAL C 312 49.53 -10.40 -16.53
CA VAL C 312 48.31 -11.16 -16.25
C VAL C 312 48.51 -12.08 -15.06
N MET C 313 49.70 -12.69 -14.94
CA MET C 313 49.90 -13.63 -13.85
C MET C 313 50.14 -12.91 -12.54
N ARG C 314 50.41 -11.61 -12.61
CA ARG C 314 50.55 -10.85 -11.37
C ARG C 314 49.21 -10.38 -10.80
N LEU C 315 48.11 -10.61 -11.52
CA LEU C 315 46.80 -10.16 -11.07
C LEU C 315 46.33 -10.91 -9.84
N ASP C 316 45.58 -10.21 -9.00
CA ASP C 316 44.99 -10.86 -7.83
C ASP C 316 43.49 -10.61 -7.74
N VAL C 317 43.09 -9.34 -7.84
CA VAL C 317 41.67 -8.99 -7.73
C VAL C 317 40.88 -9.55 -8.91
N ILE C 318 41.35 -9.31 -10.13
CA ILE C 318 40.58 -9.74 -11.31
C ILE C 318 40.43 -11.27 -11.36
N PRO C 319 41.48 -12.08 -11.14
CA PRO C 319 41.24 -13.54 -11.02
C PRO C 319 40.13 -13.90 -10.04
N ARG C 320 40.11 -13.27 -8.85
CA ARG C 320 39.14 -13.64 -7.84
C ARG C 320 37.74 -13.14 -8.21
N ILE C 321 37.66 -12.02 -8.92
CA ILE C 321 36.40 -11.60 -9.52
C ILE C 321 35.87 -12.69 -10.47
N LEU C 322 36.74 -13.22 -11.33
CA LEU C 322 36.26 -14.26 -12.24
C LEU C 322 35.84 -15.52 -11.47
N ASP C 323 36.59 -15.89 -10.44
CA ASP C 323 36.21 -17.08 -9.66
C ASP C 323 34.81 -16.90 -9.08
N GLU C 324 34.56 -15.73 -8.48
CA GLU C 324 33.24 -15.49 -7.88
C GLU C 324 32.15 -15.32 -8.94
N ALA C 325 32.51 -14.75 -10.09
CA ALA C 325 31.54 -14.63 -11.17
C ALA C 325 31.09 -16.01 -11.65
N LEU C 326 32.02 -16.98 -11.64
CA LEU C 326 31.66 -18.35 -12.01
C LEU C 326 30.82 -19.01 -10.92
N ARG C 327 31.00 -18.58 -9.66
CA ARG C 327 30.09 -19.11 -8.62
C ARG C 327 28.67 -18.61 -8.83
N PHE C 328 28.51 -17.30 -9.14
CA PHE C 328 27.17 -16.72 -9.38
C PHE C 328 26.53 -17.21 -10.67
N TRP C 329 27.28 -17.29 -11.75
CA TRP C 329 26.68 -17.42 -13.08
C TRP C 329 27.52 -18.30 -13.99
N SER C 330 27.90 -19.47 -13.47
CA SER C 330 28.62 -20.47 -14.24
C SER C 330 27.87 -20.75 -15.55
N THR C 331 28.59 -20.65 -16.69
CA THR C 331 27.97 -20.50 -18.00
C THR C 331 27.56 -21.79 -18.68
N ILE C 332 28.08 -22.94 -18.25
CA ILE C 332 27.47 -24.24 -18.56
C ILE C 332 26.82 -24.71 -17.27
N PRO C 333 25.54 -24.42 -17.02
CA PRO C 333 24.96 -24.60 -15.69
C PRO C 333 24.27 -25.93 -15.42
N ASN C 334 24.22 -26.89 -16.37
CA ASN C 334 23.41 -28.07 -16.11
C ASN C 334 23.91 -29.34 -16.80
N TYR C 335 25.24 -29.52 -16.92
CA TYR C 335 25.80 -30.75 -17.46
C TYR C 335 25.55 -31.92 -16.51
N ALA C 336 25.49 -33.13 -17.07
CA ALA C 336 25.01 -34.32 -16.33
C ALA C 336 26.00 -35.46 -16.39
N VAL C 337 25.93 -36.32 -15.36
CA VAL C 337 26.69 -37.55 -15.31
C VAL C 337 25.72 -38.71 -15.53
N THR C 338 26.24 -39.86 -15.94
CA THR C 338 25.44 -41.06 -16.17
C THR C 338 25.88 -42.17 -15.22
N ALA C 339 24.91 -42.87 -14.62
CA ALA C 339 25.19 -43.98 -13.71
C ALA C 339 25.77 -45.19 -14.46
N LEU C 340 26.97 -45.62 -14.03
CA LEU C 340 27.65 -46.75 -14.68
C LEU C 340 26.96 -48.08 -14.33
N GLN C 341 26.62 -48.27 -13.05
CA GLN C 341 25.87 -49.40 -12.55
C GLN C 341 24.78 -48.83 -11.64
N ASP C 342 23.80 -49.65 -11.24
CA ASP C 342 22.84 -49.25 -10.21
C ASP C 342 23.56 -48.72 -8.96
N GLU C 343 23.16 -47.53 -8.50
CA GLU C 343 23.83 -46.80 -7.43
C GLU C 343 22.85 -46.27 -6.37
N VAL C 344 23.36 -46.00 -5.17
CA VAL C 344 22.56 -45.39 -4.12
C VAL C 344 23.32 -44.23 -3.53
N ILE C 345 22.74 -43.03 -3.61
CA ILE C 345 23.37 -41.81 -3.12
C ILE C 345 22.62 -41.29 -1.90
N GLY C 346 23.36 -40.64 -1.01
CA GLY C 346 22.80 -40.17 0.23
C GLY C 346 22.34 -41.32 1.12
N GLY C 347 22.77 -42.53 0.79
CA GLY C 347 22.30 -43.69 1.53
C GLY C 347 20.82 -43.94 1.44
N LYS C 348 20.11 -43.31 0.49
CA LYS C 348 18.66 -43.39 0.46
C LYS C 348 18.14 -43.52 -0.95
N TYR C 349 18.77 -42.83 -1.92
CA TYR C 349 18.14 -42.55 -3.20
C TYR C 349 18.71 -43.45 -4.28
N GLU C 350 17.83 -44.18 -4.98
CA GLU C 350 18.25 -45.10 -6.02
C GLU C 350 18.41 -44.39 -7.34
N ILE C 351 19.58 -44.55 -7.95
CA ILE C 351 19.88 -44.10 -9.32
C ILE C 351 20.22 -45.34 -10.13
N ARG C 352 19.36 -45.70 -11.08
CA ARG C 352 19.61 -46.89 -11.91
C ARG C 352 20.78 -46.66 -12.86
N LYS C 353 21.49 -47.76 -13.16
CA LYS C 353 22.48 -47.79 -14.24
C LYS C 353 21.92 -47.13 -15.50
N GLY C 354 22.71 -46.24 -16.12
CA GLY C 354 22.31 -45.55 -17.34
C GLY C 354 21.46 -44.31 -17.10
N GLN C 355 20.98 -44.11 -15.88
CA GLN C 355 20.25 -42.91 -15.53
C GLN C 355 21.16 -41.68 -15.56
N GLN C 356 20.71 -40.63 -16.26
CA GLN C 356 21.35 -39.31 -16.20
C GLN C 356 20.99 -38.61 -14.91
N VAL C 357 21.96 -37.93 -14.31
CA VAL C 357 21.75 -36.99 -13.21
C VAL C 357 22.41 -35.65 -13.55
N ALA C 358 21.60 -34.63 -13.77
CA ALA C 358 22.11 -33.30 -14.05
C ALA C 358 22.64 -32.69 -12.76
N LEU C 359 23.83 -32.11 -12.84
CA LEU C 359 24.35 -31.25 -11.79
C LEU C 359 23.70 -29.88 -11.93
N LEU C 360 22.92 -29.49 -10.92
CA LEU C 360 22.23 -28.19 -10.92
C LEU C 360 23.20 -27.15 -10.37
N ILE C 361 24.09 -26.69 -11.25
CA ILE C 361 25.23 -25.88 -10.81
C ILE C 361 24.81 -24.61 -10.06
N PRO C 362 23.83 -23.83 -10.54
CA PRO C 362 23.44 -22.62 -9.79
C PRO C 362 23.07 -22.91 -8.35
N ALA C 363 22.37 -24.02 -8.12
CA ALA C 363 21.98 -24.41 -6.76
C ALA C 363 23.18 -24.95 -5.97
N LEU C 364 24.05 -25.71 -6.63
CA LEU C 364 25.26 -26.20 -5.97
C LEU C 364 26.16 -25.04 -5.54
N HIS C 365 26.40 -24.08 -6.45
CA HIS C 365 27.32 -22.96 -6.20
C HIS C 365 26.78 -21.98 -5.15
N ARG C 366 25.47 -22.01 -4.91
CA ARG C 366 24.85 -21.13 -3.92
C ARG C 366 24.22 -21.92 -2.78
N HIS C 367 24.68 -23.16 -2.57
CA HIS C 367 24.09 -24.01 -1.55
C HIS C 367 24.52 -23.60 -0.15
N PRO C 368 23.57 -23.30 0.76
CA PRO C 368 23.97 -22.80 2.10
C PRO C 368 24.77 -23.80 2.91
N ALA C 369 24.60 -25.09 2.65
CA ALA C 369 25.45 -26.05 3.35
C ALA C 369 26.92 -25.87 3.01
N ALA C 370 27.24 -25.19 1.90
CA ALA C 370 28.61 -25.02 1.43
C ALA C 370 29.12 -23.59 1.43
N TRP C 371 28.24 -22.60 1.37
CA TRP C 371 28.64 -21.20 1.21
C TRP C 371 27.86 -20.34 2.20
N THR C 372 28.58 -19.68 3.11
CA THR C 372 27.92 -18.72 3.99
C THR C 372 27.42 -17.54 3.17
N ASN C 373 26.18 -17.10 3.42
CA ASN C 373 25.55 -16.06 2.64
C ASN C 373 25.73 -16.33 1.15
N PRO C 374 25.19 -17.44 0.64
CA PRO C 374 25.54 -17.87 -0.73
C PRO C 374 25.10 -16.88 -1.79
N ASP C 375 24.11 -16.03 -1.53
CA ASP C 375 23.60 -15.14 -2.55
C ASP C 375 24.33 -13.80 -2.58
N GLU C 376 25.44 -13.70 -1.85
CA GLU C 376 26.22 -12.47 -1.74
C GLU C 376 27.53 -12.59 -2.54
N PHE C 377 27.82 -11.59 -3.38
CA PHE C 377 29.05 -11.52 -4.17
C PHE C 377 30.22 -11.09 -3.29
N ASP C 378 31.24 -11.95 -3.16
CA ASP C 378 32.36 -11.70 -2.25
C ASP C 378 33.63 -12.32 -2.82
N ILE C 379 34.58 -11.48 -3.27
CA ILE C 379 35.78 -12.07 -3.89
C ILE C 379 36.80 -12.56 -2.88
N ASP C 380 36.67 -12.17 -1.61
CA ASP C 380 37.61 -12.67 -0.62
C ASP C 380 37.37 -14.15 -0.30
N ARG C 381 36.31 -14.75 -0.83
CA ARG C 381 36.17 -16.20 -0.86
C ARG C 381 37.36 -16.88 -1.46
N TRP C 382 38.08 -16.19 -2.34
CA TRP C 382 38.97 -16.87 -3.26
C TRP C 382 40.43 -16.52 -3.02
N THR C 383 40.76 -15.92 -1.89
CA THR C 383 42.14 -15.86 -1.42
C THR C 383 42.61 -17.27 -1.10
N SER C 384 43.95 -17.46 -1.15
CA SER C 384 44.59 -18.71 -0.78
C SER C 384 44.05 -19.28 0.53
N GLU C 385 43.96 -18.44 1.57
CA GLU C 385 43.53 -18.91 2.88
C GLU C 385 42.05 -19.30 2.88
N ASN C 386 41.19 -18.46 2.28
CA ASN C 386 39.76 -18.76 2.30
C ASN C 386 39.39 -19.88 1.34
N ARG C 387 40.15 -20.03 0.26
CA ARG C 387 39.89 -21.12 -0.67
C ARG C 387 39.97 -22.48 0.03
N ARG C 388 40.88 -22.62 0.99
CA ARG C 388 41.13 -23.91 1.64
C ARG C 388 39.89 -24.47 2.34
N THR C 389 38.95 -23.60 2.74
CA THR C 389 37.79 -23.99 3.53
C THR C 389 36.55 -24.28 2.70
N HIS C 390 36.69 -24.32 1.36
CA HIS C 390 35.54 -24.60 0.52
C HIS C 390 35.17 -26.08 0.59
N HIS C 391 33.90 -26.37 0.38
CA HIS C 391 33.48 -27.74 0.19
C HIS C 391 34.11 -28.32 -1.07
N PRO C 392 34.72 -29.50 -1.01
CA PRO C 392 35.47 -30.03 -2.17
C PRO C 392 34.61 -30.34 -3.39
N ALA C 393 33.29 -30.30 -3.28
CA ALA C 393 32.44 -30.63 -4.41
C ALA C 393 31.43 -29.53 -4.73
N ALA C 394 31.56 -28.35 -4.13
CA ALA C 394 30.54 -27.32 -4.25
C ALA C 394 30.90 -26.29 -5.31
N TYR C 395 32.00 -26.49 -6.04
CA TYR C 395 32.45 -25.55 -7.06
C TYR C 395 32.96 -26.33 -8.27
N LYS C 396 32.14 -26.41 -9.31
CA LYS C 396 32.43 -27.22 -10.48
C LYS C 396 32.13 -26.47 -11.76
N PRO C 397 32.62 -25.24 -11.96
CA PRO C 397 32.24 -24.49 -13.17
C PRO C 397 32.94 -24.99 -14.42
N PHE C 398 34.06 -25.69 -14.28
CA PHE C 398 34.81 -26.19 -15.43
C PHE C 398 34.71 -27.71 -15.58
N GLY C 399 33.55 -28.30 -15.22
CA GLY C 399 33.27 -29.74 -15.29
C GLY C 399 33.98 -30.54 -14.20
N ASN C 400 34.10 -31.85 -14.45
CA ASN C 400 34.55 -32.78 -13.42
C ASN C 400 35.47 -33.85 -14.00
N GLY C 401 36.54 -34.16 -13.27
CA GLY C 401 37.39 -35.32 -13.46
C GLY C 401 38.02 -35.32 -14.84
N MET C 402 38.23 -36.53 -15.36
CA MET C 402 38.83 -36.68 -16.67
C MET C 402 38.08 -35.88 -17.72
N ARG C 403 36.78 -35.70 -17.52
CA ARG C 403 35.98 -34.92 -18.48
C ARG C 403 35.87 -33.45 -18.08
N ALA C 404 36.81 -32.94 -17.28
CA ALA C 404 36.80 -31.53 -16.94
C ALA C 404 37.20 -30.68 -18.16
N CYS C 405 36.89 -29.40 -18.08
CA CYS C 405 37.25 -28.46 -19.13
C CYS C 405 38.74 -28.50 -19.40
N ILE C 406 39.10 -28.75 -20.66
CA ILE C 406 40.50 -28.65 -21.05
C ILE C 406 40.87 -27.22 -21.41
N GLY C 407 39.88 -26.39 -21.78
CA GLY C 407 40.07 -25.01 -22.19
C GLY C 407 40.16 -24.01 -21.05
N ARG C 408 40.12 -24.48 -19.80
CA ARG C 408 40.00 -23.60 -18.63
C ARG C 408 41.07 -22.50 -18.59
N GLN C 409 42.35 -22.90 -18.65
CA GLN C 409 43.41 -21.92 -18.44
C GLN C 409 43.41 -20.91 -19.58
N PHE C 410 43.13 -21.37 -20.80
CA PHE C 410 42.96 -20.46 -21.92
C PHE C 410 41.85 -19.46 -21.63
N ALA C 411 40.70 -19.96 -21.20
CA ALA C 411 39.52 -19.13 -20.95
C ALA C 411 39.82 -18.06 -19.93
N LEU C 412 40.37 -18.45 -18.78
CA LEU C 412 40.64 -17.52 -17.71
C LEU C 412 41.71 -16.51 -18.11
N THR C 413 42.74 -16.95 -18.84
CA THR C 413 43.78 -16.04 -19.29
C THR C 413 43.19 -15.00 -20.24
N GLU C 414 42.41 -15.45 -21.21
CA GLU C 414 41.72 -14.54 -22.11
C GLU C 414 40.86 -13.53 -21.35
N ALA C 415 40.11 -14.01 -20.36
CA ALA C 415 39.16 -13.15 -19.64
C ALA C 415 39.89 -12.12 -18.81
N LYS C 416 40.92 -12.55 -18.07
CA LYS C 416 41.78 -11.65 -17.30
C LYS C 416 42.34 -10.55 -18.20
N LEU C 417 42.87 -10.93 -19.37
CA LEU C 417 43.49 -9.94 -20.25
C LEU C 417 42.47 -8.95 -20.75
N ALA C 418 41.31 -9.45 -21.22
CA ALA C 418 40.24 -8.57 -21.70
C ALA C 418 39.86 -7.54 -20.64
N LEU C 419 39.63 -8.00 -19.39
CA LEU C 419 39.22 -7.10 -18.32
C LEU C 419 40.34 -6.11 -17.96
N LEU C 420 41.58 -6.59 -17.88
CA LEU C 420 42.70 -5.71 -17.64
C LEU C 420 42.71 -4.57 -18.66
N LEU C 421 42.56 -4.89 -19.95
CA LEU C 421 42.64 -3.87 -20.99
C LEU C 421 41.41 -2.93 -20.97
N ILE C 422 40.21 -3.49 -20.80
CA ILE C 422 39.00 -2.68 -20.76
C ILE C 422 39.09 -1.67 -19.63
N LEU C 423 39.50 -2.13 -18.42
CA LEU C 423 39.52 -1.28 -17.25
C LEU C 423 40.69 -0.31 -17.27
N GLN C 424 41.77 -0.67 -17.98
CA GLN C 424 42.84 0.31 -18.18
C GLN C 424 42.28 1.51 -18.92
N LYS C 425 41.48 1.23 -19.92
CA LYS C 425 41.05 2.42 -20.66
C LYS C 425 39.78 3.11 -20.20
N PHE C 426 38.78 2.35 -19.81
CA PHE C 426 37.43 2.81 -19.86
C PHE C 426 36.80 3.01 -18.49
N ALA C 427 36.13 4.14 -18.34
CA ALA C 427 35.10 4.31 -17.33
C ALA C 427 33.82 3.71 -17.88
N LEU C 428 33.26 2.73 -17.15
CA LEU C 428 32.01 2.03 -17.47
C LEU C 428 30.78 2.76 -16.95
N SER C 429 29.70 2.66 -17.71
CA SER C 429 28.52 3.48 -17.50
C SER C 429 27.29 2.65 -17.84
N ASP C 430 26.23 2.77 -17.04
CA ASP C 430 25.03 1.95 -17.24
C ASP C 430 23.89 2.89 -17.57
N PRO C 431 23.62 3.16 -18.85
CA PRO C 431 22.64 4.20 -19.18
C PRO C 431 21.19 3.78 -19.06
N TYR C 432 20.88 2.48 -19.05
CA TYR C 432 19.49 2.06 -19.13
C TYR C 432 18.97 1.33 -17.90
N ASP C 433 19.74 1.27 -16.79
CA ASP C 433 19.34 0.48 -15.61
C ASP C 433 19.10 -0.98 -16.02
N TYR C 434 20.11 -1.58 -16.64
CA TYR C 434 19.96 -2.92 -17.19
C TYR C 434 19.40 -3.87 -16.15
N HIS C 435 18.24 -4.45 -16.48
CA HIS C 435 17.63 -5.55 -15.72
C HIS C 435 18.14 -6.87 -16.27
N LEU C 436 18.82 -7.65 -15.42
CA LEU C 436 19.42 -8.89 -15.87
C LEU C 436 18.38 -9.79 -16.51
N LYS C 437 18.63 -10.19 -17.77
CA LYS C 437 17.80 -11.11 -18.53
C LYS C 437 18.70 -12.23 -19.01
N VAL C 438 18.52 -13.43 -18.46
CA VAL C 438 19.36 -14.59 -18.72
C VAL C 438 18.71 -15.44 -19.81
N LYS C 439 19.47 -15.73 -20.87
CA LYS C 439 19.03 -16.65 -21.91
C LYS C 439 19.90 -17.90 -21.90
N GLN C 440 19.26 -19.07 -21.95
CA GLN C 440 19.90 -20.37 -21.93
C GLN C 440 19.78 -21.02 -23.31
N SER C 441 20.93 -21.46 -23.85
CA SER C 441 21.01 -22.35 -25.00
C SER C 441 21.92 -23.52 -24.60
N LEU C 442 23.00 -23.76 -25.34
CA LEU C 442 24.02 -24.65 -24.81
C LEU C 442 24.56 -24.08 -23.51
N THR C 443 24.64 -22.74 -23.44
CA THR C 443 25.20 -22.00 -22.33
C THR C 443 24.14 -21.06 -21.76
N ILE C 444 24.46 -20.37 -20.67
CA ILE C 444 23.65 -19.22 -20.23
C ILE C 444 24.44 -17.95 -20.43
N LYS C 445 23.72 -16.86 -20.75
CA LYS C 445 24.46 -15.62 -20.90
C LYS C 445 23.44 -14.49 -20.74
N PRO C 446 23.87 -13.31 -20.31
CA PRO C 446 22.94 -12.16 -20.25
C PRO C 446 22.64 -11.52 -21.60
N GLU C 447 21.34 -11.26 -21.86
CA GLU C 447 20.86 -10.66 -23.11
C GLU C 447 20.47 -9.19 -22.99
N ASP C 448 20.64 -8.47 -24.10
CA ASP C 448 20.17 -7.09 -24.21
C ASP C 448 20.83 -6.21 -23.15
N PHE C 449 22.11 -6.52 -22.87
CA PHE C 449 22.93 -5.78 -21.91
C PHE C 449 23.75 -4.75 -22.67
N ALA C 450 23.38 -3.48 -22.51
CA ALA C 450 24.09 -2.35 -23.08
C ALA C 450 24.83 -1.61 -21.96
N LEU C 451 26.04 -1.15 -22.23
CA LEU C 451 26.70 -0.17 -21.38
C LEU C 451 27.37 0.89 -22.27
N ARG C 452 27.87 1.95 -21.65
CA ARG C 452 28.63 3.00 -22.34
C ARG C 452 30.00 3.14 -21.70
N VAL C 453 30.99 3.51 -22.52
CA VAL C 453 32.36 3.61 -22.04
C VAL C 453 32.92 4.96 -22.44
N ARG C 454 33.85 5.43 -21.65
CA ARG C 454 34.42 6.72 -22.00
C ARG C 454 35.89 6.65 -21.55
N GLU C 455 36.86 7.10 -22.37
CA GLU C 455 38.29 7.02 -22.00
C GLU C 455 38.58 7.60 -20.61
N ARG C 456 39.31 6.85 -19.79
CA ARG C 456 39.76 7.34 -18.48
C ARG C 456 40.80 8.45 -18.64
N ARG C 457 40.69 9.45 -17.86
CA ARG C 457 41.65 10.53 -17.95
C ARG C 457 42.82 10.29 -16.99
N PRO C 458 44.01 10.85 -17.32
CA PRO C 458 45.20 10.60 -16.49
C PRO C 458 45.04 10.94 -15.00
N HIS C 459 44.44 12.09 -14.66
CA HIS C 459 44.25 12.40 -13.26
C HIS C 459 43.23 11.48 -12.59
N GLU C 460 42.42 10.74 -13.38
CA GLU C 460 41.39 9.84 -12.90
C GLU C 460 41.95 8.44 -12.59
N ARG C 461 43.17 8.18 -12.99
CA ARG C 461 43.96 7.04 -12.54
C ARG C 461 44.96 7.57 -11.52
N PHE C 462 45.37 6.72 -10.60
CA PHE C 462 46.45 7.08 -9.69
C PHE C 462 46.70 5.87 -8.82
N SER C 463 47.96 5.52 -8.61
CA SER C 463 48.30 4.28 -7.95
C SER C 463 48.96 4.60 -6.61
N VAL C 464 48.37 4.06 -5.54
CA VAL C 464 48.92 4.07 -4.19
C VAL C 464 49.89 2.90 -4.07
N PRO C 465 50.97 3.01 -3.30
CA PRO C 465 51.82 1.85 -3.02
C PRO C 465 51.18 0.89 -2.01
N VAL C 466 51.77 -0.31 -1.96
CA VAL C 466 51.28 -1.52 -1.30
C VAL C 466 52.34 -2.08 -0.37
N PRO C 467 51.98 -2.71 0.77
CA PRO C 467 52.96 -3.42 1.60
C PRO C 467 53.79 -4.47 0.83
N ARG D 3 -1.47 38.87 -32.46
CA ARG D 3 -1.14 40.27 -32.64
C ARG D 3 -0.07 40.45 -33.70
N ILE D 4 0.99 41.20 -33.36
CA ILE D 4 2.12 41.33 -34.27
C ILE D 4 3.29 40.40 -33.92
N LEU D 5 3.41 39.97 -32.66
CA LEU D 5 4.60 39.24 -32.25
C LEU D 5 4.47 37.75 -32.57
N ALA D 6 5.61 37.04 -32.48
CA ALA D 6 5.62 35.61 -32.75
C ALA D 6 4.83 34.85 -31.68
N PRO D 7 3.88 34.00 -32.06
CA PRO D 7 3.19 33.20 -31.05
C PRO D 7 4.09 32.09 -30.51
N ILE D 8 4.04 31.93 -29.20
CA ILE D 8 4.81 30.92 -28.47
C ILE D 8 4.46 29.52 -29.00
N PRO D 9 5.46 28.68 -29.28
CA PRO D 9 5.18 27.31 -29.76
C PRO D 9 4.27 26.54 -28.81
N SER D 10 3.44 25.67 -29.39
CA SER D 10 2.45 24.88 -28.63
C SER D 10 2.14 23.54 -29.28
N PRO D 11 2.10 22.42 -28.54
CA PRO D 11 1.96 21.12 -29.19
C PRO D 11 0.55 20.88 -29.71
N PRO D 12 0.40 20.06 -30.76
CA PRO D 12 -0.85 20.08 -31.55
C PRO D 12 -2.14 19.69 -30.82
N LYS D 13 -2.11 19.17 -29.59
CA LYS D 13 -3.30 18.82 -28.82
C LYS D 13 -3.88 17.46 -29.19
N HIS D 14 -4.64 16.86 -28.26
CA HIS D 14 -5.24 15.54 -28.28
C HIS D 14 -6.76 15.61 -28.37
N PRO D 15 -7.42 14.75 -29.17
CA PRO D 15 -8.85 14.94 -29.42
C PRO D 15 -9.73 14.83 -28.18
N GLN D 16 -9.39 13.94 -27.25
CA GLN D 16 -10.15 13.77 -26.02
C GLN D 16 -9.58 14.60 -24.87
N TYR D 17 -8.25 14.67 -24.77
CA TYR D 17 -7.60 15.22 -23.59
C TYR D 17 -7.12 16.66 -23.73
N GLY D 18 -6.95 17.16 -24.96
CA GLY D 18 -6.37 18.48 -25.15
C GLY D 18 -4.91 18.56 -24.76
N HIS D 19 -4.62 19.13 -23.59
CA HIS D 19 -3.27 19.14 -23.04
C HIS D 19 -3.16 18.48 -21.67
N LEU D 20 -4.27 18.01 -21.09
CA LEU D 20 -4.25 17.54 -19.71
C LEU D 20 -3.37 16.29 -19.53
N HIS D 21 -3.16 15.51 -20.59
CA HIS D 21 -2.34 14.32 -20.43
C HIS D 21 -0.91 14.68 -20.08
N TYR D 22 -0.43 15.85 -20.53
CA TYR D 22 0.92 16.25 -20.16
C TYR D 22 1.06 16.44 -18.66
N LEU D 23 -0.04 16.53 -17.91
CA LEU D 23 0.07 16.67 -16.47
C LEU D 23 -0.05 15.35 -15.74
N ALA D 24 -0.29 14.25 -16.45
CA ALA D 24 -0.51 12.97 -15.80
C ALA D 24 0.82 12.32 -15.46
N GLY D 25 0.77 11.34 -14.57
CA GLY D 25 1.94 10.57 -14.18
C GLY D 25 2.53 11.07 -12.87
N ASP D 26 3.54 10.34 -12.41
CA ASP D 26 4.14 10.67 -11.12
C ASP D 26 5.11 11.86 -11.18
N ALA D 27 5.53 12.31 -12.37
CA ALA D 27 6.48 13.41 -12.50
C ALA D 27 6.28 14.12 -13.84
N PRO D 28 5.24 14.94 -13.96
CA PRO D 28 4.95 15.62 -15.24
C PRO D 28 6.06 16.52 -15.73
N VAL D 29 6.97 16.95 -14.85
CA VAL D 29 8.10 17.75 -15.33
C VAL D 29 8.88 16.96 -16.39
N LEU D 30 8.83 15.62 -16.34
CA LEU D 30 9.54 14.80 -17.31
C LEU D 30 8.85 14.78 -18.67
N ASN D 31 7.50 14.76 -18.67
CA ASN D 31 6.75 15.04 -19.89
C ASN D 31 7.18 16.37 -20.50
N PHE D 32 7.34 17.41 -19.64
CA PHE D 32 7.80 18.71 -20.15
C PHE D 32 9.20 18.61 -20.73
N PHE D 33 10.06 17.79 -20.13
CA PHE D 33 11.41 17.59 -20.65
C PHE D 33 11.40 17.01 -22.06
N GLN D 34 10.58 15.98 -22.31
CA GLN D 34 10.53 15.43 -23.68
C GLN D 34 10.00 16.46 -24.67
N LEU D 35 8.87 17.11 -24.33
CA LEU D 35 8.42 18.23 -25.16
C LEU D 35 9.56 19.18 -25.45
N ALA D 36 10.24 19.62 -24.40
CA ALA D 36 11.32 20.58 -24.57
C ALA D 36 12.31 20.07 -25.57
N ARG D 37 12.51 18.77 -25.66
CA ARG D 37 13.49 18.72 -26.72
C ARG D 37 12.87 18.17 -28.00
N GLN D 38 11.55 18.33 -28.16
CA GLN D 38 10.98 18.12 -29.48
C GLN D 38 11.33 19.31 -30.38
N ILE D 39 10.90 20.52 -30.01
CA ILE D 39 11.25 21.69 -30.85
C ILE D 39 12.06 22.68 -30.02
N PRO D 40 13.11 23.32 -30.62
CA PRO D 40 14.05 24.10 -29.81
C PRO D 40 13.99 25.61 -29.92
N GLU D 41 12.80 26.21 -30.00
CA GLU D 41 12.70 27.66 -29.83
C GLU D 41 13.16 28.06 -28.42
N GLY D 42 13.14 27.12 -27.48
CA GLY D 42 13.60 27.32 -26.12
C GLY D 42 12.52 27.64 -25.10
N LEU D 43 11.26 27.70 -25.52
CA LEU D 43 10.12 27.80 -24.61
C LEU D 43 8.90 27.32 -25.39
N PHE D 44 7.87 26.88 -24.64
CA PHE D 44 6.59 26.49 -25.23
C PHE D 44 5.44 26.75 -24.24
N GLN D 45 4.19 26.59 -24.70
CA GLN D 45 3.06 26.81 -23.80
C GLN D 45 2.00 25.73 -23.95
N LEU D 46 1.43 25.36 -22.80
CA LEU D 46 0.33 24.44 -22.61
C LEU D 46 -0.78 25.21 -21.92
N ASP D 47 -1.94 24.60 -21.81
CA ASP D 47 -3.02 25.40 -22.16
C ASP D 47 -4.06 24.63 -21.35
N ILE D 48 -3.94 24.92 -20.04
CA ILE D 48 -4.43 24.07 -18.93
C ILE D 48 -5.85 24.48 -18.72
N GLN D 49 -6.74 23.79 -19.45
CA GLN D 49 -8.16 24.08 -19.58
C GLN D 49 -8.61 25.20 -18.66
N GLY D 50 -7.99 26.37 -18.86
CA GLY D 50 -8.19 27.58 -18.12
C GLY D 50 -7.02 28.53 -18.26
N ARG D 51 -5.88 28.21 -17.62
CA ARG D 51 -4.76 29.12 -17.60
C ARG D 51 -3.72 28.70 -18.64
N THR D 52 -2.85 29.64 -19.00
CA THR D 52 -1.68 29.36 -19.80
C THR D 52 -0.48 29.05 -18.92
N LEU D 53 0.14 27.89 -19.17
CA LEU D 53 1.38 27.48 -18.55
C LEU D 53 2.48 27.57 -19.60
N ILE D 54 3.56 28.30 -19.26
CA ILE D 54 4.68 28.52 -20.16
C ILE D 54 5.94 27.91 -19.56
N GLN D 55 6.69 27.16 -20.36
CA GLN D 55 7.93 26.50 -19.95
C GLN D 55 9.09 27.04 -20.75
N ALA D 56 10.15 27.46 -20.08
CA ALA D 56 11.30 28.09 -20.72
C ALA D 56 12.58 27.37 -20.37
N TYR D 57 13.49 27.24 -21.34
CA TYR D 57 14.74 26.51 -21.13
C TYR D 57 15.91 26.95 -22.02
N ASP D 58 15.66 27.82 -23.01
CA ASP D 58 16.77 28.39 -23.78
C ASP D 58 17.61 29.27 -22.86
N PRO D 59 18.92 29.06 -22.80
CA PRO D 59 19.75 29.82 -21.84
C PRO D 59 19.66 31.32 -21.99
N ASN D 60 19.48 31.84 -23.21
CA ASN D 60 19.45 33.29 -23.38
C ASN D 60 18.08 33.84 -22.99
N LEU D 61 17.02 33.09 -23.35
CA LEU D 61 15.70 33.38 -22.82
C LEU D 61 15.72 33.38 -21.30
N VAL D 62 16.42 32.41 -20.71
CA VAL D 62 16.41 32.28 -19.26
C VAL D 62 17.20 33.40 -18.64
N ALA D 63 18.31 33.81 -19.27
CA ALA D 63 18.99 35.02 -18.84
C ALA D 63 18.03 36.20 -18.77
N GLU D 64 17.15 36.34 -19.75
CA GLU D 64 16.17 37.43 -19.68
C GLU D 64 15.23 37.23 -18.50
N LEU D 65 14.70 36.01 -18.36
CA LEU D 65 13.72 35.69 -17.33
C LEU D 65 14.30 35.77 -15.93
N THR D 66 15.60 35.84 -15.83
CA THR D 66 16.39 35.90 -14.62
C THR D 66 16.65 37.34 -14.19
N ASP D 67 16.33 38.29 -15.06
CA ASP D 67 16.51 39.71 -14.79
C ASP D 67 15.38 40.13 -13.87
N GLU D 68 15.73 40.41 -12.61
CA GLU D 68 14.71 40.71 -11.63
C GLU D 68 14.11 42.09 -11.85
N ARG D 69 14.66 42.89 -12.76
CA ARG D 69 13.98 44.11 -13.16
C ARG D 69 12.76 43.81 -14.02
N ARG D 70 12.66 42.60 -14.54
CA ARG D 70 11.62 42.26 -15.51
C ARG D 70 10.65 41.19 -15.04
N PHE D 71 11.16 40.13 -14.39
CA PHE D 71 10.35 39.03 -13.86
C PHE D 71 10.83 38.73 -12.45
N GLN D 72 9.90 38.34 -11.57
CA GLN D 72 10.26 38.00 -10.19
C GLN D 72 9.41 36.85 -9.69
N LYS D 73 9.91 36.16 -8.67
CA LYS D 73 9.06 35.22 -7.94
C LYS D 73 7.91 35.97 -7.28
N ARG D 74 6.70 35.43 -7.41
CA ARG D 74 5.51 35.98 -6.75
C ARG D 74 4.74 34.84 -6.09
N VAL D 75 4.30 35.05 -4.83
CA VAL D 75 3.57 34.01 -4.11
C VAL D 75 2.26 33.72 -4.80
N HIS D 76 1.71 34.74 -5.50
CA HIS D 76 0.44 34.87 -6.19
C HIS D 76 -0.38 33.57 -6.16
N PRO D 77 -0.35 32.64 -7.17
CA PRO D 77 -1.15 31.43 -6.98
C PRO D 77 -0.34 30.19 -6.60
N ALA D 78 0.93 30.10 -7.05
CA ALA D 78 1.69 28.86 -6.98
C ALA D 78 2.18 28.49 -5.58
N TYR D 79 2.45 29.45 -4.70
CA TYR D 79 2.89 29.14 -3.34
C TYR D 79 1.81 29.36 -2.30
N THR D 80 0.56 29.58 -2.70
CA THR D 80 -0.47 29.96 -1.75
C THR D 80 -0.74 28.84 -0.75
N ASN D 81 -0.85 27.61 -1.24
CA ASN D 81 -1.11 26.49 -0.34
C ASN D 81 0.10 26.17 0.54
N ILE D 82 1.31 26.18 -0.02
CA ILE D 82 2.46 25.91 0.85
C ILE D 82 2.60 27.04 1.87
N ARG D 83 2.07 28.23 1.58
CA ARG D 83 2.09 29.29 2.58
C ARG D 83 1.27 28.92 3.81
N ASN D 84 0.30 28.01 3.66
CA ASN D 84 -0.47 27.53 4.80
C ASN D 84 0.41 27.11 5.95
N LEU D 85 1.61 26.62 5.65
CA LEU D 85 2.52 26.31 6.72
C LEU D 85 3.81 27.09 6.67
N GLY D 86 4.13 27.75 5.55
CA GLY D 86 5.28 28.63 5.50
C GLY D 86 5.03 30.04 5.99
N GLY D 87 3.76 30.48 6.01
CA GLY D 87 3.41 31.81 6.47
C GLY D 87 4.14 32.88 5.68
N ASP D 88 4.65 33.90 6.36
CA ASP D 88 5.49 34.88 5.70
C ASP D 88 6.96 34.67 6.04
N GLY D 89 7.36 33.41 6.23
CA GLY D 89 8.76 33.04 6.18
C GLY D 89 9.36 33.28 4.80
N LEU D 90 10.68 33.08 4.72
CA LEU D 90 11.46 33.51 3.55
C LEU D 90 10.95 32.89 2.25
N PHE D 91 10.40 31.67 2.30
CA PHE D 91 10.09 30.90 1.11
C PHE D 91 8.69 31.19 0.57
N THR D 92 7.76 31.61 1.42
CA THR D 92 6.37 31.76 0.99
C THR D 92 5.89 33.20 1.09
N SER D 93 6.80 34.17 1.11
CA SER D 93 6.44 35.58 1.11
C SER D 93 7.03 36.29 -0.11
N ASP D 94 6.39 37.39 -0.50
CA ASP D 94 6.89 38.27 -1.56
C ASP D 94 7.96 39.20 -0.98
N SER D 95 8.94 39.58 -1.81
CA SER D 95 10.07 40.39 -1.31
C SER D 95 9.62 41.71 -0.67
N PHE D 96 8.52 42.30 -1.14
CA PHE D 96 8.10 43.59 -0.59
C PHE D 96 7.40 43.45 0.77
N GLU D 97 6.95 42.25 1.15
CA GLU D 97 6.45 42.05 2.50
C GLU D 97 7.54 42.36 3.50
N PRO D 98 7.25 43.13 4.56
CA PRO D 98 8.35 43.57 5.47
C PRO D 98 9.11 42.41 6.11
N ASN D 99 8.40 41.34 6.44
CA ASN D 99 9.10 40.23 7.08
C ASN D 99 10.07 39.51 6.14
N TRP D 100 9.87 39.58 4.82
CA TRP D 100 10.87 39.02 3.92
C TRP D 100 12.21 39.72 4.07
N GLY D 101 12.21 41.05 3.89
CA GLY D 101 13.44 41.83 4.10
C GLY D 101 14.07 41.64 5.46
N LYS D 102 13.25 41.67 6.53
CA LYS D 102 13.79 41.49 7.88
C LYS D 102 14.49 40.15 8.03
N ALA D 103 13.75 39.06 7.76
CA ALA D 103 14.35 37.74 7.86
C ALA D 103 15.54 37.58 6.93
N HIS D 104 15.44 38.08 5.69
CA HIS D 104 16.54 37.96 4.74
C HIS D 104 17.82 38.55 5.31
N ARG D 105 17.75 39.82 5.74
CA ARG D 105 18.94 40.51 6.24
C ARG D 105 19.47 39.87 7.53
N ILE D 106 18.58 39.39 8.41
CA ILE D 106 19.04 38.76 9.64
C ILE D 106 19.73 37.42 9.36
N LEU D 107 19.11 36.59 8.51
CA LEU D 107 19.49 35.19 8.35
C LEU D 107 20.62 34.95 7.36
N LEU D 108 20.82 35.81 6.34
CA LEU D 108 21.94 35.62 5.42
C LEU D 108 23.27 35.31 6.09
N PRO D 109 23.74 36.06 7.10
CA PRO D 109 25.08 35.75 7.68
C PRO D 109 25.12 34.42 8.38
N ALA D 110 23.95 33.95 8.80
CA ALA D 110 23.76 32.68 9.48
C ALA D 110 23.79 31.51 8.52
N PHE D 111 23.72 31.75 7.20
CA PHE D 111 23.72 30.69 6.19
C PHE D 111 24.92 30.76 5.26
N SER D 112 25.87 31.67 5.52
CA SER D 112 27.05 31.83 4.68
C SER D 112 28.05 30.68 4.89
N GLN D 113 28.98 30.55 3.94
CA GLN D 113 30.01 29.53 4.09
C GLN D 113 30.70 29.64 5.44
N ARG D 114 31.09 30.87 5.83
CA ARG D 114 31.78 31.07 7.12
C ARG D 114 30.97 30.62 8.32
N ALA D 115 29.65 30.58 8.20
CA ALA D 115 28.82 30.13 9.31
C ALA D 115 28.76 28.61 9.43
N MET D 116 29.24 27.86 8.41
CA MET D 116 29.00 26.42 8.31
C MET D 116 29.78 25.63 9.36
N LYS D 117 30.98 26.12 9.68
CA LYS D 117 31.77 25.48 10.73
C LYS D 117 30.94 25.35 12.01
N GLY D 118 30.14 26.39 12.34
CA GLY D 118 29.31 26.34 13.54
C GLY D 118 28.28 25.21 13.53
N TYR D 119 27.85 24.77 12.35
CA TYR D 119 26.84 23.71 12.27
C TYR D 119 27.46 22.33 12.10
N PHE D 120 28.79 22.27 11.94
CA PHE D 120 29.46 21.00 11.62
C PHE D 120 29.21 19.91 12.64
N GLY D 121 29.44 20.17 13.94
CA GLY D 121 29.18 19.17 14.95
C GLY D 121 27.77 18.59 14.88
N GLN D 122 26.80 19.44 14.58
CA GLN D 122 25.42 18.94 14.54
C GLN D 122 25.22 18.05 13.31
N MET D 123 25.67 18.53 12.15
CA MET D 123 25.64 17.71 10.94
C MET D 123 26.32 16.37 11.20
N LEU D 124 27.51 16.39 11.81
CA LEU D 124 28.27 15.16 12.06
C LEU D 124 27.52 14.20 12.97
N GLU D 125 26.83 14.72 13.98
CA GLU D 125 26.08 13.86 14.86
C GLU D 125 25.00 13.09 14.09
N VAL D 126 24.23 13.81 13.27
CA VAL D 126 23.15 13.12 12.56
C VAL D 126 23.72 12.14 11.53
N ALA D 127 24.77 12.56 10.78
CA ALA D 127 25.40 11.68 9.79
C ALA D 127 25.93 10.42 10.44
N GLN D 128 26.56 10.57 11.61
CA GLN D 128 27.07 9.40 12.34
C GLN D 128 25.93 8.46 12.70
N ALA D 129 24.76 9.02 13.10
CA ALA D 129 23.61 8.16 13.40
C ALA D 129 23.15 7.40 12.17
N LEU D 130 23.13 8.06 11.01
CA LEU D 130 22.81 7.34 9.77
C LEU D 130 23.77 6.16 9.58
N VAL D 131 25.07 6.44 9.65
CA VAL D 131 26.06 5.37 9.47
C VAL D 131 25.81 4.23 10.47
N GLY D 132 25.51 4.58 11.72
CA GLY D 132 25.16 3.57 12.72
C GLY D 132 24.00 2.68 12.30
N LYS D 133 22.92 3.30 11.81
CA LYS D 133 21.80 2.48 11.34
C LYS D 133 22.23 1.53 10.23
N TRP D 134 23.03 2.02 9.28
CA TRP D 134 23.44 1.16 8.16
C TRP D 134 24.40 0.04 8.61
N GLU D 135 25.24 0.30 9.63
CA GLU D 135 26.08 -0.74 10.21
C GLU D 135 25.23 -1.84 10.82
N ARG D 136 24.21 -1.44 11.59
CA ARG D 136 23.37 -2.36 12.33
C ARG D 136 22.51 -3.26 11.46
N THR D 137 22.27 -2.91 10.18
CA THR D 137 21.34 -3.66 9.35
C THR D 137 21.97 -4.19 8.06
N GLN D 138 23.30 -4.31 8.00
CA GLN D 138 23.98 -4.82 6.81
C GLN D 138 23.28 -6.06 6.27
N GLY D 139 23.15 -6.12 4.93
CA GLY D 139 22.45 -7.21 4.28
C GLY D 139 20.96 -6.99 4.05
N GLN D 140 20.30 -6.24 4.95
CA GLN D 140 18.94 -5.78 4.73
C GLN D 140 18.92 -4.65 3.70
N ASP D 141 17.78 -4.48 3.02
CA ASP D 141 17.57 -3.39 2.06
C ASP D 141 17.69 -2.05 2.77
N VAL D 142 18.56 -1.19 2.26
CA VAL D 142 18.56 0.22 2.66
C VAL D 142 17.51 0.96 1.84
N ARG D 143 16.57 1.61 2.52
CA ARG D 143 15.56 2.42 1.84
C ARG D 143 16.13 3.82 1.70
N VAL D 144 16.66 4.12 0.50
CA VAL D 144 17.60 5.25 0.32
C VAL D 144 16.91 6.59 0.57
N ALA D 145 15.82 6.87 -0.15
CA ALA D 145 15.08 8.11 0.04
C ALA D 145 14.68 8.31 1.49
N ASP D 146 14.18 7.26 2.12
CA ASP D 146 13.63 7.41 3.46
C ASP D 146 14.71 7.75 4.47
N ASP D 147 15.86 7.04 4.42
CA ASP D 147 16.97 7.32 5.34
C ASP D 147 17.64 8.65 5.04
N MET D 148 17.64 9.10 3.78
CA MET D 148 18.14 10.46 3.53
C MET D 148 17.19 11.52 4.11
N THR D 149 15.87 11.31 3.98
CA THR D 149 14.91 12.21 4.60
C THR D 149 15.10 12.27 6.11
N ARG D 150 15.32 11.12 6.76
CA ARG D 150 15.67 11.12 8.17
C ARG D 150 16.91 11.97 8.45
N LEU D 151 17.98 11.70 7.69
CA LEU D 151 19.21 12.47 7.84
C LEU D 151 18.93 13.97 7.79
N THR D 152 18.29 14.44 6.73
CA THR D 152 18.15 15.88 6.51
C THR D 152 17.15 16.52 7.48
N LEU D 153 16.05 15.82 7.79
CA LEU D 153 15.13 16.32 8.81
C LEU D 153 15.82 16.50 10.16
N ASP D 154 16.53 15.45 10.64
CA ASP D 154 17.23 15.56 11.93
C ASP D 154 18.29 16.67 11.87
N THR D 155 19.00 16.77 10.75
CA THR D 155 20.07 17.76 10.68
C THR D 155 19.50 19.17 10.73
N ILE D 156 18.51 19.44 9.89
CA ILE D 156 18.00 20.80 9.88
C ILE D 156 17.26 21.10 11.17
N SER D 157 16.63 20.11 11.82
CA SER D 157 15.98 20.37 13.10
C SER D 157 17.02 20.68 14.19
N LEU D 158 18.13 19.94 14.20
CA LEU D 158 19.15 20.13 15.23
C LEU D 158 19.85 21.48 15.07
N SER D 159 20.17 21.87 13.83
CA SER D 159 20.80 23.18 13.59
C SER D 159 19.80 24.33 13.65
N GLY D 160 18.52 24.05 13.33
CA GLY D 160 17.49 25.05 13.23
C GLY D 160 16.90 25.47 14.56
N PHE D 161 16.47 24.49 15.38
CA PHE D 161 15.93 24.84 16.70
C PHE D 161 16.33 23.81 17.76
N ASP D 162 17.52 23.20 17.61
CA ASP D 162 18.12 22.40 18.66
C ASP D 162 17.17 21.32 19.17
N TYR D 163 16.43 20.72 18.25
CA TYR D 163 15.51 19.65 18.56
C TYR D 163 15.99 18.35 17.91
N ARG D 164 16.04 17.28 18.72
CA ARG D 164 16.54 15.96 18.30
C ARG D 164 15.36 15.01 18.14
N PHE D 165 14.97 14.77 16.90
CA PHE D 165 13.94 13.78 16.62
C PHE D 165 14.48 12.34 16.64
N ARG D 166 15.80 12.15 16.64
CA ARG D 166 16.41 10.83 16.78
C ARG D 166 15.75 9.83 15.85
N SER D 167 15.63 10.21 14.57
CA SER D 167 14.87 9.41 13.60
C SER D 167 15.55 8.11 13.21
N PHE D 168 16.81 7.88 13.57
CA PHE D 168 17.50 6.63 13.26
C PHE D 168 17.36 5.58 14.36
N ASP D 169 16.72 5.93 15.50
CA ASP D 169 16.51 5.00 16.60
C ASP D 169 15.36 4.01 16.37
N LYS D 170 14.38 4.34 15.53
CA LYS D 170 13.21 3.49 15.34
C LYS D 170 12.60 3.84 14.00
N ASP D 171 11.71 2.97 13.53
CA ASP D 171 11.13 3.17 12.21
C ASP D 171 10.12 4.30 12.18
N GLU D 172 9.29 4.45 13.23
CA GLU D 172 8.27 5.48 13.22
C GLU D 172 8.90 6.81 13.52
N LEU D 173 8.52 7.82 12.73
CA LEU D 173 8.98 9.19 12.94
C LEU D 173 8.26 9.81 14.14
N HIS D 174 8.92 10.79 14.76
CA HIS D 174 8.28 11.57 15.80
C HIS D 174 6.95 12.13 15.28
N PRO D 175 5.92 12.22 16.15
CA PRO D 175 4.61 12.74 15.71
C PRO D 175 4.67 14.07 14.97
N PHE D 176 5.47 15.02 15.44
CA PHE D 176 5.62 16.29 14.74
C PHE D 176 6.04 16.07 13.27
N LEU D 177 6.95 15.11 13.04
CA LEU D 177 7.41 14.85 11.68
C LEU D 177 6.37 14.12 10.87
N GLN D 178 5.56 13.28 11.50
CA GLN D 178 4.47 12.65 10.76
C GLN D 178 3.44 13.68 10.36
N ALA D 179 3.18 14.64 11.25
CA ALA D 179 2.29 15.73 10.89
C ALA D 179 2.86 16.55 9.74
N LEU D 180 4.18 16.85 9.81
CA LEU D 180 4.86 17.54 8.71
C LEU D 180 4.60 16.81 7.39
N ALA D 181 4.84 15.50 7.39
CA ALA D 181 4.68 14.72 6.17
C ALA D 181 3.23 14.73 5.67
N ARG D 182 2.26 14.49 6.57
CA ARG D 182 0.83 14.54 6.19
C ARG D 182 0.46 15.89 5.59
N ALA D 183 0.83 17.00 6.25
CA ALA D 183 0.53 18.35 5.76
C ALA D 183 1.17 18.62 4.41
N MET D 184 2.46 18.27 4.24
CA MET D 184 3.13 18.44 2.94
C MET D 184 2.35 17.72 1.84
N HIS D 185 2.04 16.44 2.06
CA HIS D 185 1.30 15.68 1.05
C HIS D 185 -0.02 16.38 0.72
N HIS D 186 -0.76 16.78 1.76
CA HIS D 186 -2.05 17.42 1.55
C HIS D 186 -1.89 18.77 0.84
N THR D 187 -0.81 19.49 1.12
CA THR D 187 -0.57 20.77 0.45
C THR D 187 -0.42 20.55 -1.05
N MET D 188 0.26 19.47 -1.45
CA MET D 188 0.37 19.17 -2.88
C MET D 188 -0.97 18.72 -3.46
N THR D 189 -1.81 18.08 -2.65
CA THR D 189 -3.15 17.70 -3.11
C THR D 189 -4.05 18.91 -3.36
N MET D 190 -3.96 19.95 -2.51
CA MET D 190 -4.78 21.14 -2.71
C MET D 190 -4.38 21.96 -3.93
N ASN D 191 -3.15 21.77 -4.43
CA ASN D 191 -2.73 22.47 -5.63
C ASN D 191 -3.52 22.05 -6.87
N SER D 192 -4.34 21.01 -6.74
CA SER D 192 -5.17 20.46 -7.81
C SER D 192 -6.58 20.23 -7.26
N ARG D 193 -7.00 18.94 -7.16
CA ARG D 193 -8.20 18.40 -6.50
C ARG D 193 -9.50 18.84 -7.22
N PRO D 194 -10.60 18.10 -7.08
CA PRO D 194 -11.84 18.45 -7.84
C PRO D 194 -12.70 19.45 -7.09
N PRO D 195 -13.75 20.03 -7.76
CA PRO D 195 -14.50 21.14 -7.14
C PRO D 195 -15.33 20.75 -5.93
N VAL D 196 -16.42 20.00 -6.16
CA VAL D 196 -17.35 19.60 -5.12
C VAL D 196 -16.64 18.74 -4.07
N LEU D 197 -16.52 19.26 -2.86
CA LEU D 197 -15.89 18.59 -1.71
C LEU D 197 -16.80 17.51 -1.15
N THR D 198 -16.44 16.24 -1.36
CA THR D 198 -17.19 15.07 -0.92
C THR D 198 -17.02 14.87 0.60
N PRO D 199 -17.68 13.88 1.24
CA PRO D 199 -17.49 13.72 2.69
C PRO D 199 -16.02 13.66 3.13
N GLU D 200 -15.21 12.83 2.47
CA GLU D 200 -13.86 12.55 2.95
C GLU D 200 -12.95 13.77 2.89
N MET D 201 -13.15 14.65 1.89
CA MET D 201 -12.23 15.77 1.67
C MET D 201 -12.44 16.89 2.70
N GLU D 202 -13.68 17.10 3.14
CA GLU D 202 -13.95 18.13 4.13
C GLU D 202 -13.26 17.80 5.44
N GLU D 203 -13.44 16.57 5.86
CA GLU D 203 -12.84 16.15 7.10
C GLU D 203 -11.31 16.01 6.97
N ALA D 204 -10.80 15.70 5.75
CA ALA D 204 -9.35 15.78 5.55
C ALA D 204 -8.82 17.20 5.73
N ASP D 205 -9.55 18.21 5.25
CA ASP D 205 -9.14 19.59 5.46
C ASP D 205 -9.05 19.93 6.94
N ARG D 206 -10.06 19.50 7.69
CA ARG D 206 -10.03 19.67 9.15
C ARG D 206 -8.75 19.11 9.76
N ALA D 207 -8.44 17.86 9.42
CA ALA D 207 -7.25 17.23 9.99
C ALA D 207 -5.98 17.96 9.61
N TYR D 208 -5.96 18.54 8.40
CA TYR D 208 -4.78 19.24 7.92
C TYR D 208 -4.50 20.47 8.77
N TRP D 209 -5.54 21.30 8.98
CA TRP D 209 -5.36 22.49 9.82
C TRP D 209 -5.03 22.11 11.28
N ALA D 210 -5.53 20.97 11.77
CA ALA D 210 -5.09 20.47 13.08
C ALA D 210 -3.62 20.03 13.07
N ASP D 211 -3.20 19.30 12.04
CA ASP D 211 -1.78 18.96 11.89
C ASP D 211 -0.92 20.21 12.00
N ILE D 212 -1.26 21.22 11.22
CA ILE D 212 -0.47 22.45 11.21
C ILE D 212 -0.48 23.09 12.59
N ALA D 213 -1.65 23.08 13.25
CA ALA D 213 -1.76 23.60 14.60
C ALA D 213 -0.84 22.87 15.58
N SER D 214 -0.80 21.53 15.51
CA SER D 214 0.09 20.78 16.42
C SER D 214 1.57 21.12 16.19
N MET D 215 1.96 21.30 14.93
CA MET D 215 3.34 21.70 14.64
C MET D 215 3.61 23.08 15.22
N ASN D 216 2.69 24.03 14.99
CA ASN D 216 2.87 25.37 15.55
C ASN D 216 3.03 25.29 17.07
N GLU D 217 2.18 24.49 17.73
CA GLU D 217 2.22 24.33 19.18
C GLU D 217 3.60 23.92 19.66
N LEU D 218 4.15 22.84 19.08
CA LEU D 218 5.49 22.42 19.47
C LEU D 218 6.52 23.55 19.27
N VAL D 219 6.51 24.21 18.11
CA VAL D 219 7.58 25.17 17.84
C VAL D 219 7.43 26.41 18.70
N ASP D 220 6.21 26.97 18.75
CA ASP D 220 5.91 28.05 19.66
C ASP D 220 6.42 27.72 21.06
N GLU D 221 6.16 26.49 21.53
CA GLU D 221 6.61 26.15 22.86
C GLU D 221 8.15 26.15 22.95
N VAL D 222 8.87 25.64 21.94
CA VAL D 222 10.33 25.72 21.95
C VAL D 222 10.78 27.18 22.11
N ILE D 223 10.16 28.08 21.34
CA ILE D 223 10.54 29.51 21.36
C ILE D 223 10.29 30.10 22.73
N ARG D 224 9.11 29.82 23.28
CA ARG D 224 8.72 30.32 24.60
C ARG D 224 9.67 29.82 25.68
N GLU D 225 9.97 28.51 25.67
CA GLU D 225 10.78 27.90 26.70
C GLU D 225 12.21 28.36 26.60
N ARG D 226 12.62 28.81 25.43
CA ARG D 226 13.97 29.35 25.34
C ARG D 226 14.05 30.86 25.52
N ARG D 227 12.96 31.59 25.26
CA ARG D 227 12.91 33.00 25.67
C ARG D 227 12.88 33.11 27.18
N GLY D 228 12.43 32.05 27.85
CA GLY D 228 12.38 32.09 29.30
C GLY D 228 13.53 31.31 29.90
N HIS D 229 14.67 31.45 29.24
CA HIS D 229 15.93 30.88 29.74
C HIS D 229 17.08 31.71 29.17
N GLY D 230 16.83 32.97 28.83
CA GLY D 230 17.79 33.84 28.17
C GLY D 230 17.38 33.92 26.72
N GLY D 231 17.94 33.04 25.89
CA GLY D 231 17.55 33.00 24.49
C GLY D 231 18.73 33.08 23.54
N GLY D 232 19.65 32.14 23.64
CA GLY D 232 20.81 32.15 22.77
C GLY D 232 21.48 30.81 22.63
N GLY D 233 22.80 30.88 22.47
CA GLY D 233 23.62 29.72 22.18
C GLY D 233 23.52 29.39 20.70
N GLY D 234 24.67 29.05 20.08
CA GLY D 234 24.77 28.71 18.66
C GLY D 234 23.63 27.85 18.18
N ASP D 235 22.85 28.37 17.24
CA ASP D 235 21.55 27.81 16.87
C ASP D 235 20.81 28.82 16.01
N LEU D 236 20.05 28.36 14.99
CA LEU D 236 19.34 29.33 14.16
C LEU D 236 18.27 30.05 14.96
N LEU D 237 17.49 29.30 15.73
CA LEU D 237 16.54 29.90 16.66
C LEU D 237 17.24 30.86 17.62
N GLY D 238 18.35 30.41 18.24
CA GLY D 238 19.07 31.26 19.16
C GLY D 238 19.47 32.59 18.55
N LEU D 239 19.79 32.57 17.26
CA LEU D 239 20.10 33.81 16.55
C LEU D 239 18.84 34.64 16.29
N MET D 240 17.74 34.00 15.90
CA MET D 240 16.56 34.78 15.58
C MET D 240 15.88 35.37 16.80
N LEU D 241 16.23 34.90 18.00
CA LEU D 241 15.66 35.47 19.22
C LEU D 241 16.37 36.76 19.63
N ASN D 242 17.66 36.85 19.32
CA ASN D 242 18.55 37.94 19.69
C ASN D 242 18.84 38.93 18.57
N ALA D 243 19.12 38.45 17.36
CA ALA D 243 19.59 39.33 16.30
C ALA D 243 18.55 40.38 15.97
N THR D 244 19.03 41.59 15.72
CA THR D 244 18.20 42.70 15.26
C THR D 244 18.48 43.00 13.80
N ASP D 245 17.45 43.46 13.12
CA ASP D 245 17.54 43.91 11.74
C ASP D 245 18.39 45.16 11.65
N PRO D 246 19.58 45.11 11.04
CA PRO D 246 20.45 46.29 11.07
C PRO D 246 19.88 47.50 10.35
N GLU D 247 18.70 47.40 9.74
CA GLU D 247 18.23 48.56 9.01
C GLU D 247 17.19 49.28 9.86
N THR D 248 16.23 48.51 10.36
CA THR D 248 15.07 48.99 11.11
C THR D 248 15.22 48.78 12.62
N GLY D 249 16.21 48.01 13.05
CA GLY D 249 16.59 47.90 14.45
C GLY D 249 15.75 46.98 15.34
N GLU D 250 14.74 46.34 14.80
CA GLU D 250 13.85 45.44 15.52
C GLU D 250 14.17 43.97 15.26
N ARG D 251 13.79 43.13 16.22
CA ARG D 251 13.89 41.69 16.13
C ARG D 251 12.66 41.12 15.43
N LEU D 252 12.79 39.86 15.01
CA LEU D 252 11.66 39.20 14.39
C LEU D 252 10.65 38.81 15.44
N SER D 253 9.37 38.93 15.09
CA SER D 253 8.28 38.49 15.94
C SER D 253 8.46 37.01 16.31
N ASP D 254 7.67 36.57 17.31
CA ASP D 254 7.69 35.15 17.63
C ASP D 254 6.98 34.36 16.54
N GLU D 255 5.88 34.90 15.99
CA GLU D 255 5.18 34.19 14.94
C GLU D 255 6.08 33.98 13.74
N ASN D 256 6.77 35.04 13.33
CA ASN D 256 7.62 34.90 12.15
C ASN D 256 8.80 33.97 12.43
N ILE D 257 9.33 33.96 13.67
CA ILE D 257 10.36 33.00 14.04
C ILE D 257 9.86 31.56 13.84
N ARG D 258 8.62 31.29 14.29
CA ARG D 258 8.01 29.97 14.07
C ARG D 258 7.90 29.66 12.58
N TYR D 259 7.44 30.66 11.80
CA TYR D 259 7.33 30.50 10.36
C TYR D 259 8.68 30.18 9.73
N GLN D 260 9.77 30.81 10.20
CA GLN D 260 11.10 30.54 9.65
C GLN D 260 11.57 29.13 9.95
N VAL D 261 11.34 28.67 11.19
CA VAL D 261 11.66 27.28 11.54
C VAL D 261 10.89 26.32 10.64
N MET D 262 9.58 26.53 10.52
CA MET D 262 8.78 25.72 9.59
C MET D 262 9.33 25.78 8.17
N THR D 263 9.83 26.96 7.77
CA THR D 263 10.34 27.17 6.43
C THR D 263 11.60 26.35 6.20
N PHE D 264 12.56 26.46 7.11
CA PHE D 264 13.71 25.58 7.08
C PHE D 264 13.28 24.13 6.83
N LEU D 265 12.23 23.67 7.52
CA LEU D 265 11.86 22.26 7.34
C LEU D 265 11.23 22.00 5.97
N ILE D 266 10.36 22.92 5.54
CA ILE D 266 9.68 22.82 4.26
C ILE D 266 10.67 22.79 3.12
N ALA D 267 11.64 23.69 3.14
CA ALA D 267 12.54 23.90 2.02
C ALA D 267 13.82 23.13 2.17
N GLY D 268 14.09 22.55 3.34
CA GLY D 268 15.35 21.90 3.53
C GLY D 268 15.25 20.40 3.52
N HIS D 269 14.10 19.77 3.77
CA HIS D 269 14.45 18.36 3.96
C HIS D 269 14.41 17.57 2.65
N GLU D 270 13.38 17.72 1.84
CA GLU D 270 13.31 16.85 0.68
C GLU D 270 14.14 17.35 -0.51
N THR D 271 14.50 18.63 -0.54
CA THR D 271 15.47 19.10 -1.51
C THR D 271 16.83 18.45 -1.31
N THR D 272 17.33 18.51 -0.08
CA THR D 272 18.63 17.92 0.23
C THR D 272 18.60 16.40 0.14
N SER D 273 17.55 15.77 0.66
CA SER D 273 17.51 14.30 0.61
C SER D 273 17.39 13.83 -0.82
N GLY D 274 16.56 14.50 -1.65
CA GLY D 274 16.54 14.21 -3.07
C GLY D 274 17.92 14.32 -3.69
N LEU D 275 18.66 15.40 -3.38
CA LEU D 275 20.02 15.50 -3.89
C LEU D 275 20.81 14.24 -3.53
N LEU D 276 20.76 13.82 -2.26
CA LEU D 276 21.62 12.68 -1.85
C LEU D 276 21.18 11.36 -2.49
N ALA D 277 19.87 11.09 -2.54
CA ALA D 277 19.36 9.88 -3.18
C ALA D 277 19.71 9.82 -4.67
N PHE D 278 19.57 10.96 -5.36
CA PHE D 278 19.94 11.04 -6.76
C PHE D 278 21.45 10.86 -6.96
N THR D 279 22.25 11.38 -6.03
CA THR D 279 23.70 11.22 -6.15
C THR D 279 24.10 9.77 -5.99
N LEU D 280 23.55 9.10 -4.99
CA LEU D 280 23.86 7.69 -4.81
C LEU D 280 23.45 6.89 -6.05
N TYR D 281 22.27 7.20 -6.63
CA TYR D 281 21.85 6.53 -7.86
C TYR D 281 22.86 6.74 -8.99
N LEU D 282 23.24 8.00 -9.24
CA LEU D 282 24.18 8.30 -10.32
C LEU D 282 25.54 7.63 -10.10
N LEU D 283 26.00 7.56 -8.84
CA LEU D 283 27.25 6.87 -8.54
C LEU D 283 27.14 5.39 -8.82
N LEU D 284 25.96 4.79 -8.57
CA LEU D 284 25.75 3.41 -9.01
C LEU D 284 25.83 3.31 -10.52
N ARG D 285 25.27 4.26 -11.24
CA ARG D 285 25.23 4.11 -12.68
C ARG D 285 26.50 4.58 -13.38
N HIS D 286 27.40 5.30 -12.67
CA HIS D 286 28.70 5.72 -13.20
C HIS D 286 29.78 5.32 -12.20
N PRO D 287 30.01 4.02 -12.03
CA PRO D 287 30.84 3.54 -10.91
C PRO D 287 32.31 3.95 -10.99
N HIS D 288 32.79 4.40 -12.14
CA HIS D 288 34.17 4.87 -12.18
C HIS D 288 34.29 6.18 -11.38
N VAL D 289 33.27 7.03 -11.46
CA VAL D 289 33.20 8.22 -10.61
C VAL D 289 33.19 7.80 -9.15
N LEU D 290 32.36 6.79 -8.83
CA LEU D 290 32.27 6.25 -7.47
C LEU D 290 33.63 5.76 -7.00
N ALA D 291 34.40 5.15 -7.90
CA ALA D 291 35.77 4.77 -7.55
C ALA D 291 36.60 6.01 -7.19
N GLN D 292 36.50 7.07 -8.00
CA GLN D 292 37.25 8.30 -7.71
C GLN D 292 36.88 8.85 -6.32
N ALA D 293 35.60 8.76 -5.97
CA ALA D 293 35.17 9.21 -4.64
C ALA D 293 35.74 8.31 -3.53
N TYR D 294 35.73 6.98 -3.72
CA TYR D 294 36.32 6.10 -2.71
C TYR D 294 37.79 6.45 -2.49
N ALA D 295 38.53 6.71 -3.59
CA ALA D 295 39.94 7.12 -3.47
C ALA D 295 40.06 8.41 -2.68
N GLU D 296 39.23 9.41 -2.99
CA GLU D 296 39.31 10.67 -2.25
C GLU D 296 39.09 10.43 -0.76
N VAL D 297 38.02 9.68 -0.42
CA VAL D 297 37.68 9.40 0.97
C VAL D 297 38.84 8.69 1.68
N ASP D 298 39.48 7.72 1.00
CA ASP D 298 40.56 6.94 1.61
C ASP D 298 41.82 7.78 1.75
N ARG D 299 41.98 8.79 0.88
CA ARG D 299 43.07 9.74 1.10
C ARG D 299 42.81 10.56 2.36
N LEU D 300 41.59 11.10 2.49
CA LEU D 300 41.38 12.11 3.54
C LEU D 300 40.88 11.51 4.86
N LEU D 301 40.15 10.40 4.84
CA LEU D 301 39.65 9.74 6.05
C LEU D 301 40.07 8.27 6.08
N PRO D 302 41.36 8.00 6.20
CA PRO D 302 41.81 6.60 6.26
C PRO D 302 41.46 5.97 7.61
N GLY D 303 41.37 4.63 7.64
CA GLY D 303 41.01 3.93 8.90
C GLY D 303 39.77 4.53 9.43
N ASP D 304 39.61 4.63 10.74
CA ASP D 304 38.43 5.37 11.19
C ASP D 304 38.69 6.66 11.96
N ALA D 305 39.50 7.50 11.27
CA ALA D 305 39.54 8.93 11.49
C ALA D 305 38.15 9.54 11.34
N VAL D 306 37.86 10.50 12.20
CA VAL D 306 36.60 11.24 12.19
C VAL D 306 36.83 12.60 11.52
N PRO D 307 35.97 13.03 10.60
CA PRO D 307 36.23 14.28 9.88
C PRO D 307 35.97 15.54 10.69
N THR D 308 36.66 16.59 10.28
CA THR D 308 36.37 17.95 10.71
C THR D 308 35.72 18.73 9.57
N TYR D 309 35.29 19.94 9.88
CA TYR D 309 34.89 20.86 8.82
C TYR D 309 36.04 21.03 7.81
N ASP D 310 37.30 21.02 8.28
CA ASP D 310 38.45 21.19 7.37
C ASP D 310 38.52 20.05 6.34
N THR D 311 38.31 18.82 6.81
CA THR D 311 38.23 17.67 5.93
C THR D 311 37.23 17.95 4.82
N VAL D 312 36.05 18.42 5.19
CA VAL D 312 35.01 18.66 4.19
C VAL D 312 35.50 19.70 3.20
N MET D 313 36.23 20.70 3.69
CA MET D 313 36.61 21.80 2.81
C MET D 313 37.79 21.47 1.90
N ARG D 314 38.57 20.45 2.19
CA ARG D 314 39.60 20.02 1.23
C ARG D 314 39.12 18.92 0.30
N LEU D 315 37.83 18.56 0.35
CA LEU D 315 37.32 17.60 -0.62
C LEU D 315 37.35 18.23 -2.01
N ASP D 316 37.51 17.37 -3.04
CA ASP D 316 37.49 17.84 -4.42
C ASP D 316 36.51 17.09 -5.29
N VAL D 317 36.60 15.75 -5.30
CA VAL D 317 35.73 14.91 -6.12
C VAL D 317 34.26 14.98 -5.65
N ILE D 318 34.03 14.82 -4.35
CA ILE D 318 32.65 14.80 -3.84
C ILE D 318 31.91 16.12 -4.13
N PRO D 319 32.51 17.31 -3.87
CA PRO D 319 31.85 18.55 -4.29
C PRO D 319 31.41 18.57 -5.75
N ARG D 320 32.32 18.17 -6.66
CA ARG D 320 32.01 18.23 -8.09
C ARG D 320 30.98 17.17 -8.47
N ILE D 321 31.00 16.04 -7.76
CA ILE D 321 29.93 15.07 -7.90
C ILE D 321 28.60 15.75 -7.62
N LEU D 322 28.53 16.52 -6.54
CA LEU D 322 27.26 17.17 -6.21
C LEU D 322 26.88 18.21 -7.27
N ASP D 323 27.83 18.99 -7.77
CA ASP D 323 27.51 19.95 -8.83
C ASP D 323 26.94 19.27 -10.06
N GLU D 324 27.60 18.22 -10.53
CA GLU D 324 27.12 17.56 -11.74
C GLU D 324 25.82 16.80 -11.47
N ALA D 325 25.66 16.27 -10.25
CA ALA D 325 24.41 15.62 -9.89
C ALA D 325 23.26 16.60 -9.93
N LEU D 326 23.50 17.83 -9.48
CA LEU D 326 22.48 18.87 -9.54
C LEU D 326 22.21 19.28 -10.97
N ARG D 327 23.20 19.13 -11.87
CA ARG D 327 22.89 19.40 -13.28
C ARG D 327 21.91 18.36 -13.83
N PHE D 328 22.15 17.08 -13.52
CA PHE D 328 21.25 16.00 -13.92
C PHE D 328 19.88 16.09 -13.25
N TRP D 329 19.83 16.40 -11.95
CA TRP D 329 18.63 16.17 -11.17
C TRP D 329 18.40 17.23 -10.09
N SER D 330 18.33 18.51 -10.46
CA SER D 330 17.86 19.52 -9.51
C SER D 330 16.52 19.11 -8.91
N THR D 331 16.44 19.15 -7.57
CA THR D 331 15.30 18.54 -6.92
C THR D 331 14.09 19.48 -6.84
N ILE D 332 14.28 20.79 -7.06
CA ILE D 332 13.16 21.68 -7.40
C ILE D 332 13.29 22.02 -8.88
N PRO D 333 12.63 21.29 -9.78
CA PRO D 333 12.97 21.38 -11.21
C PRO D 333 12.13 22.33 -12.05
N ASN D 334 11.17 23.09 -11.48
CA ASN D 334 10.26 23.87 -12.32
C ASN D 334 9.75 25.14 -11.65
N TYR D 335 10.56 25.79 -10.81
CA TYR D 335 10.08 27.03 -10.22
C TYR D 335 9.93 28.11 -11.30
N ALA D 336 9.00 29.04 -11.07
CA ALA D 336 8.58 29.98 -12.11
C ALA D 336 8.77 31.39 -11.62
N VAL D 337 9.00 32.29 -12.57
CA VAL D 337 9.08 33.73 -12.34
C VAL D 337 7.82 34.34 -12.92
N THR D 338 7.48 35.54 -12.44
CA THR D 338 6.28 36.25 -12.87
C THR D 338 6.66 37.58 -13.54
N ALA D 339 6.02 37.87 -14.69
CA ALA D 339 6.28 39.12 -15.43
C ALA D 339 5.77 40.34 -14.67
N LEU D 340 6.64 41.33 -14.43
CA LEU D 340 6.25 42.52 -13.68
C LEU D 340 5.32 43.47 -14.48
N GLN D 341 5.65 43.67 -15.76
CA GLN D 341 5.16 44.53 -16.83
C GLN D 341 4.87 43.60 -17.99
N ASP D 342 4.07 44.03 -18.96
CA ASP D 342 4.11 43.33 -20.24
C ASP D 342 5.56 43.35 -20.72
N GLU D 343 6.03 42.18 -21.17
CA GLU D 343 7.43 41.96 -21.50
C GLU D 343 7.59 41.30 -22.87
N VAL D 344 8.80 41.43 -23.41
CA VAL D 344 9.24 40.78 -24.65
C VAL D 344 10.55 40.05 -24.42
N ILE D 345 10.52 38.73 -24.59
CA ILE D 345 11.71 37.92 -24.42
C ILE D 345 12.13 37.38 -25.78
N GLY D 346 13.45 37.24 -25.95
CA GLY D 346 14.02 36.82 -27.21
C GLY D 346 13.75 37.81 -28.33
N GLY D 347 13.33 39.04 -27.98
CA GLY D 347 12.93 39.95 -29.01
C GLY D 347 11.74 39.47 -29.80
N LYS D 348 11.00 38.50 -29.28
CA LYS D 348 10.03 37.81 -30.10
C LYS D 348 8.71 37.55 -29.39
N TYR D 349 8.80 37.17 -28.11
CA TYR D 349 7.72 36.49 -27.39
C TYR D 349 7.11 37.41 -26.34
N GLU D 350 5.79 37.52 -26.37
CA GLU D 350 5.04 38.37 -25.45
C GLU D 350 4.74 37.62 -24.16
N ILE D 351 5.14 38.21 -23.03
CA ILE D 351 4.79 37.74 -21.68
C ILE D 351 3.92 38.84 -21.06
N ARG D 352 2.62 38.61 -20.96
CA ARG D 352 1.73 39.63 -20.37
C ARG D 352 2.01 39.76 -18.88
N LYS D 353 1.86 40.98 -18.36
CA LYS D 353 1.99 41.26 -16.92
C LYS D 353 1.26 40.20 -16.11
N GLY D 354 1.98 39.67 -15.10
CA GLY D 354 1.43 38.66 -14.20
C GLY D 354 1.50 37.22 -14.69
N GLN D 355 1.85 37.00 -15.97
CA GLN D 355 2.01 35.65 -16.48
C GLN D 355 3.21 34.98 -15.82
N GLN D 356 2.99 33.76 -15.34
CA GLN D 356 4.08 32.92 -14.86
C GLN D 356 4.82 32.28 -16.04
N VAL D 357 6.15 32.24 -15.93
CA VAL D 357 6.99 31.47 -16.83
C VAL D 357 7.80 30.52 -15.94
N ALA D 358 7.54 29.22 -16.08
CA ALA D 358 8.30 28.22 -15.37
C ALA D 358 9.64 28.02 -16.05
N LEU D 359 10.72 28.05 -15.26
CA LEU D 359 12.04 27.62 -15.69
C LEU D 359 12.10 26.08 -15.70
N LEU D 360 12.22 25.47 -16.89
CA LEU D 360 12.26 23.99 -16.99
C LEU D 360 13.70 23.52 -16.81
N ILE D 361 14.13 23.46 -15.55
CA ILE D 361 15.52 23.23 -15.15
C ILE D 361 16.13 21.97 -15.77
N PRO D 362 15.42 20.83 -15.86
CA PRO D 362 16.03 19.69 -16.56
C PRO D 362 16.49 20.04 -17.97
N ALA D 363 15.63 20.77 -18.70
CA ALA D 363 15.95 21.19 -20.06
C ALA D 363 17.01 22.28 -20.08
N LEU D 364 16.97 23.23 -19.15
CA LEU D 364 18.02 24.25 -19.10
C LEU D 364 19.38 23.62 -18.83
N HIS D 365 19.43 22.74 -17.83
CA HIS D 365 20.67 22.10 -17.39
C HIS D 365 21.24 21.12 -18.41
N ARG D 366 20.44 20.70 -19.40
CA ARG D 366 20.90 19.80 -20.44
C ARG D 366 20.84 20.45 -21.81
N HIS D 367 20.81 21.76 -21.88
CA HIS D 367 20.65 22.38 -23.18
C HIS D 367 21.94 22.29 -23.99
N PRO D 368 21.89 21.77 -25.21
CA PRO D 368 23.13 21.61 -26.00
C PRO D 368 23.81 22.93 -26.34
N ALA D 369 23.05 24.02 -26.47
CA ALA D 369 23.71 25.29 -26.74
C ALA D 369 24.62 25.68 -25.60
N ALA D 370 24.38 25.14 -24.41
CA ALA D 370 25.16 25.50 -23.25
C ALA D 370 26.02 24.36 -22.72
N TRP D 371 25.64 23.12 -22.97
CA TRP D 371 26.36 21.99 -22.38
C TRP D 371 26.74 21.03 -23.49
N THR D 372 28.04 20.87 -23.68
CA THR D 372 28.57 19.89 -24.61
C THR D 372 28.26 18.50 -24.09
N ASN D 373 27.75 17.64 -24.97
CA ASN D 373 27.34 16.30 -24.56
C ASN D 373 26.53 16.45 -23.29
N PRO D 374 25.38 17.12 -23.39
CA PRO D 374 24.63 17.44 -22.18
C PRO D 374 24.17 16.22 -21.41
N ASP D 375 23.98 15.09 -22.06
CA ASP D 375 23.44 13.93 -21.41
C ASP D 375 24.51 13.04 -20.80
N GLU D 376 25.75 13.55 -20.72
CA GLU D 376 26.88 12.81 -20.19
C GLU D 376 27.23 13.27 -18.77
N PHE D 377 27.30 12.33 -17.83
CA PHE D 377 27.68 12.68 -16.47
C PHE D 377 29.18 12.90 -16.43
N ASP D 378 29.60 14.13 -16.15
CA ASP D 378 31.02 14.46 -16.18
C ASP D 378 31.34 15.48 -15.09
N ILE D 379 32.08 15.05 -14.05
CA ILE D 379 32.40 15.95 -12.95
C ILE D 379 33.52 16.91 -13.29
N ASP D 380 34.26 16.67 -14.38
CA ASP D 380 35.34 17.59 -14.71
C ASP D 380 34.82 18.91 -15.26
N ARG D 381 33.54 19.00 -15.61
CA ARG D 381 32.93 20.30 -15.88
C ARG D 381 33.10 21.27 -14.72
N TRP D 382 33.39 20.78 -13.50
CA TRP D 382 33.19 21.61 -12.30
C TRP D 382 34.48 21.96 -11.58
N THR D 383 35.63 21.74 -12.23
CA THR D 383 36.91 22.29 -11.81
C THR D 383 36.94 23.82 -11.98
N SER D 384 37.82 24.46 -11.20
CA SER D 384 38.04 25.91 -11.31
C SER D 384 38.14 26.38 -12.75
N GLU D 385 38.97 25.70 -13.54
CA GLU D 385 39.23 26.13 -14.92
C GLU D 385 38.01 25.92 -15.82
N ASN D 386 37.41 24.73 -15.80
CA ASN D 386 36.27 24.47 -16.68
C ASN D 386 35.01 25.13 -16.20
N ARG D 387 34.91 25.36 -14.88
CA ARG D 387 33.75 26.06 -14.34
C ARG D 387 33.57 27.42 -15.01
N ARG D 388 34.68 28.12 -15.28
CA ARG D 388 34.65 29.51 -15.76
C ARG D 388 33.90 29.68 -17.07
N THR D 389 33.78 28.63 -17.87
CA THR D 389 33.30 28.74 -19.24
C THR D 389 31.82 28.40 -19.41
N HIS D 390 31.07 28.18 -18.34
CA HIS D 390 29.66 27.85 -18.53
C HIS D 390 28.87 29.09 -18.96
N HIS D 391 27.77 28.85 -19.66
CA HIS D 391 26.77 29.89 -19.90
C HIS D 391 26.25 30.40 -18.55
N PRO D 392 26.25 31.71 -18.31
CA PRO D 392 25.89 32.22 -16.98
C PRO D 392 24.43 32.04 -16.59
N ALA D 393 23.57 31.55 -17.48
CA ALA D 393 22.15 31.45 -17.16
C ALA D 393 21.64 30.03 -17.23
N ALA D 394 22.54 29.05 -17.41
CA ALA D 394 22.13 27.68 -17.68
C ALA D 394 22.30 26.76 -16.49
N TYR D 395 22.71 27.28 -15.33
CA TYR D 395 22.88 26.44 -14.14
C TYR D 395 22.14 27.18 -13.03
N LYS D 396 20.91 26.76 -12.75
CA LYS D 396 20.07 27.48 -11.78
C LYS D 396 19.46 26.52 -10.76
N PRO D 397 20.25 25.62 -10.15
CA PRO D 397 19.64 24.65 -9.24
C PRO D 397 19.27 25.24 -7.88
N PHE D 398 19.90 26.34 -7.46
CA PHE D 398 19.64 26.99 -6.20
C PHE D 398 18.90 28.30 -6.41
N GLY D 399 18.07 28.35 -7.46
CA GLY D 399 17.25 29.50 -7.72
C GLY D 399 18.02 30.74 -8.20
N ASN D 400 17.36 31.87 -8.01
CA ASN D 400 17.80 33.08 -8.69
C ASN D 400 17.61 34.33 -7.87
N GLY D 401 18.58 35.25 -7.98
CA GLY D 401 18.47 36.61 -7.51
C GLY D 401 18.39 36.77 -6.00
N MET D 402 17.63 37.78 -5.54
CA MET D 402 17.41 37.91 -4.11
C MET D 402 16.64 36.73 -3.54
N ARG D 403 15.90 36.02 -4.41
CA ARG D 403 15.10 34.85 -4.06
C ARG D 403 15.86 33.53 -4.28
N ALA D 404 17.18 33.55 -4.36
CA ALA D 404 17.86 32.27 -4.51
C ALA D 404 17.87 31.55 -3.17
N CYS D 405 18.15 30.24 -3.21
CA CYS D 405 18.23 29.42 -1.99
C CYS D 405 19.21 30.02 -0.98
N ILE D 406 18.69 30.40 0.19
CA ILE D 406 19.58 30.86 1.24
C ILE D 406 20.24 29.69 1.96
N GLY D 407 19.69 28.49 1.81
CA GLY D 407 20.15 27.26 2.44
C GLY D 407 21.24 26.53 1.68
N ARG D 408 21.69 27.09 0.55
CA ARG D 408 22.62 26.41 -0.37
C ARG D 408 23.87 25.87 0.34
N GLN D 409 24.57 26.71 1.12
CA GLN D 409 25.83 26.28 1.71
C GLN D 409 25.61 25.21 2.77
N PHE D 410 24.54 25.33 3.56
CA PHE D 410 24.16 24.28 4.51
C PHE D 410 23.90 22.95 3.82
N ALA D 411 23.08 22.97 2.78
CA ALA D 411 22.75 21.75 2.06
C ALA D 411 24.01 21.08 1.52
N LEU D 412 24.88 21.84 0.86
CA LEU D 412 26.06 21.25 0.26
C LEU D 412 27.02 20.71 1.33
N THR D 413 27.18 21.42 2.44
CA THR D 413 28.09 20.89 3.47
C THR D 413 27.55 19.58 4.03
N GLU D 414 26.28 19.59 4.45
CA GLU D 414 25.65 18.36 4.94
C GLU D 414 25.78 17.19 3.95
N ALA D 415 25.54 17.45 2.65
CA ALA D 415 25.58 16.38 1.66
C ALA D 415 27.02 15.87 1.41
N LYS D 416 27.98 16.80 1.30
CA LYS D 416 29.39 16.42 1.23
C LYS D 416 29.75 15.49 2.37
N LEU D 417 29.35 15.88 3.60
CA LEU D 417 29.71 15.12 4.79
C LEU D 417 29.03 13.77 4.80
N ALA D 418 27.74 13.73 4.46
CA ALA D 418 27.06 12.45 4.39
C ALA D 418 27.79 11.49 3.47
N LEU D 419 28.12 11.96 2.26
CA LEU D 419 28.76 11.10 1.27
C LEU D 419 30.13 10.67 1.76
N LEU D 420 30.90 11.59 2.35
CA LEU D 420 32.20 11.27 2.93
C LEU D 420 32.08 10.13 3.93
N LEU D 421 31.09 10.20 4.84
CA LEU D 421 30.98 9.16 5.87
C LEU D 421 30.48 7.82 5.30
N ILE D 422 29.49 7.87 4.41
CA ILE D 422 28.96 6.67 3.80
C ILE D 422 30.06 5.95 3.02
N LEU D 423 30.80 6.69 2.21
CA LEU D 423 31.80 6.00 1.40
C LEU D 423 33.00 5.58 2.25
N GLN D 424 33.26 6.28 3.37
CA GLN D 424 34.29 5.78 4.28
C GLN D 424 33.94 4.39 4.77
N LYS D 425 32.69 4.18 5.20
CA LYS D 425 32.31 2.92 5.84
C LYS D 425 31.90 1.82 4.86
N PHE D 426 31.18 2.11 3.77
CA PHE D 426 30.35 1.11 3.12
C PHE D 426 30.71 0.86 1.66
N ALA D 427 30.74 -0.42 1.28
CA ALA D 427 30.62 -0.87 -0.11
C ALA D 427 29.15 -0.89 -0.51
N LEU D 428 28.80 -0.12 -1.55
CA LEU D 428 27.45 0.02 -2.06
C LEU D 428 27.16 -1.06 -3.10
N SER D 429 25.91 -1.52 -3.11
CA SER D 429 25.59 -2.68 -3.91
C SER D 429 24.16 -2.57 -4.41
N ASP D 430 23.90 -3.01 -5.66
CA ASP D 430 22.58 -2.83 -6.29
C ASP D 430 21.97 -4.19 -6.58
N PRO D 431 21.20 -4.75 -5.63
CA PRO D 431 20.74 -6.13 -5.81
C PRO D 431 19.54 -6.27 -6.73
N TYR D 432 18.78 -5.20 -7.01
CA TYR D 432 17.54 -5.37 -7.75
C TYR D 432 17.56 -4.72 -9.12
N ASP D 433 18.71 -4.18 -9.56
CA ASP D 433 18.81 -3.44 -10.83
C ASP D 433 17.84 -2.25 -10.84
N TYR D 434 17.98 -1.36 -9.83
CA TYR D 434 17.01 -0.29 -9.63
C TYR D 434 16.74 0.47 -10.94
N HIS D 435 15.47 0.48 -11.36
CA HIS D 435 15.03 1.30 -12.49
C HIS D 435 14.51 2.62 -11.95
N LEU D 436 15.19 3.71 -12.35
CA LEU D 436 14.90 5.03 -11.83
C LEU D 436 13.45 5.37 -12.07
N LYS D 437 12.76 5.70 -10.99
CA LYS D 437 11.35 6.08 -10.96
C LYS D 437 11.24 7.43 -10.26
N VAL D 438 10.94 8.49 -10.99
CA VAL D 438 10.94 9.84 -10.42
C VAL D 438 9.53 10.18 -9.95
N LYS D 439 9.42 10.61 -8.68
CA LYS D 439 8.16 11.07 -8.12
C LYS D 439 8.26 12.57 -7.83
N GLN D 440 7.23 13.31 -8.26
CA GLN D 440 7.16 14.76 -8.09
C GLN D 440 6.06 15.16 -7.11
N SER D 441 6.45 15.94 -6.10
CA SER D 441 5.56 16.68 -5.22
C SER D 441 6.02 18.14 -5.25
N LEU D 442 6.36 18.73 -4.11
CA LEU D 442 7.07 20.00 -4.16
C LEU D 442 8.43 19.85 -4.83
N THR D 443 9.07 18.68 -4.64
CA THR D 443 10.38 18.31 -5.14
C THR D 443 10.30 17.05 -5.99
N ILE D 444 11.42 16.67 -6.62
CA ILE D 444 11.52 15.37 -7.27
C ILE D 444 12.45 14.49 -6.44
N LYS D 445 12.17 13.19 -6.47
CA LYS D 445 12.96 12.23 -5.69
C LYS D 445 12.83 10.87 -6.36
N PRO D 446 13.89 10.06 -6.32
CA PRO D 446 13.78 8.68 -6.81
C PRO D 446 13.00 7.84 -5.82
N GLU D 447 12.03 7.11 -6.32
CA GLU D 447 11.17 6.39 -5.40
C GLU D 447 11.47 4.90 -5.49
N ASP D 448 11.35 4.22 -4.34
CA ASP D 448 11.52 2.76 -4.26
C ASP D 448 12.91 2.34 -4.65
N PHE D 449 13.88 3.16 -4.28
CA PHE D 449 15.31 2.92 -4.51
C PHE D 449 15.88 2.20 -3.29
N ALA D 450 16.21 0.91 -3.46
CA ALA D 450 16.87 0.10 -2.44
C ALA D 450 18.31 -0.20 -2.83
N LEU D 451 19.22 -0.14 -1.86
CA LEU D 451 20.53 -0.70 -2.11
C LEU D 451 20.96 -1.54 -0.90
N ARG D 452 22.10 -2.20 -1.02
CA ARG D 452 22.68 -2.94 0.10
C ARG D 452 24.08 -2.40 0.38
N VAL D 453 24.48 -2.36 1.65
CA VAL D 453 25.81 -1.89 2.04
C VAL D 453 26.47 -2.98 2.87
N ARG D 454 27.79 -3.05 2.79
CA ARG D 454 28.56 -3.97 3.61
C ARG D 454 29.79 -3.21 4.06
N GLU D 455 30.22 -3.42 5.32
CA GLU D 455 31.36 -2.60 5.75
C GLU D 455 32.59 -2.91 4.88
N ARG D 456 33.35 -1.88 4.54
CA ARG D 456 34.64 -2.02 3.87
C ARG D 456 35.67 -2.59 4.87
N ARG D 457 36.44 -3.54 4.43
CA ARG D 457 37.48 -4.24 5.17
C ARG D 457 38.81 -3.49 5.05
N PRO D 458 39.73 -3.64 6.02
CA PRO D 458 40.98 -2.85 5.97
C PRO D 458 41.76 -2.94 4.66
N HIS D 459 41.92 -4.15 4.12
CA HIS D 459 42.67 -4.30 2.87
C HIS D 459 41.91 -3.76 1.64
N GLU D 460 40.66 -3.37 1.79
CA GLU D 460 39.83 -2.86 0.71
C GLU D 460 39.91 -1.33 0.54
N ARG D 461 40.65 -0.63 1.40
CA ARG D 461 40.75 0.81 1.27
C ARG D 461 42.05 1.25 0.59
N PHE D 462 41.97 2.32 -0.21
CA PHE D 462 43.10 2.80 -1.03
C PHE D 462 43.86 3.90 -0.30
N SER D 463 44.46 3.50 0.82
CA SER D 463 45.23 4.37 1.69
C SER D 463 46.62 3.76 1.84
N VAL D 464 47.60 4.60 2.17
CA VAL D 464 48.96 4.14 2.49
C VAL D 464 48.95 3.58 3.90
N PRO D 465 49.64 2.46 4.16
CA PRO D 465 49.51 1.78 5.46
C PRO D 465 50.10 2.58 6.63
N VAL D 466 49.70 2.17 7.84
CA VAL D 466 50.28 2.66 9.08
C VAL D 466 51.74 2.20 9.23
#